data_4MTP
#
_entry.id   4MTP
#
_cell.length_a   119.470
_cell.length_b   174.010
_cell.length_c   182.690
_cell.angle_alpha   90.00
_cell.angle_beta   90.00
_cell.angle_gamma   90.00
#
_symmetry.space_group_name_H-M   'P 21 21 21'
#
loop_
_entity.id
_entity.type
_entity.pdbx_description
1 polymer 'RNA dependent RNA polymerase'
2 non-polymer 'ZINC ION'
#
_entity_poly.entity_id   1
_entity_poly.type   'polypeptide(L)'
_entity_poly.pdbx_seq_one_letter_code
;VHSNQEKIKKRIQKLKEEFATTWHKDPEHPYRTWTYHGSYEVKATGSASSLVNGVVKLMSKPWDAIANVTTMAMTDTTPF
GQQRVFKEKVDTKAPEPPAGVREVLNETTNWLWAHLSREKRPRLCTKEEFIKKVNSNAALGAVFAEQNQWSTAREAVNDP
RFWEMVDEERENHLRGECHTCIYNMMGKREKKPGEFGKAKGSRAIWFMWLGARYLEFEALGFLNEDHWLSRENSGGGVEG
SGVQKLGYILRDIAGKQGGKMYADDTAGWDTRITRTDLENEAKVLELLDGEHRMLARAIIELTYRHKVVKVMRPAAEGKT
VMDVISREDQRGSGQVVTYALNTFTNIAVQLVRLMEAEGVIGPQHLEQLPRKNKIAVRTWLFENGEERVTRMAISGDDCV
VKPLDDRFATALHFLNAMSKVRKDIQEWKPSHGWHDWQQVPFCSNHFQEIVMKDGRSIVVPCRGQDELIGRARISPGAGW
NVKDTACLAKAYAQMWLLLYFHRRDLRLMANAICSAVPVDWVPTGRTSWSIHSKGEWMTTEDMLQVWNRVWIEENEWMMD
KTPIASWTDVPYVGKREDIWCGSLIGTRSRATWAENIYAAINQVRAVIGKENYVDYMTSLRRYEDVLIQEDRVI
;
_entity_poly.pdbx_strand_id   A,B,C,D
#
# COMPACT_ATOMS: atom_id res chain seq x y z
N GLN A 5 2.18 47.19 13.11
CA GLN A 5 1.56 48.50 13.25
C GLN A 5 2.53 49.62 12.89
N GLU A 6 3.75 49.52 13.40
CA GLU A 6 4.76 50.56 13.19
C GLU A 6 6.17 49.97 13.10
N LYS A 7 6.42 48.98 13.94
CA LYS A 7 7.75 48.38 14.07
C LYS A 7 8.04 47.34 12.99
N ILE A 8 7.00 46.87 12.32
CA ILE A 8 7.16 45.79 11.34
C ILE A 8 7.25 46.34 9.91
N LYS A 9 7.15 47.66 9.79
CA LYS A 9 7.21 48.32 8.50
C LYS A 9 8.50 48.01 7.73
N LYS A 10 9.63 48.18 8.42
CA LYS A 10 10.95 48.00 7.80
C LYS A 10 11.15 46.61 7.22
N ARG A 11 10.55 45.60 7.83
CA ARG A 11 10.76 44.22 7.38
C ARG A 11 9.82 43.83 6.25
N ILE A 12 8.59 44.33 6.27
CA ILE A 12 7.63 44.03 5.20
C ILE A 12 8.12 44.61 3.89
N GLN A 13 8.58 45.86 3.94
CA GLN A 13 9.05 46.56 2.74
C GLN A 13 10.24 45.84 2.11
N LYS A 14 11.21 45.45 2.95
CA LYS A 14 12.40 44.76 2.48
C LYS A 14 12.04 43.43 1.83
N LEU A 15 10.94 42.83 2.28
CA LEU A 15 10.45 41.58 1.72
C LEU A 15 9.78 41.82 0.38
N LYS A 16 8.96 42.87 0.31
CA LYS A 16 8.28 43.25 -0.93
C LYS A 16 9.30 43.57 -2.02
N GLU A 17 10.38 44.23 -1.61
CA GLU A 17 11.45 44.61 -2.55
C GLU A 17 12.14 43.38 -3.13
N GLU A 18 12.56 42.48 -2.25
CA GLU A 18 13.33 41.31 -2.66
C GLU A 18 12.57 40.39 -3.61
N PHE A 19 11.24 40.36 -3.48
CA PHE A 19 10.42 39.50 -4.33
C PHE A 19 9.27 40.22 -5.02
N ALA A 20 9.47 41.46 -5.41
CA ALA A 20 8.42 42.25 -6.07
C ALA A 20 7.95 41.60 -7.37
N THR A 21 8.84 40.80 -7.98
CA THR A 21 8.58 40.16 -9.25
C THR A 21 7.29 39.34 -9.27
N THR A 22 7.22 38.34 -8.40
CA THR A 22 6.06 37.45 -8.36
C THR A 22 5.13 37.81 -7.21
N TRP A 23 5.42 38.91 -6.53
CA TRP A 23 4.62 39.35 -5.39
C TRP A 23 3.18 39.65 -5.80
N HIS A 24 2.24 39.03 -5.10
CA HIS A 24 0.82 39.31 -5.32
C HIS A 24 0.13 39.43 -3.98
N LYS A 25 -1.10 39.92 -3.99
CA LYS A 25 -1.80 40.22 -2.74
C LYS A 25 -3.07 39.41 -2.54
N ASP A 26 -3.05 38.60 -1.48
CA ASP A 26 -4.25 38.02 -0.92
C ASP A 26 -4.96 36.99 -1.79
N PRO A 27 -4.45 35.76 -1.81
CA PRO A 27 -5.35 34.68 -2.21
C PRO A 27 -6.20 34.43 -0.97
N GLU A 28 -7.37 33.82 -1.13
CA GLU A 28 -8.26 33.52 0.00
C GLU A 28 -7.61 32.88 1.24
N HIS A 29 -6.53 33.48 1.72
CA HIS A 29 -5.75 32.95 2.85
C HIS A 29 -6.61 32.64 4.06
N PRO A 30 -6.21 31.63 4.86
CA PRO A 30 -6.99 31.19 6.02
C PRO A 30 -6.55 31.79 7.37
N TYR A 31 -5.57 32.69 7.34
CA TYR A 31 -5.07 33.29 8.58
C TYR A 31 -6.14 34.10 9.33
N ARG A 32 -6.27 33.84 10.63
CA ARG A 32 -7.27 34.50 11.45
C ARG A 32 -6.65 35.40 12.52
N THR A 33 -5.64 34.89 13.22
CA THR A 33 -4.99 35.63 14.29
C THR A 33 -3.66 36.20 13.83
N TRP A 34 -3.43 36.15 12.52
CA TRP A 34 -2.21 36.68 11.93
C TRP A 34 -2.55 37.65 10.81
N THR A 35 -2.01 38.86 10.92
CA THR A 35 -2.25 39.90 9.93
C THR A 35 -1.55 39.54 8.63
N TYR A 36 -2.33 39.37 7.57
CA TYR A 36 -1.79 38.93 6.29
C TYR A 36 -1.22 40.11 5.50
N HIS A 37 -0.01 39.94 4.98
CA HIS A 37 0.66 40.99 4.23
C HIS A 37 0.74 40.68 2.74
N GLY A 38 1.09 39.45 2.40
CA GLY A 38 1.21 39.06 1.00
C GLY A 38 1.81 37.68 0.80
N SER A 39 2.13 37.36 -0.45
CA SER A 39 2.70 36.06 -0.80
C SER A 39 3.59 36.19 -2.03
N TYR A 40 4.43 35.18 -2.26
CA TYR A 40 5.28 35.14 -3.44
C TYR A 40 5.63 33.69 -3.79
N GLU A 41 5.89 33.44 -5.08
CA GLU A 41 6.14 32.08 -5.56
C GLU A 41 7.54 31.59 -5.18
N VAL A 42 7.62 30.34 -4.75
CA VAL A 42 8.90 29.72 -4.37
C VAL A 42 8.98 28.25 -4.73
N LYS A 43 10.19 27.73 -4.79
CA LYS A 43 10.42 26.31 -4.99
C LYS A 43 10.05 25.56 -3.71
N ALA A 44 9.13 24.61 -3.82
CA ALA A 44 8.70 23.84 -2.66
C ALA A 44 9.84 22.95 -2.17
N THR A 45 9.79 22.58 -0.90
CA THR A 45 10.78 21.69 -0.33
C THR A 45 10.09 20.50 0.32
N GLY A 46 9.22 19.84 -0.44
CA GLY A 46 8.49 18.69 0.05
C GLY A 46 8.72 17.44 -0.79
N LEU A 51 15.62 7.87 2.83
CA LEU A 51 16.09 8.27 4.16
C LEU A 51 16.04 7.14 5.18
N VAL A 52 16.67 6.02 4.84
CA VAL A 52 16.73 4.88 5.75
C VAL A 52 18.17 4.41 5.97
N ASN A 53 18.57 4.37 7.24
CA ASN A 53 19.90 3.91 7.62
C ASN A 53 20.00 2.40 7.44
N GLY A 54 20.65 1.99 6.36
CA GLY A 54 20.74 0.58 6.03
C GLY A 54 21.40 -0.29 7.07
N VAL A 55 22.37 0.26 7.79
CA VAL A 55 23.11 -0.53 8.77
C VAL A 55 22.22 -0.97 9.92
N VAL A 56 21.52 -0.02 10.52
CA VAL A 56 20.61 -0.32 11.62
C VAL A 56 19.48 -1.22 11.13
N LYS A 57 18.99 -0.95 9.93
CA LYS A 57 17.93 -1.74 9.30
C LYS A 57 18.33 -3.21 9.18
N LEU A 58 19.58 -3.44 8.83
CA LEU A 58 20.06 -4.81 8.61
C LEU A 58 20.23 -5.53 9.93
N MET A 59 20.54 -4.79 10.99
CA MET A 59 20.79 -5.40 12.29
C MET A 59 19.51 -5.51 13.10
N SER A 60 18.41 -4.98 12.57
CA SER A 60 17.15 -4.99 13.29
C SER A 60 16.04 -5.64 12.46
N LYS A 61 16.35 -6.81 11.91
CA LYS A 61 15.41 -7.55 11.06
C LYS A 61 14.05 -7.89 11.69
N PRO A 62 14.03 -8.28 12.98
CA PRO A 62 12.70 -8.59 13.55
C PRO A 62 11.79 -7.38 13.59
N TRP A 63 12.36 -6.20 13.75
CA TRP A 63 11.57 -4.99 13.86
C TRP A 63 11.06 -4.48 12.52
N ASP A 64 11.36 -5.20 11.45
CA ASP A 64 10.81 -4.89 10.13
C ASP A 64 9.31 -5.14 10.09
N ALA A 65 8.83 -6.00 10.99
CA ALA A 65 7.42 -6.35 11.02
C ALA A 65 6.65 -5.48 12.00
N ILE A 66 7.37 -4.70 12.79
CA ILE A 66 6.74 -3.84 13.79
C ILE A 66 6.33 -2.52 13.15
N ALA A 67 5.03 -2.24 13.20
CA ALA A 67 4.46 -1.05 12.56
C ALA A 67 5.03 0.24 13.13
N ASN A 68 5.15 0.30 14.45
CA ASN A 68 5.62 1.49 15.14
C ASN A 68 7.03 1.91 14.71
N VAL A 69 7.81 0.95 14.20
CA VAL A 69 9.18 1.21 13.79
C VAL A 69 9.23 1.57 12.31
N THR A 70 8.55 0.77 11.49
CA THR A 70 8.59 0.94 10.05
C THR A 70 7.75 2.12 9.57
N THR A 71 6.68 2.42 10.30
CA THR A 71 5.78 3.50 9.92
C THR A 71 6.17 4.80 10.60
N MET A 72 7.39 4.88 11.10
CA MET A 72 7.79 6.06 11.86
C MET A 72 8.19 7.24 10.98
N ALA A 73 7.58 8.38 11.30
CA ALA A 73 7.95 9.67 10.75
C ALA A 73 7.39 10.74 11.67
N MET A 74 8.15 11.81 11.85
CA MET A 74 7.72 12.90 12.72
C MET A 74 8.15 14.21 12.08
N THR A 75 8.64 14.10 10.85
CA THR A 75 9.14 15.23 10.09
C THR A 75 8.13 15.59 9.01
N ASP A 76 7.94 16.89 8.79
CA ASP A 76 7.07 17.38 7.73
C ASP A 76 7.38 18.83 7.39
N THR A 77 8.34 19.02 6.50
CA THR A 77 8.74 20.34 6.07
C THR A 77 7.97 20.72 4.81
N THR A 78 7.14 19.79 4.35
CA THR A 78 6.32 19.97 3.15
C THR A 78 5.35 21.13 3.33
N PRO A 79 5.11 21.90 2.26
CA PRO A 79 4.20 23.06 2.31
C PRO A 79 2.83 22.69 2.84
N PHE A 80 2.37 21.48 2.50
CA PHE A 80 1.07 21.00 2.96
C PHE A 80 1.05 20.88 4.48
N GLY A 81 2.13 20.35 5.05
CA GLY A 81 2.23 20.20 6.49
C GLY A 81 2.43 21.51 7.21
N GLN A 82 3.14 22.44 6.56
CA GLN A 82 3.40 23.76 7.14
C GLN A 82 2.09 24.50 7.38
N GLN A 83 1.16 24.36 6.45
CA GLN A 83 -0.15 24.97 6.58
C GLN A 83 -0.97 24.27 7.66
N ARG A 84 -0.81 22.95 7.73
CA ARG A 84 -1.58 22.15 8.68
C ARG A 84 -1.19 22.47 10.12
N VAL A 85 0.10 22.61 10.37
CA VAL A 85 0.60 22.87 11.72
C VAL A 85 0.38 24.32 12.12
N PHE A 86 0.38 25.23 11.14
CA PHE A 86 0.24 26.64 11.44
C PHE A 86 -1.21 26.96 11.81
N LYS A 87 -2.14 26.38 11.06
CA LYS A 87 -3.56 26.62 11.28
C LYS A 87 -4.06 26.12 12.64
N GLU A 88 -3.64 24.91 13.02
CA GLU A 88 -4.18 24.29 14.23
C GLU A 88 -3.38 24.59 15.50
N LYS A 89 -2.10 24.91 15.36
CA LYS A 89 -1.25 25.11 16.54
C LYS A 89 -0.45 26.41 16.56
N VAL A 90 -0.54 27.19 15.48
CA VAL A 90 0.14 28.49 15.46
C VAL A 90 -0.87 29.61 15.22
N ASP A 91 -1.83 29.37 14.34
CA ASP A 91 -2.92 30.32 14.11
C ASP A 91 -3.96 30.16 15.22
N THR A 92 -3.51 30.24 16.47
CA THR A 92 -4.39 30.11 17.62
C THR A 92 -3.89 31.06 18.70
N LYS A 93 -4.80 31.57 19.51
CA LYS A 93 -4.44 32.56 20.52
C LYS A 93 -5.08 32.25 21.86
N ALA A 94 -4.27 32.28 22.91
CA ALA A 94 -4.75 32.05 24.26
C ALA A 94 -5.29 33.33 24.85
N PRO A 95 -6.49 33.27 25.44
CA PRO A 95 -7.12 34.44 26.05
C PRO A 95 -6.34 34.89 27.28
N GLU A 96 -6.31 36.19 27.55
CA GLU A 96 -5.60 36.71 28.71
C GLU A 96 -6.36 36.37 29.98
N PRO A 97 -5.61 36.02 31.04
CA PRO A 97 -6.21 35.70 32.35
C PRO A 97 -6.86 36.93 32.97
N PRO A 98 -7.85 36.73 33.86
CA PRO A 98 -8.51 37.87 34.50
C PRO A 98 -7.56 38.70 35.36
N ALA A 99 -8.01 39.87 35.79
CA ALA A 99 -7.16 40.82 36.51
C ALA A 99 -6.52 40.26 37.78
N GLY A 100 -7.31 39.50 38.54
CA GLY A 100 -6.82 38.91 39.78
C GLY A 100 -5.66 37.97 39.54
N VAL A 101 -5.83 37.06 38.59
CA VAL A 101 -4.80 36.07 38.27
C VAL A 101 -3.51 36.75 37.79
N ARG A 102 -3.68 37.74 36.92
CA ARG A 102 -2.56 38.52 36.39
C ARG A 102 -1.72 39.10 37.53
N GLU A 103 -2.38 39.48 38.60
CA GLU A 103 -1.70 40.09 39.74
C GLU A 103 -0.96 39.04 40.56
N VAL A 104 -1.55 37.85 40.67
CA VAL A 104 -0.93 36.76 41.42
C VAL A 104 0.34 36.30 40.70
N LEU A 105 0.29 36.25 39.37
CA LEU A 105 1.45 35.90 38.57
C LEU A 105 2.54 36.95 38.73
N ASN A 106 2.11 38.20 38.89
CA ASN A 106 3.04 39.31 39.04
C ASN A 106 3.92 39.12 40.27
N GLU A 107 3.30 38.78 41.40
CA GLU A 107 4.03 38.54 42.64
C GLU A 107 4.94 37.32 42.48
N THR A 108 4.42 36.30 41.82
CA THR A 108 5.15 35.04 41.67
C THR A 108 6.37 35.19 40.78
N THR A 109 6.20 35.82 39.63
CA THR A 109 7.30 35.99 38.68
C THR A 109 8.35 36.96 39.23
N ASN A 110 7.90 37.92 40.03
CA ASN A 110 8.82 38.84 40.68
C ASN A 110 9.75 38.12 41.63
N TRP A 111 9.18 37.23 42.43
CA TRP A 111 9.95 36.48 43.42
C TRP A 111 11.00 35.60 42.76
N LEU A 112 10.63 35.02 41.63
CA LEU A 112 11.49 34.07 40.95
C LEU A 112 12.73 34.75 40.37
N TRP A 113 12.52 35.85 39.65
CA TRP A 113 13.62 36.61 39.08
C TRP A 113 14.61 37.05 40.16
N ALA A 114 14.07 37.42 41.32
CA ALA A 114 14.91 37.80 42.45
C ALA A 114 15.75 36.62 42.91
N HIS A 115 15.14 35.44 42.89
CA HIS A 115 15.82 34.22 43.34
C HIS A 115 16.87 33.78 42.33
N LEU A 116 16.60 34.05 41.05
CA LEU A 116 17.55 33.71 40.00
C LEU A 116 18.71 34.69 40.03
N SER A 117 18.42 35.92 40.47
CA SER A 117 19.42 36.99 40.48
C SER A 117 20.03 37.22 41.86
N ARG A 118 20.04 36.19 42.70
CA ARG A 118 20.59 36.32 44.05
C ARG A 118 22.11 36.25 44.08
N GLU A 119 22.69 35.59 43.08
CA GLU A 119 24.14 35.38 43.05
C GLU A 119 24.72 35.68 41.68
N LYS A 120 24.06 35.19 40.63
CA LYS A 120 24.52 35.42 39.27
C LYS A 120 24.22 36.84 38.84
N ARG A 121 25.12 37.42 38.06
CA ARG A 121 24.88 38.73 37.46
C ARG A 121 24.93 38.62 35.94
N PRO A 122 23.96 39.27 35.27
CA PRO A 122 23.79 39.23 33.81
C PRO A 122 25.00 39.78 33.09
N ARG A 123 25.12 39.44 31.81
CA ARG A 123 26.25 39.89 31.00
C ARG A 123 25.94 39.72 29.52
N LEU A 124 26.51 40.61 28.70
CA LEU A 124 26.38 40.50 27.26
C LEU A 124 27.22 39.30 26.81
N CYS A 125 26.87 38.71 25.68
CA CYS A 125 27.68 37.63 25.13
C CYS A 125 28.64 38.18 24.08
N THR A 126 29.69 37.43 23.80
CA THR A 126 30.74 37.90 22.90
C THR A 126 30.74 37.14 21.57
N LYS A 127 31.45 37.70 20.60
CA LYS A 127 31.55 37.09 19.28
C LYS A 127 32.31 35.77 19.35
N GLU A 128 33.39 35.75 20.10
CA GLU A 128 34.20 34.55 20.26
C GLU A 128 33.41 33.43 20.93
N GLU A 129 32.53 33.80 21.86
CA GLU A 129 31.71 32.84 22.58
C GLU A 129 30.75 32.16 21.62
N PHE A 130 30.19 32.95 20.71
CA PHE A 130 29.25 32.45 19.70
C PHE A 130 29.90 31.45 18.75
N ILE A 131 31.05 31.81 18.20
CA ILE A 131 31.78 30.97 17.27
C ILE A 131 32.20 29.67 17.92
N LYS A 132 32.68 29.77 19.17
CA LYS A 132 33.11 28.62 19.94
C LYS A 132 31.99 27.58 20.09
N LYS A 133 30.76 28.07 20.16
CA LYS A 133 29.59 27.22 20.36
C LYS A 133 29.18 26.45 19.11
N VAL A 134 29.34 27.07 17.95
CA VAL A 134 28.90 26.48 16.68
C VAL A 134 29.60 25.14 16.37
N ASN A 135 30.90 25.09 16.60
CA ASN A 135 31.68 23.89 16.33
C ASN A 135 31.39 22.79 17.35
N ALA A 153 26.97 27.09 7.50
CA ALA A 153 26.92 27.88 8.72
C ALA A 153 28.32 28.09 9.28
N ARG A 154 29.10 27.01 9.32
CA ARG A 154 30.47 27.09 9.79
C ARG A 154 31.30 27.97 8.86
N GLU A 155 31.07 27.84 7.55
CA GLU A 155 31.79 28.65 6.58
C GLU A 155 31.17 30.04 6.44
N ALA A 156 30.22 30.37 7.32
CA ALA A 156 29.64 31.71 7.33
C ALA A 156 30.31 32.55 8.40
N VAL A 157 30.47 31.96 9.57
CA VAL A 157 31.04 32.65 10.73
C VAL A 157 32.52 32.93 10.52
N ASN A 158 33.13 32.24 9.56
CA ASN A 158 34.55 32.41 9.29
C ASN A 158 34.77 33.51 8.24
N ASP A 159 33.67 34.12 7.81
CA ASP A 159 33.72 35.24 6.88
C ASP A 159 33.43 36.55 7.62
N PRO A 160 34.46 37.40 7.78
CA PRO A 160 34.30 38.70 8.43
C PRO A 160 33.31 39.60 7.71
N ARG A 161 33.05 39.31 6.44
CA ARG A 161 32.07 40.07 5.65
C ARG A 161 30.66 39.89 6.20
N PHE A 162 30.37 38.69 6.69
CA PHE A 162 29.08 38.39 7.31
C PHE A 162 28.85 39.26 8.54
N TRP A 163 29.89 39.42 9.34
CA TRP A 163 29.79 40.11 10.62
C TRP A 163 29.58 41.62 10.48
N GLU A 164 29.77 42.14 9.28
CA GLU A 164 29.47 43.54 9.02
C GLU A 164 27.95 43.70 8.96
N MET A 165 27.28 42.70 8.37
CA MET A 165 25.83 42.70 8.25
C MET A 165 25.21 42.74 9.65
N VAL A 166 25.80 41.98 10.57
CA VAL A 166 25.37 41.96 11.96
C VAL A 166 25.54 43.35 12.59
N ASP A 167 26.74 43.92 12.41
CA ASP A 167 27.07 45.23 12.96
C ASP A 167 26.09 46.33 12.52
N GLU A 168 25.58 46.21 11.30
CA GLU A 168 24.56 47.13 10.81
C GLU A 168 23.26 46.95 11.59
N GLU A 169 22.90 45.70 11.81
CA GLU A 169 21.64 45.37 12.46
C GLU A 169 21.64 45.79 13.93
N ARG A 170 22.80 45.69 14.57
CA ARG A 170 22.94 46.09 15.97
C ARG A 170 22.61 47.57 16.11
N GLU A 171 23.04 48.35 15.13
CA GLU A 171 22.81 49.79 15.14
C GLU A 171 21.35 50.09 14.84
N ASN A 172 20.72 49.22 14.06
CA ASN A 172 19.29 49.34 13.78
C ASN A 172 18.49 49.06 15.05
N HIS A 173 18.96 48.10 15.83
CA HIS A 173 18.32 47.76 17.10
C HIS A 173 18.54 48.89 18.10
N LEU A 174 19.77 49.40 18.14
CA LEU A 174 20.11 50.53 19.00
C LEU A 174 19.32 51.78 18.60
N ARG A 175 18.90 51.82 17.35
CA ARG A 175 18.11 52.92 16.84
C ARG A 175 16.63 52.67 17.13
N GLY A 176 16.31 51.40 17.38
CA GLY A 176 14.94 50.99 17.66
C GLY A 176 14.20 50.54 16.42
N GLU A 177 14.92 49.93 15.50
CA GLU A 177 14.33 49.39 14.27
C GLU A 177 14.81 47.97 14.02
N CYS A 178 13.97 47.17 13.37
CA CYS A 178 14.34 45.81 12.99
C CYS A 178 14.19 45.63 11.48
N HIS A 179 15.24 45.14 10.82
CA HIS A 179 15.27 45.08 9.36
C HIS A 179 15.29 43.67 8.79
N THR A 180 16.11 42.79 9.36
CA THR A 180 16.33 41.47 8.75
C THR A 180 15.85 40.30 9.61
N CYS A 181 15.63 40.53 10.90
CA CYS A 181 15.24 39.45 11.79
C CYS A 181 13.82 38.98 11.49
N ILE A 182 13.72 37.93 10.67
CA ILE A 182 12.44 37.38 10.26
C ILE A 182 12.42 35.87 10.50
N TYR A 183 11.31 35.37 11.04
CA TYR A 183 11.17 33.95 11.29
C TYR A 183 10.69 33.22 10.05
N ASN A 184 11.15 31.98 9.90
CA ASN A 184 10.72 31.14 8.80
C ASN A 184 10.18 29.83 9.34
N MET A 185 8.93 29.53 8.99
CA MET A 185 8.26 28.34 9.50
C MET A 185 8.62 27.15 8.61
N MET A 186 9.58 26.35 9.05
CA MET A 186 10.14 25.27 8.23
C MET A 186 9.23 24.07 8.06
N GLY A 187 8.62 23.62 9.15
CA GLY A 187 7.77 22.45 9.10
C GLY A 187 7.14 22.10 10.44
N LYS A 188 6.72 20.84 10.57
CA LYS A 188 6.05 20.40 11.77
C LYS A 188 6.73 19.20 12.44
N ARG A 189 6.72 19.21 13.76
CA ARG A 189 7.20 18.10 14.56
C ARG A 189 5.97 17.49 15.22
N GLU A 190 5.76 16.20 14.99
CA GLU A 190 4.55 15.54 15.46
C GLU A 190 4.85 14.15 15.99
N LYS A 191 4.41 13.90 17.21
CA LYS A 191 4.59 12.60 17.83
C LYS A 191 3.33 11.78 17.63
N LYS A 192 3.49 10.64 16.96
CA LYS A 192 2.38 9.72 16.74
C LYS A 192 1.87 9.25 18.09
N PRO A 193 0.64 9.64 18.46
CA PRO A 193 0.14 9.38 19.81
C PRO A 193 -0.08 7.90 20.04
N GLY A 194 -0.28 7.51 21.29
CA GLY A 194 -0.49 6.10 21.60
C GLY A 194 0.14 5.60 22.88
N GLU A 195 0.57 4.34 22.85
CA GLU A 195 0.98 3.58 24.02
C GLU A 195 2.26 4.07 24.72
N PHE A 196 3.40 3.95 24.05
CA PHE A 196 4.71 4.08 24.69
C PHE A 196 5.12 5.44 25.24
N GLY A 197 4.75 6.53 24.59
CA GLY A 197 5.11 7.83 25.11
C GLY A 197 3.91 8.75 25.32
N LYS A 198 4.13 9.82 26.08
CA LYS A 198 3.09 10.82 26.29
C LYS A 198 2.81 11.49 24.95
N ALA A 199 1.53 11.64 24.62
CA ALA A 199 1.18 12.11 23.30
C ALA A 199 1.44 13.60 23.15
N LYS A 200 2.66 13.95 22.78
CA LYS A 200 3.01 15.34 22.52
C LYS A 200 2.29 15.80 21.26
N GLY A 201 1.66 16.97 21.33
CA GLY A 201 0.95 17.50 20.19
C GLY A 201 1.92 17.98 19.12
N SER A 202 1.37 18.55 18.05
CA SER A 202 2.21 19.08 16.99
C SER A 202 2.87 20.39 17.42
N ARG A 203 4.08 20.61 16.92
CA ARG A 203 4.83 21.83 17.20
C ARG A 203 5.51 22.33 15.94
N ALA A 204 5.70 23.64 15.86
CA ALA A 204 6.26 24.25 14.67
C ALA A 204 7.78 24.37 14.76
N ILE A 205 8.44 24.18 13.62
CA ILE A 205 9.89 24.24 13.56
C ILE A 205 10.33 25.58 12.96
N TRP A 206 10.96 26.42 13.77
CA TRP A 206 11.36 27.74 13.32
C TRP A 206 12.87 27.80 13.10
N PHE A 207 13.27 28.21 11.90
CA PHE A 207 14.67 28.46 11.60
C PHE A 207 14.83 29.93 11.25
N MET A 208 16.02 30.47 11.47
CA MET A 208 16.28 31.87 11.14
C MET A 208 17.64 32.09 10.51
N TRP A 209 17.84 33.29 9.99
CA TRP A 209 19.13 33.72 9.48
C TRP A 209 20.15 33.72 10.61
N LEU A 210 21.30 33.09 10.37
CA LEU A 210 22.34 32.92 11.38
C LEU A 210 22.76 34.22 12.08
N GLY A 211 22.63 35.33 11.37
CA GLY A 211 22.95 36.63 11.94
C GLY A 211 21.99 37.01 13.05
N ALA A 212 20.73 36.64 12.87
CA ALA A 212 19.72 36.92 13.88
C ALA A 212 19.95 36.05 15.11
N ARG A 213 20.65 34.93 14.91
CA ARG A 213 20.97 34.04 16.02
C ARG A 213 22.10 34.57 16.89
N TYR A 214 23.07 35.29 16.30
CA TYR A 214 24.12 35.90 17.12
C TYR A 214 23.54 37.02 17.97
N LEU A 215 22.70 37.84 17.33
CA LEU A 215 21.88 38.79 18.07
C LEU A 215 20.94 37.95 18.91
N GLU A 216 20.28 38.58 19.89
CA GLU A 216 19.45 37.84 20.84
C GLU A 216 20.33 36.98 21.75
N PHE A 217 21.24 36.21 21.17
CA PHE A 217 22.27 35.51 21.93
C PHE A 217 23.19 36.51 22.60
N GLU A 218 23.52 37.58 21.87
CA GLU A 218 24.36 38.64 22.40
C GLU A 218 23.69 39.29 23.58
N ALA A 219 22.37 39.48 23.46
CA ALA A 219 21.59 40.20 24.46
C ALA A 219 21.10 39.32 25.60
N LEU A 220 20.64 38.12 25.28
CA LEU A 220 19.91 37.29 26.24
C LEU A 220 20.52 35.91 26.44
N GLY A 221 21.66 35.66 25.82
CA GLY A 221 22.29 34.35 25.89
C GLY A 221 22.81 33.97 27.27
N PHE A 222 22.94 34.96 28.14
CA PHE A 222 23.51 34.73 29.47
C PHE A 222 22.68 33.77 30.30
N LEU A 223 21.38 33.70 29.99
CA LEU A 223 20.47 32.81 30.69
C LEU A 223 20.86 31.35 30.48
N ASN A 224 21.32 31.05 29.27
CA ASN A 224 21.74 29.69 28.95
C ASN A 224 23.20 29.42 29.27
N GLU A 225 24.07 30.32 28.84
CA GLU A 225 25.52 30.11 28.97
C GLU A 225 25.99 30.15 30.42
N ASP A 226 25.31 30.91 31.27
CA ASP A 226 25.65 30.96 32.69
C ASP A 226 24.77 30.03 33.52
N HIS A 227 23.99 29.21 32.83
CA HIS A 227 23.11 28.21 33.46
C HIS A 227 22.19 28.85 34.49
N TRP A 228 21.44 29.87 34.06
CA TRP A 228 20.56 30.62 34.95
C TRP A 228 19.47 29.75 35.57
N LEU A 229 19.04 28.73 34.84
CA LEU A 229 17.98 27.86 35.32
C LEU A 229 18.51 26.48 35.70
N SER A 230 19.80 26.42 36.00
CA SER A 230 20.41 25.20 36.53
C SER A 230 19.77 24.90 37.88
N ARG A 231 19.80 23.63 38.28
CA ARG A 231 19.15 23.22 39.51
C ARG A 231 19.73 23.92 40.75
N GLU A 232 21.03 24.19 40.73
CA GLU A 232 21.66 24.92 41.83
C GLU A 232 21.08 26.34 41.96
N ASN A 233 20.94 27.02 40.82
CA ASN A 233 20.52 28.41 40.82
C ASN A 233 19.01 28.60 40.89
N SER A 234 18.26 27.67 40.31
CA SER A 234 16.81 27.81 40.21
C SER A 234 16.04 26.93 41.20
N GLY A 235 16.65 25.83 41.61
CA GLY A 235 16.01 24.93 42.57
C GLY A 235 15.08 23.90 41.94
N GLY A 236 14.25 24.35 41.00
CA GLY A 236 13.29 23.48 40.35
C GLY A 236 13.72 22.97 38.99
N GLY A 237 14.48 23.79 38.28
CA GLY A 237 14.93 23.46 36.94
C GLY A 237 15.95 22.34 36.92
N VAL A 238 16.39 21.97 35.72
CA VAL A 238 17.38 20.91 35.57
C VAL A 238 18.36 21.23 34.45
N GLU A 239 18.46 22.50 34.09
CA GLU A 239 19.31 22.92 32.97
C GLU A 239 20.74 22.43 33.18
N GLY A 240 21.27 21.71 32.19
CA GLY A 240 22.63 21.25 32.27
C GLY A 240 22.74 19.83 32.75
N SER A 241 21.71 19.36 33.44
CA SER A 241 21.72 17.98 33.93
C SER A 241 21.60 17.04 32.74
N GLY A 242 22.42 16.00 32.73
CA GLY A 242 22.35 15.02 31.66
C GLY A 242 21.15 14.14 31.91
N VAL A 243 20.67 13.46 30.88
CA VAL A 243 19.47 12.65 31.01
C VAL A 243 19.67 11.51 32.03
N GLN A 244 20.93 11.18 32.30
CA GLN A 244 21.27 10.18 33.29
C GLN A 244 21.12 10.71 34.72
N LYS A 245 21.13 12.03 34.85
CA LYS A 245 21.02 12.66 36.16
C LYS A 245 19.55 12.83 36.56
N LEU A 246 18.69 13.02 35.56
CA LEU A 246 17.28 13.34 35.81
C LEU A 246 16.56 12.31 36.67
N GLY A 247 16.93 11.04 36.52
CA GLY A 247 16.33 9.98 37.30
C GLY A 247 16.53 10.19 38.79
N TYR A 248 17.77 10.37 39.19
CA TYR A 248 18.11 10.60 40.59
C TYR A 248 17.38 11.83 41.13
N ILE A 249 17.29 12.87 40.31
CA ILE A 249 16.61 14.11 40.68
C ILE A 249 15.14 13.84 41.00
N LEU A 250 14.50 13.03 40.16
CA LEU A 250 13.11 12.66 40.38
C LEU A 250 12.96 11.83 41.65
N ARG A 251 14.01 11.11 42.01
CA ARG A 251 14.00 10.28 43.20
C ARG A 251 14.11 11.13 44.46
N ASP A 252 14.93 12.17 44.40
CA ASP A 252 15.07 13.09 45.52
C ASP A 252 13.74 13.77 45.80
N ILE A 253 13.02 14.10 44.73
CA ILE A 253 11.71 14.70 44.86
C ILE A 253 10.76 13.71 45.54
N ALA A 254 10.84 12.46 45.12
CA ALA A 254 9.99 11.41 45.67
C ALA A 254 10.38 11.14 47.12
N GLY A 255 11.63 11.39 47.45
CA GLY A 255 12.14 11.19 48.79
C GLY A 255 11.51 12.14 49.79
N LYS A 256 11.07 13.30 49.31
CA LYS A 256 10.44 14.28 50.18
C LYS A 256 9.07 13.80 50.66
N GLN A 257 8.63 14.36 51.79
CA GLN A 257 7.32 14.04 52.32
C GLN A 257 6.27 14.81 51.55
N GLY A 258 5.16 14.16 51.25
CA GLY A 258 4.09 14.79 50.51
C GLY A 258 3.11 13.79 49.95
N GLY A 259 2.28 14.23 49.01
CA GLY A 259 1.31 13.36 48.39
C GLY A 259 1.86 12.69 47.16
N LYS A 260 0.98 12.33 46.24
CA LYS A 260 1.39 11.68 45.00
C LYS A 260 2.19 12.65 44.13
N MET A 261 2.95 12.11 43.17
CA MET A 261 3.72 12.95 42.26
C MET A 261 2.89 13.24 41.02
N TYR A 262 2.84 14.50 40.64
CA TYR A 262 2.04 14.94 39.51
C TYR A 262 2.92 15.44 38.38
N ALA A 263 2.47 15.17 37.16
CA ALA A 263 3.17 15.62 35.96
C ALA A 263 2.17 15.87 34.86
N ASP A 264 1.40 16.94 35.01
CA ASP A 264 0.40 17.29 34.01
C ASP A 264 1.03 18.04 32.85
N ASP A 265 0.81 17.53 31.65
CA ASP A 265 1.30 18.17 30.44
C ASP A 265 0.33 19.26 29.99
N THR A 266 0.88 20.37 29.52
CA THR A 266 0.06 21.48 29.06
C THR A 266 -0.28 21.29 27.58
N ALA A 267 -1.56 21.41 27.26
CA ALA A 267 -2.03 21.19 25.89
C ALA A 267 -1.48 22.25 24.94
N GLY A 268 -0.36 21.94 24.29
CA GLY A 268 0.25 22.86 23.36
C GLY A 268 0.77 24.07 24.11
N TRP A 269 1.85 23.87 24.86
CA TRP A 269 2.41 24.90 25.73
C TRP A 269 2.72 26.21 25.01
N ASP A 270 3.40 26.10 23.87
CA ASP A 270 3.85 27.26 23.13
C ASP A 270 2.66 28.08 22.60
N THR A 271 1.55 27.40 22.37
CA THR A 271 0.36 28.03 21.83
C THR A 271 -0.44 28.75 22.91
N ARG A 272 -0.19 28.38 24.17
CA ARG A 272 -0.98 28.92 25.26
C ARG A 272 -0.17 29.84 26.17
N ILE A 273 0.90 30.40 25.64
CA ILE A 273 1.62 31.44 26.34
C ILE A 273 0.86 32.74 26.14
N THR A 274 0.44 33.35 27.25
CA THR A 274 -0.36 34.57 27.20
C THR A 274 0.56 35.79 27.17
N ARG A 275 0.00 36.93 26.77
CA ARG A 275 0.73 38.19 26.75
C ARG A 275 1.15 38.56 28.16
N THR A 276 0.28 38.23 29.11
CA THR A 276 0.52 38.48 30.52
C THR A 276 1.80 37.80 30.98
N ASP A 277 1.97 36.54 30.58
CA ASP A 277 3.17 35.78 30.88
C ASP A 277 4.40 36.38 30.21
N LEU A 278 4.24 36.82 28.97
CA LEU A 278 5.34 37.41 28.21
C LEU A 278 5.87 38.66 28.90
N GLU A 279 4.95 39.46 29.44
CA GLU A 279 5.32 40.66 30.17
C GLU A 279 6.17 40.31 31.39
N ASN A 280 5.74 39.28 32.11
CA ASN A 280 6.47 38.82 33.28
C ASN A 280 7.84 38.28 32.88
N GLU A 281 7.89 37.60 31.74
CA GLU A 281 9.16 37.11 31.22
C GLU A 281 10.01 38.30 30.81
N ALA A 282 9.35 39.36 30.35
CA ALA A 282 10.03 40.55 29.86
C ALA A 282 10.70 41.36 30.98
N LYS A 283 10.57 40.89 32.22
CA LYS A 283 11.15 41.58 33.37
C LYS A 283 12.67 41.44 33.44
N VAL A 284 13.26 40.77 32.45
CA VAL A 284 14.71 40.64 32.37
C VAL A 284 15.36 42.01 32.24
N LEU A 285 14.71 42.87 31.46
CA LEU A 285 15.19 44.21 31.16
C LEU A 285 15.49 45.01 32.42
N GLU A 286 14.70 44.81 33.46
CA GLU A 286 14.87 45.52 34.73
C GLU A 286 16.10 45.03 35.50
N LEU A 287 16.82 44.07 34.92
CA LEU A 287 18.04 43.54 35.53
C LEU A 287 19.26 43.92 34.72
N LEU A 288 19.05 44.67 33.64
CA LEU A 288 20.15 45.04 32.75
C LEU A 288 20.48 46.53 32.79
N ASP A 289 21.73 46.86 32.43
CA ASP A 289 22.20 48.23 32.48
C ASP A 289 22.71 48.72 31.13
N GLY A 290 22.47 50.00 30.84
CA GLY A 290 22.98 50.66 29.66
C GLY A 290 22.71 50.00 28.31
N GLU A 291 23.78 49.80 27.55
CA GLU A 291 23.69 49.28 26.18
C GLU A 291 23.14 47.87 26.17
N HIS A 292 23.39 47.14 27.25
CA HIS A 292 22.89 45.77 27.39
C HIS A 292 21.37 45.76 27.28
N ARG A 293 20.72 46.67 28.00
CA ARG A 293 19.25 46.72 27.98
C ARG A 293 18.72 47.18 26.63
N MET A 294 19.44 48.08 25.97
CA MET A 294 18.98 48.59 24.68
C MET A 294 18.99 47.51 23.61
N LEU A 295 19.99 46.62 23.67
CA LEU A 295 20.08 45.52 22.72
C LEU A 295 18.96 44.52 22.99
N ALA A 296 18.75 44.21 24.26
CA ALA A 296 17.74 43.24 24.66
C ALA A 296 16.32 43.77 24.47
N ARG A 297 16.12 45.06 24.75
CA ARG A 297 14.81 45.69 24.60
C ARG A 297 14.30 45.53 23.17
N ALA A 298 15.22 45.64 22.21
CA ALA A 298 14.87 45.50 20.80
C ALA A 298 14.49 44.06 20.49
N ILE A 299 15.27 43.12 21.01
CA ILE A 299 15.01 41.70 20.78
C ILE A 299 13.62 41.30 21.25
N ILE A 300 13.28 41.65 22.49
CA ILE A 300 11.99 41.27 23.05
C ILE A 300 10.84 41.98 22.33
N GLU A 301 10.97 43.28 22.11
CA GLU A 301 9.88 44.07 21.56
C GLU A 301 9.76 44.03 20.04
N LEU A 302 10.89 44.09 19.34
CA LEU A 302 10.87 44.13 17.87
C LEU A 302 10.86 42.75 17.23
N THR A 303 11.47 41.77 17.90
CA THR A 303 11.62 40.44 17.30
C THR A 303 10.74 39.38 17.96
N TYR A 304 10.63 39.42 19.29
CA TYR A 304 9.85 38.43 20.00
C TYR A 304 8.36 38.76 20.00
N ARG A 305 8.05 40.01 20.34
CA ARG A 305 6.66 40.41 20.52
C ARG A 305 6.02 40.67 19.16
N HIS A 306 6.63 41.54 18.36
CA HIS A 306 6.14 41.80 17.01
C HIS A 306 6.87 40.92 16.01
N LYS A 307 6.27 39.79 15.66
CA LYS A 307 6.90 38.82 14.77
C LYS A 307 6.51 39.00 13.31
N VAL A 308 7.40 38.60 12.42
CA VAL A 308 7.12 38.48 11.00
C VAL A 308 7.57 37.09 10.55
N VAL A 309 6.67 36.34 9.91
CA VAL A 309 6.94 34.94 9.62
C VAL A 309 6.68 34.60 8.15
N LYS A 310 7.60 33.85 7.55
CA LYS A 310 7.38 33.33 6.21
C LYS A 310 6.89 31.89 6.31
N VAL A 311 5.85 31.56 5.54
CA VAL A 311 5.28 30.22 5.56
C VAL A 311 4.78 29.83 4.17
N MET A 312 5.10 28.60 3.75
CA MET A 312 4.67 28.10 2.45
C MET A 312 3.18 27.74 2.46
N ARG A 313 2.56 27.78 1.28
CA ARG A 313 1.14 27.45 1.15
C ARG A 313 0.81 26.97 -0.25
N PRO A 314 0.14 25.81 -0.35
CA PRO A 314 -0.27 25.21 -1.62
C PRO A 314 -1.36 26.04 -2.30
N ALA A 315 -1.27 26.21 -3.62
CA ALA A 315 -2.26 26.96 -4.36
C ALA A 315 -2.25 26.61 -5.86
N ALA A 316 -3.25 27.10 -6.58
CA ALA A 316 -3.35 26.92 -8.03
C ALA A 316 -3.26 25.46 -8.47
N GLU A 317 -2.41 25.21 -9.47
CA GLU A 317 -2.25 23.86 -10.02
C GLU A 317 -0.95 23.24 -9.52
N GLY A 318 -0.99 22.72 -8.30
CA GLY A 318 0.16 22.08 -7.69
C GLY A 318 1.35 23.00 -7.56
N LYS A 319 1.09 24.28 -7.30
CA LYS A 319 2.17 25.24 -7.11
C LYS A 319 2.18 25.77 -5.68
N THR A 320 3.36 26.11 -5.19
CA THR A 320 3.51 26.54 -3.81
C THR A 320 4.05 27.97 -3.70
N VAL A 321 3.39 28.78 -2.87
CA VAL A 321 3.81 30.15 -2.65
C VAL A 321 4.19 30.34 -1.19
N MET A 322 4.92 31.40 -0.89
CA MET A 322 5.35 31.70 0.47
C MET A 322 4.63 32.93 1.00
N ASP A 323 3.81 32.73 2.03
CA ASP A 323 3.06 33.84 2.63
C ASP A 323 3.92 34.57 3.65
N VAL A 324 3.63 35.85 3.85
CA VAL A 324 4.30 36.65 4.86
C VAL A 324 3.25 37.26 5.79
N ILE A 325 3.37 36.96 7.08
CA ILE A 325 2.36 37.36 8.06
C ILE A 325 2.99 37.90 9.35
N SER A 326 2.17 38.46 10.22
CA SER A 326 2.67 39.07 11.46
C SER A 326 1.69 38.96 12.62
N ARG A 327 2.22 39.02 13.84
CA ARG A 327 1.41 38.90 15.05
C ARG A 327 2.16 39.60 16.20
N GLU A 328 1.43 40.24 17.11
CA GLU A 328 2.09 41.10 18.09
C GLU A 328 1.93 40.73 19.57
N ASP A 329 1.05 39.78 19.89
CA ASP A 329 0.89 39.38 21.29
C ASP A 329 1.08 37.88 21.47
N GLN A 330 2.26 37.42 21.08
CA GLN A 330 2.57 36.00 21.13
C GLN A 330 4.07 35.79 21.08
N ARG A 331 4.58 34.99 21.99
CA ARG A 331 5.99 34.62 21.98
C ARG A 331 6.21 33.35 21.16
N GLY A 332 5.45 32.32 21.45
CA GLY A 332 5.54 31.08 20.69
C GLY A 332 6.85 30.37 20.89
N SER A 333 7.50 30.00 19.79
CA SER A 333 8.76 29.25 19.87
C SER A 333 9.78 29.71 18.84
N GLY A 334 10.88 28.96 18.76
CA GLY A 334 11.93 29.20 17.80
C GLY A 334 12.91 30.32 18.13
N GLN A 335 13.04 30.64 19.42
CA GLN A 335 14.03 31.62 19.85
C GLN A 335 15.17 30.91 20.57
N VAL A 336 16.28 31.62 20.79
CA VAL A 336 17.45 31.03 21.42
C VAL A 336 17.19 30.76 22.90
N VAL A 337 16.23 31.48 23.47
CA VAL A 337 15.90 31.32 24.87
C VAL A 337 14.51 30.72 25.04
N THR A 338 14.06 29.99 24.02
CA THR A 338 12.75 29.33 24.07
C THR A 338 12.66 28.44 25.30
N TYR A 339 13.67 27.60 25.48
CA TYR A 339 13.72 26.70 26.63
C TYR A 339 13.88 27.47 27.93
N ALA A 340 14.72 28.49 27.92
CA ALA A 340 15.03 29.24 29.14
C ALA A 340 13.78 29.91 29.72
N LEU A 341 13.05 30.64 28.89
CA LEU A 341 11.86 31.34 29.33
C LEU A 341 10.74 30.36 29.69
N ASN A 342 10.55 29.35 28.84
CA ASN A 342 9.53 28.33 29.06
C ASN A 342 9.70 27.62 30.40
N THR A 343 10.95 27.34 30.75
CA THR A 343 11.27 26.74 32.04
C THR A 343 10.84 27.69 33.14
N PHE A 344 11.21 28.96 33.01
CA PHE A 344 10.88 29.99 33.99
C PHE A 344 9.38 30.10 34.24
N THR A 345 8.63 30.40 33.19
CA THR A 345 7.19 30.60 33.30
C THR A 345 6.51 29.38 33.92
N ASN A 346 6.94 28.20 33.48
CA ASN A 346 6.36 26.96 33.98
C ASN A 346 6.58 26.81 35.48
N ILE A 347 7.76 27.21 35.96
CA ILE A 347 8.04 27.19 37.39
C ILE A 347 7.06 28.09 38.11
N ALA A 348 6.94 29.32 37.61
CA ALA A 348 6.01 30.29 38.18
C ALA A 348 4.59 29.74 38.20
N VAL A 349 4.23 29.05 37.11
CA VAL A 349 2.90 28.46 36.99
C VAL A 349 2.67 27.41 38.08
N GLN A 350 3.63 26.51 38.24
CA GLN A 350 3.53 25.43 39.21
C GLN A 350 3.52 25.96 40.65
N LEU A 351 4.14 27.11 40.86
CA LEU A 351 4.10 27.77 42.16
C LEU A 351 2.70 28.27 42.47
N VAL A 352 2.08 28.90 41.49
CA VAL A 352 0.72 29.41 41.62
C VAL A 352 -0.24 28.27 41.95
N ARG A 353 -0.09 27.16 41.26
CA ARG A 353 -0.97 26.02 41.48
C ARG A 353 -0.76 25.45 42.87
N LEU A 354 0.48 25.49 43.35
CA LEU A 354 0.77 25.09 44.72
C LEU A 354 0.04 25.99 45.72
N MET A 355 0.03 27.29 45.43
CA MET A 355 -0.63 28.25 46.31
C MET A 355 -2.13 28.01 46.40
N GLU A 356 -2.75 27.71 45.26
CA GLU A 356 -4.17 27.39 45.24
C GLU A 356 -4.43 26.11 46.02
N ALA A 357 -3.50 25.17 45.89
CA ALA A 357 -3.63 23.87 46.53
C ALA A 357 -3.44 23.94 48.04
N GLU A 358 -2.69 24.94 48.51
CA GLU A 358 -2.41 25.07 49.93
C GLU A 358 -3.41 25.96 50.64
N GLY A 359 -4.28 26.61 49.87
CA GLY A 359 -5.34 27.42 50.44
C GLY A 359 -5.00 28.89 50.48
N VAL A 360 -3.84 29.26 49.96
CA VAL A 360 -3.42 30.65 49.91
C VAL A 360 -4.38 31.47 49.05
N ILE A 361 -4.75 30.91 47.91
CA ILE A 361 -5.68 31.55 47.00
C ILE A 361 -6.75 30.56 46.56
N GLY A 362 -7.84 31.08 46.01
CA GLY A 362 -8.95 30.23 45.59
C GLY A 362 -9.66 30.80 44.38
N PRO A 363 -10.81 30.22 44.03
CA PRO A 363 -11.60 30.65 42.86
C PRO A 363 -12.17 32.05 43.03
N GLN A 364 -12.31 32.50 44.28
CA GLN A 364 -12.93 33.79 44.55
C GLN A 364 -12.04 34.94 44.10
N HIS A 365 -10.73 34.71 44.10
CA HIS A 365 -9.76 35.77 43.84
C HIS A 365 -9.29 35.77 42.40
N LEU A 366 -9.99 35.01 41.55
CA LEU A 366 -9.65 34.92 40.14
C LEU A 366 -9.89 36.26 39.45
N GLU A 367 -11.09 36.79 39.62
CA GLU A 367 -11.47 38.04 38.99
C GLU A 367 -10.67 39.21 39.56
N GLN A 368 -10.74 39.38 40.86
CA GLN A 368 -9.99 40.43 41.54
C GLN A 368 -9.31 39.88 42.79
N LEU A 369 -8.04 40.23 42.98
CA LEU A 369 -7.28 39.74 44.12
C LEU A 369 -7.28 40.74 45.27
N PRO A 370 -8.00 40.41 46.36
CA PRO A 370 -8.03 41.25 47.55
C PRO A 370 -6.62 41.38 48.14
N ARG A 371 -6.23 42.60 48.52
CA ARG A 371 -4.89 42.83 49.07
C ARG A 371 -4.63 41.95 50.28
N LYS A 372 -5.69 41.66 51.04
CA LYS A 372 -5.60 40.79 52.21
C LYS A 372 -4.99 39.44 51.81
N ASN A 373 -5.37 38.95 50.64
CA ASN A 373 -4.83 37.71 50.09
C ASN A 373 -3.50 37.90 49.38
N LYS A 374 -3.40 39.01 48.64
CA LYS A 374 -2.19 39.37 47.88
C LYS A 374 -0.95 39.34 48.76
N ILE A 375 -1.09 39.80 50.00
CA ILE A 375 0.00 39.78 50.97
C ILE A 375 0.31 38.34 51.38
N ALA A 376 -0.72 37.54 51.57
CA ALA A 376 -0.54 36.13 51.93
C ALA A 376 0.25 35.41 50.84
N VAL A 377 0.05 35.82 49.59
CA VAL A 377 0.81 35.28 48.47
C VAL A 377 2.29 35.63 48.59
N ARG A 378 2.58 36.93 48.69
CA ARG A 378 3.96 37.40 48.77
C ARG A 378 4.69 36.81 49.98
N THR A 379 3.96 36.64 51.08
CA THR A 379 4.54 36.07 52.28
C THR A 379 4.87 34.60 52.04
N TRP A 380 4.01 33.92 51.29
CA TRP A 380 4.18 32.50 50.98
C TRP A 380 5.39 32.24 50.10
N LEU A 381 5.57 33.09 49.08
CA LEU A 381 6.68 32.97 48.16
C LEU A 381 8.00 33.18 48.89
N PHE A 382 8.03 34.22 49.72
CA PHE A 382 9.24 34.55 50.47
C PHE A 382 9.61 33.44 51.45
N GLU A 383 8.63 33.00 52.23
CA GLU A 383 8.88 32.01 53.27
C GLU A 383 9.03 30.58 52.74
N ASN A 384 8.15 30.17 51.84
CA ASN A 384 8.12 28.78 51.40
C ASN A 384 8.65 28.52 50.00
N GLY A 385 8.77 29.58 49.21
CA GLY A 385 9.20 29.46 47.82
C GLY A 385 10.48 28.66 47.61
N GLU A 386 11.44 28.86 48.50
CA GLU A 386 12.73 28.18 48.39
C GLU A 386 12.59 26.66 48.61
N GLU A 387 11.60 26.26 49.39
CA GLU A 387 11.38 24.84 49.65
C GLU A 387 10.52 24.23 48.58
N ARG A 388 9.42 24.92 48.25
CA ARG A 388 8.45 24.42 47.30
C ARG A 388 9.08 24.21 45.93
N VAL A 389 9.97 25.12 45.56
CA VAL A 389 10.64 25.03 44.27
C VAL A 389 11.53 23.78 44.15
N THR A 390 11.95 23.24 45.29
CA THR A 390 12.78 22.03 45.29
C THR A 390 11.94 20.76 45.26
N ARG A 391 10.64 20.91 45.11
CA ARG A 391 9.74 19.77 44.97
C ARG A 391 9.37 19.61 43.49
N MET A 392 10.07 20.36 42.65
CA MET A 392 9.76 20.39 41.22
C MET A 392 10.88 19.80 40.37
N ALA A 393 10.54 19.47 39.14
CA ALA A 393 11.51 19.12 38.12
C ALA A 393 11.02 19.78 36.83
N ILE A 394 11.66 20.87 36.45
CA ILE A 394 11.18 21.68 35.34
C ILE A 394 12.19 21.77 34.20
N SER A 395 11.84 21.18 33.06
CA SER A 395 12.63 21.28 31.85
C SER A 395 11.73 21.73 30.72
N GLY A 396 11.68 23.04 30.49
CA GLY A 396 10.77 23.59 29.51
C GLY A 396 9.33 23.35 29.91
N ASP A 397 8.55 22.80 28.99
CA ASP A 397 7.14 22.55 29.24
C ASP A 397 6.94 21.28 30.05
N ASP A 398 7.99 20.48 30.19
CA ASP A 398 7.93 19.26 30.98
C ASP A 398 8.04 19.59 32.46
N CYS A 399 7.09 19.10 33.25
CA CYS A 399 7.02 19.46 34.66
C CYS A 399 6.65 18.27 35.53
N VAL A 400 7.30 18.17 36.68
CA VAL A 400 6.99 17.14 37.67
C VAL A 400 6.97 17.81 39.04
N VAL A 401 5.90 17.61 39.80
CA VAL A 401 5.72 18.30 41.07
C VAL A 401 5.22 17.34 42.15
N LYS A 402 5.85 17.39 43.32
CA LYS A 402 5.36 16.65 44.48
C LYS A 402 4.92 17.61 45.56
N PRO A 403 3.61 17.92 45.58
CA PRO A 403 2.99 18.87 46.52
C PRO A 403 2.92 18.27 47.92
N LEU A 404 2.54 19.10 48.89
CA LEU A 404 2.40 18.66 50.27
C LEU A 404 1.30 17.61 50.39
N ASP A 405 0.20 17.83 49.68
CA ASP A 405 -0.97 16.97 49.78
C ASP A 405 -1.64 16.79 48.42
N ASP A 406 -2.50 15.79 48.30
CA ASP A 406 -3.17 15.50 47.03
C ASP A 406 -4.33 16.46 46.76
N ARG A 407 -4.34 17.58 47.48
CA ARG A 407 -5.27 18.67 47.21
C ARG A 407 -4.87 19.30 45.88
N PHE A 408 -3.62 19.11 45.52
CA PHE A 408 -3.04 19.60 44.29
C PHE A 408 -3.83 19.18 43.07
N ALA A 409 -4.38 17.96 43.12
CA ALA A 409 -5.07 17.37 41.99
C ALA A 409 -6.30 18.17 41.55
N THR A 410 -6.93 18.85 42.49
CA THR A 410 -8.12 19.63 42.17
C THR A 410 -7.84 21.13 42.05
N ALA A 411 -6.61 21.54 42.36
CA ALA A 411 -6.24 22.95 42.28
C ALA A 411 -6.04 23.35 40.83
N LEU A 412 -7.14 23.69 40.16
CA LEU A 412 -7.14 23.90 38.72
C LEU A 412 -7.63 25.29 38.33
N HIS A 413 -8.23 26.00 39.29
CA HIS A 413 -8.88 27.28 39.00
C HIS A 413 -7.91 28.31 38.44
N PHE A 414 -6.78 28.49 39.11
CA PHE A 414 -5.77 29.42 38.62
C PHE A 414 -5.06 28.85 37.40
N LEU A 415 -4.93 27.53 37.35
CA LEU A 415 -4.27 26.86 36.24
C LEU A 415 -5.01 27.09 34.92
N ASN A 416 -6.29 26.74 34.89
CA ASN A 416 -7.11 26.93 33.70
C ASN A 416 -7.31 28.40 33.36
N ALA A 417 -7.20 29.26 34.36
CA ALA A 417 -7.34 30.70 34.17
C ALA A 417 -6.17 31.27 33.39
N MET A 418 -4.98 30.75 33.65
CA MET A 418 -3.76 31.19 32.96
C MET A 418 -3.68 30.58 31.57
N SER A 419 -4.75 29.88 31.19
CA SER A 419 -4.84 29.21 29.90
C SER A 419 -3.82 28.09 29.72
N LYS A 420 -3.28 27.60 30.84
CA LYS A 420 -2.38 26.45 30.80
C LYS A 420 -3.20 25.17 30.98
N VAL A 421 -4.19 24.97 30.11
CA VAL A 421 -5.08 23.83 30.22
C VAL A 421 -4.34 22.52 30.02
N ARG A 422 -4.58 21.57 30.91
CA ARG A 422 -3.96 20.25 30.83
C ARG A 422 -4.43 19.49 29.60
N LYS A 423 -3.55 18.70 29.02
CA LYS A 423 -3.86 17.93 27.83
C LYS A 423 -4.45 16.56 28.16
N ASP A 424 -5.35 16.08 27.31
CA ASP A 424 -5.89 14.73 27.42
C ASP A 424 -6.60 14.49 28.75
N ILE A 425 -7.33 15.50 29.23
CA ILE A 425 -8.15 15.36 30.42
C ILE A 425 -9.32 16.35 30.38
N GLN A 426 -10.44 15.96 30.99
CA GLN A 426 -11.60 16.84 31.10
C GLN A 426 -11.18 18.09 31.84
N GLU A 427 -11.57 19.25 31.31
CA GLU A 427 -11.13 20.56 31.81
C GLU A 427 -11.11 20.69 33.34
N TRP A 428 -12.05 20.03 34.01
CA TRP A 428 -12.15 20.14 35.46
C TRP A 428 -12.01 18.81 36.20
N LYS A 429 -11.62 17.76 35.49
CA LYS A 429 -11.38 16.48 36.14
C LYS A 429 -10.09 16.55 36.95
N PRO A 430 -10.12 16.05 38.19
CA PRO A 430 -8.96 16.01 39.08
C PRO A 430 -7.75 15.37 38.39
N SER A 431 -6.57 15.94 38.61
CA SER A 431 -5.36 15.46 37.95
C SER A 431 -4.97 14.07 38.41
N HIS A 432 -4.21 13.39 37.56
CA HIS A 432 -3.75 12.04 37.88
C HIS A 432 -2.36 12.11 38.49
N GLY A 433 -2.17 11.37 39.58
CA GLY A 433 -0.87 11.32 40.24
C GLY A 433 -0.31 9.91 40.26
N TRP A 434 1.01 9.82 40.39
CA TRP A 434 1.67 8.52 40.45
C TRP A 434 2.20 8.29 41.85
N HIS A 435 2.02 7.09 42.37
CA HIS A 435 2.57 6.74 43.68
C HIS A 435 3.97 6.16 43.50
N ASP A 436 4.24 5.63 42.32
CA ASP A 436 5.54 5.05 42.02
C ASP A 436 6.30 6.03 41.13
N TRP A 437 7.37 6.61 41.67
CA TRP A 437 8.16 7.59 40.92
C TRP A 437 8.83 6.98 39.70
N GLN A 438 8.90 5.65 39.67
CA GLN A 438 9.50 4.93 38.57
C GLN A 438 8.58 4.91 37.35
N GLN A 439 7.35 5.37 37.52
CA GLN A 439 6.38 5.41 36.44
C GLN A 439 6.13 6.83 35.93
N VAL A 440 6.76 7.81 36.58
CA VAL A 440 6.59 9.21 36.23
C VAL A 440 7.33 9.57 34.95
N PRO A 441 6.61 10.12 33.96
CA PRO A 441 7.21 10.50 32.68
C PRO A 441 7.85 11.88 32.78
N PHE A 442 9.09 12.02 32.31
CA PHE A 442 9.77 13.30 32.38
C PHE A 442 10.88 13.36 31.34
N CYS A 443 10.80 14.35 30.45
CA CYS A 443 11.74 14.50 29.35
C CYS A 443 11.84 13.24 28.49
N SER A 444 10.69 12.81 27.98
CA SER A 444 10.59 11.69 27.03
C SER A 444 10.94 10.32 27.61
N ASN A 445 11.32 10.28 28.88
CA ASN A 445 11.67 9.03 29.54
C ASN A 445 10.90 8.83 30.84
N HIS A 446 10.85 7.59 31.29
CA HIS A 446 10.50 7.31 32.68
C HIS A 446 11.76 6.72 33.30
N PHE A 447 11.79 6.54 34.62
CA PHE A 447 13.06 6.18 35.24
C PHE A 447 12.99 5.01 36.22
N GLN A 448 13.83 4.01 35.99
CA GLN A 448 13.80 2.77 36.75
C GLN A 448 15.02 2.66 37.64
N GLU A 449 14.83 2.20 38.88
CA GLU A 449 15.95 1.92 39.76
C GLU A 449 16.26 0.43 39.71
N ILE A 450 17.43 0.08 39.20
CA ILE A 450 17.82 -1.32 39.13
C ILE A 450 19.07 -1.58 39.96
N VAL A 451 19.12 -2.77 40.56
CA VAL A 451 20.23 -3.14 41.43
C VAL A 451 21.28 -3.88 40.62
N MET A 452 22.52 -3.39 40.66
CA MET A 452 23.60 -4.02 39.91
C MET A 452 23.96 -5.38 40.49
N LYS A 453 24.80 -6.11 39.75
CA LYS A 453 25.22 -7.45 40.17
C LYS A 453 25.94 -7.41 41.51
N ASP A 454 26.79 -6.40 41.69
CA ASP A 454 27.62 -6.31 42.89
C ASP A 454 26.94 -5.66 44.09
N GLY A 455 25.62 -5.55 44.04
CA GLY A 455 24.86 -5.05 45.17
C GLY A 455 24.47 -3.59 45.10
N ARG A 456 25.25 -2.78 44.40
CA ARG A 456 24.94 -1.37 44.24
C ARG A 456 23.74 -1.20 43.31
N SER A 457 23.17 0.00 43.29
CA SER A 457 22.01 0.27 42.45
C SER A 457 22.15 1.58 41.68
N ILE A 458 21.58 1.61 40.48
CA ILE A 458 21.60 2.80 39.64
C ILE A 458 20.18 3.18 39.22
N VAL A 459 19.98 4.43 38.86
CA VAL A 459 18.69 4.89 38.37
C VAL A 459 18.82 5.24 36.90
N VAL A 460 18.27 4.37 36.04
CA VAL A 460 18.48 4.50 34.60
C VAL A 460 17.24 5.04 33.86
N PRO A 461 17.46 5.74 32.74
CA PRO A 461 16.35 6.24 31.94
C PRO A 461 15.79 5.11 31.08
N CYS A 462 14.50 5.15 30.80
CA CYS A 462 13.85 4.12 29.99
C CYS A 462 12.82 4.77 29.09
N ARG A 463 12.64 4.22 27.90
CA ARG A 463 11.62 4.72 26.97
C ARG A 463 11.27 3.67 25.92
N GLY A 464 10.14 3.88 25.25
CA GLY A 464 9.64 2.93 24.27
C GLY A 464 10.71 2.50 23.27
N GLN A 465 11.04 1.22 23.29
CA GLN A 465 12.11 0.69 22.45
C GLN A 465 11.80 0.79 20.97
N ASP A 466 10.53 0.55 20.61
CA ASP A 466 10.10 0.66 19.23
C ASP A 466 10.42 2.05 18.70
N GLU A 467 10.19 3.06 19.53
CA GLU A 467 10.54 4.43 19.16
C GLU A 467 12.04 4.59 19.00
N LEU A 468 12.81 3.97 19.88
CA LEU A 468 14.26 4.10 19.85
C LEU A 468 14.90 3.51 18.60
N ILE A 469 14.44 2.33 18.19
CA ILE A 469 14.98 1.65 17.02
C ILE A 469 14.55 2.35 15.74
N GLY A 470 13.31 2.84 15.73
CA GLY A 470 12.80 3.59 14.60
C GLY A 470 13.62 4.83 14.34
N ARG A 471 13.95 5.56 15.41
CA ARG A 471 14.70 6.79 15.27
C ARG A 471 16.13 6.47 14.82
N ALA A 472 16.59 5.26 15.13
CA ALA A 472 17.91 4.82 14.71
C ALA A 472 17.89 4.49 13.22
N ARG A 473 16.74 4.03 12.75
CA ARG A 473 16.59 3.66 11.35
C ARG A 473 16.54 4.84 10.40
N ILE A 474 16.33 6.03 10.94
CA ILE A 474 16.16 7.20 10.08
C ILE A 474 17.46 7.97 9.93
N SER A 475 17.95 8.05 8.69
CA SER A 475 19.15 8.82 8.38
C SER A 475 18.80 9.96 7.45
N PRO A 476 19.17 11.19 7.83
CA PRO A 476 18.88 12.39 7.03
C PRO A 476 19.80 12.53 5.82
N GLY A 477 21.01 11.99 5.91
CA GLY A 477 22.01 12.11 4.86
C GLY A 477 21.66 11.40 3.58
N ALA A 478 22.56 11.45 2.60
CA ALA A 478 22.34 10.82 1.31
C ALA A 478 23.50 9.88 0.94
N ASN A 481 26.02 8.13 1.30
CA ASN A 481 27.35 7.98 1.86
C ASN A 481 27.39 6.88 2.92
N VAL A 482 28.10 5.81 2.63
CA VAL A 482 28.20 4.65 3.51
C VAL A 482 28.83 4.99 4.85
N LYS A 483 29.97 5.66 4.82
CA LYS A 483 30.69 6.02 6.03
C LYS A 483 29.85 6.91 6.93
N ASP A 484 29.19 7.89 6.34
CA ASP A 484 28.33 8.80 7.07
C ASP A 484 27.16 8.05 7.69
N THR A 485 26.69 7.02 7.01
CA THR A 485 25.60 6.20 7.49
C THR A 485 26.08 5.29 8.63
N ALA A 486 27.19 4.61 8.38
CA ALA A 486 27.74 3.68 9.37
C ALA A 486 28.20 4.38 10.64
N CYS A 487 28.66 5.62 10.52
CA CYS A 487 29.05 6.39 11.69
C CYS A 487 27.82 6.81 12.48
N LEU A 488 26.77 7.18 11.78
CA LEU A 488 25.51 7.54 12.42
C LEU A 488 24.91 6.32 13.11
N ALA A 489 25.10 5.15 12.51
CA ALA A 489 24.61 3.92 13.12
C ALA A 489 25.39 3.62 14.39
N LYS A 490 26.71 3.81 14.32
CA LYS A 490 27.57 3.61 15.48
C LYS A 490 27.26 4.67 16.52
N ALA A 491 26.75 5.80 16.06
CA ALA A 491 26.35 6.88 16.94
C ALA A 491 25.23 6.44 17.85
N TYR A 492 24.12 6.02 17.24
CA TYR A 492 22.96 5.55 17.99
C TYR A 492 23.34 4.37 18.88
N ALA A 493 24.07 3.42 18.31
CA ALA A 493 24.44 2.21 19.02
C ALA A 493 25.17 2.52 20.33
N GLN A 494 26.19 3.37 20.25
CA GLN A 494 26.98 3.70 21.43
C GLN A 494 26.18 4.53 22.42
N MET A 495 25.15 5.22 21.94
CA MET A 495 24.24 5.92 22.84
C MET A 495 23.49 4.90 23.68
N TRP A 496 23.00 3.85 23.01
CA TRP A 496 22.26 2.80 23.68
C TRP A 496 23.10 2.14 24.77
N LEU A 497 24.39 1.99 24.50
CA LEU A 497 25.27 1.31 25.46
C LEU A 497 25.45 2.14 26.73
N LEU A 498 25.40 3.46 26.59
CA LEU A 498 25.61 4.34 27.72
C LEU A 498 24.33 4.60 28.50
N LEU A 499 23.22 4.77 27.79
CA LEU A 499 21.97 5.13 28.45
C LEU A 499 20.99 3.97 28.58
N TYR A 500 20.81 3.21 27.50
CA TYR A 500 19.80 2.16 27.47
C TYR A 500 20.40 0.77 27.38
N PHE A 501 21.56 0.61 28.01
CA PHE A 501 22.23 -0.69 28.13
C PHE A 501 21.35 -1.71 28.82
N HIS A 502 20.46 -1.21 29.67
CA HIS A 502 19.62 -2.06 30.51
C HIS A 502 18.46 -2.66 29.73
N ARG A 503 18.42 -2.38 28.44
CA ARG A 503 17.39 -2.92 27.58
C ARG A 503 17.99 -4.07 26.78
N ARG A 504 17.47 -5.27 27.01
CA ARG A 504 18.07 -6.49 26.46
C ARG A 504 18.33 -6.43 24.95
N ASP A 505 17.36 -5.95 24.19
CA ASP A 505 17.48 -5.89 22.75
C ASP A 505 18.52 -4.86 22.31
N LEU A 506 18.48 -3.70 22.95
CA LEU A 506 19.31 -2.56 22.55
C LEU A 506 20.79 -2.80 22.78
N ARG A 507 21.12 -3.52 23.84
CA ARG A 507 22.50 -3.82 24.16
C ARG A 507 23.07 -4.81 23.15
N LEU A 508 22.28 -5.82 22.80
CA LEU A 508 22.69 -6.79 21.80
C LEU A 508 22.83 -6.16 20.43
N MET A 509 21.93 -5.24 20.11
CA MET A 509 21.93 -4.61 18.80
C MET A 509 23.06 -3.59 18.70
N ALA A 510 23.33 -2.88 19.80
CA ALA A 510 24.37 -1.87 19.81
C ALA A 510 25.75 -2.51 19.67
N ASN A 511 26.01 -3.55 20.45
CA ASN A 511 27.25 -4.30 20.35
C ASN A 511 27.41 -4.91 18.97
N ALA A 512 26.29 -5.31 18.38
CA ALA A 512 26.30 -5.88 17.03
C ALA A 512 26.61 -4.83 15.96
N ILE A 513 26.03 -3.65 16.12
CA ILE A 513 26.26 -2.55 15.19
C ILE A 513 27.69 -2.05 15.29
N CYS A 514 28.17 -1.86 16.52
CA CYS A 514 29.54 -1.43 16.74
C CYS A 514 30.51 -2.44 16.16
N SER A 515 30.14 -3.71 16.27
CA SER A 515 30.96 -4.80 15.77
C SER A 515 30.93 -4.87 14.25
N ALA A 516 29.94 -4.24 13.64
CA ALA A 516 29.79 -4.28 12.18
C ALA A 516 30.26 -2.98 11.54
N VAL A 517 30.76 -2.07 12.37
CA VAL A 517 31.27 -0.79 11.91
C VAL A 517 32.75 -0.65 12.27
N PRO A 518 33.59 -0.30 11.27
CA PRO A 518 35.03 -0.10 11.40
C PRO A 518 35.42 0.58 12.71
N VAL A 519 36.28 -0.07 13.49
CA VAL A 519 36.58 0.37 14.86
C VAL A 519 37.22 1.76 14.90
N ASP A 520 37.88 2.16 13.83
CA ASP A 520 38.56 3.45 13.79
C ASP A 520 37.65 4.57 13.27
N TRP A 521 36.41 4.23 12.95
CA TRP A 521 35.46 5.22 12.47
C TRP A 521 34.82 6.01 13.60
N VAL A 522 34.79 7.33 13.43
CA VAL A 522 34.25 8.23 14.44
C VAL A 522 32.77 8.52 14.20
N PRO A 523 31.93 8.26 15.21
CA PRO A 523 30.49 8.51 15.15
C PRO A 523 30.19 9.95 14.73
N THR A 524 29.13 10.14 13.94
CA THR A 524 28.77 11.47 13.48
C THR A 524 27.27 11.68 13.59
N GLY A 525 26.81 12.90 13.35
CA GLY A 525 25.40 13.21 13.37
C GLY A 525 24.89 13.30 14.80
N ARG A 526 23.59 13.50 14.96
CA ARG A 526 23.01 13.58 16.30
C ARG A 526 21.97 12.48 16.48
N THR A 527 21.90 11.95 17.69
CA THR A 527 21.05 10.81 17.99
C THR A 527 19.79 11.25 18.72
N SER A 528 19.79 12.47 19.25
CA SER A 528 18.64 12.99 19.98
C SER A 528 18.57 14.50 19.94
N TRP A 529 17.37 15.04 20.11
CA TRP A 529 17.15 16.48 20.08
C TRP A 529 16.96 17.06 21.49
N SER A 530 16.82 16.17 22.46
CA SER A 530 16.63 16.57 23.85
C SER A 530 17.84 17.37 24.34
N ILE A 531 17.57 18.48 25.02
CA ILE A 531 18.64 19.35 25.52
C ILE A 531 19.46 18.63 26.60
N HIS A 532 18.93 17.51 27.09
CA HIS A 532 19.59 16.75 28.14
C HIS A 532 20.51 15.67 27.57
N SER A 533 20.62 15.63 26.24
CA SER A 533 21.50 14.68 25.57
C SER A 533 22.87 15.30 25.32
N LYS A 534 23.83 14.93 26.17
CA LYS A 534 25.16 15.55 26.14
C LYS A 534 26.03 15.04 25.00
N GLY A 535 25.95 13.75 24.72
CA GLY A 535 26.70 13.18 23.63
C GLY A 535 28.03 12.60 24.09
N GLU A 536 28.03 11.97 25.26
CA GLU A 536 29.25 11.34 25.78
C GLU A 536 29.63 10.14 24.92
N TRP A 537 28.70 9.70 24.08
CA TRP A 537 28.89 8.50 23.27
C TRP A 537 29.51 8.81 21.91
N MET A 538 29.60 10.09 21.56
CA MET A 538 30.18 10.47 20.28
C MET A 538 31.70 10.35 20.29
N THR A 539 32.20 9.15 20.54
CA THR A 539 33.63 8.96 20.67
C THR A 539 34.07 7.59 20.16
N THR A 540 35.39 7.37 20.17
CA THR A 540 35.98 6.10 19.76
C THR A 540 36.50 5.38 20.99
N GLU A 541 36.41 6.06 22.14
CA GLU A 541 36.83 5.51 23.42
C GLU A 541 36.03 4.25 23.72
N ASP A 542 36.60 3.34 24.49
CA ASP A 542 35.86 2.15 24.88
C ASP A 542 34.69 2.57 25.77
N MET A 543 33.47 2.26 25.33
CA MET A 543 32.27 2.73 26.01
C MET A 543 32.13 2.21 27.44
N LEU A 544 32.82 1.12 27.75
CA LEU A 544 32.81 0.62 29.12
C LEU A 544 33.50 1.63 30.02
N GLN A 545 34.53 2.30 29.50
CA GLN A 545 35.20 3.37 30.25
C GLN A 545 34.28 4.57 30.39
N VAL A 546 33.59 4.90 29.30
CA VAL A 546 32.70 6.07 29.29
C VAL A 546 31.50 5.80 30.18
N TRP A 547 30.98 4.58 30.14
CA TRP A 547 29.90 4.17 31.04
C TRP A 547 30.37 4.31 32.47
N ASN A 548 31.51 3.71 32.76
CA ASN A 548 32.09 3.74 34.10
C ASN A 548 32.36 5.17 34.54
N ARG A 549 32.69 6.02 33.59
CA ARG A 549 32.92 7.44 33.85
C ARG A 549 31.64 8.15 34.25
N VAL A 550 30.55 7.82 33.55
CA VAL A 550 29.28 8.49 33.75
C VAL A 550 28.47 7.95 34.94
N TRP A 551 28.43 6.64 35.07
CA TRP A 551 27.56 5.99 36.07
C TRP A 551 28.23 5.67 37.42
N ILE A 552 29.55 5.78 37.46
CA ILE A 552 30.28 5.49 38.70
C ILE A 552 31.11 6.68 39.15
N GLU A 553 32.10 7.05 38.34
CA GLU A 553 33.04 8.11 38.70
C GLU A 553 32.36 9.45 38.92
N GLU A 554 31.68 9.95 37.89
CA GLU A 554 31.08 11.27 37.94
C GLU A 554 29.64 11.26 38.46
N ASN A 555 29.12 10.08 38.76
CA ASN A 555 27.74 9.96 39.26
C ASN A 555 27.70 10.22 40.76
N GLU A 556 27.27 11.41 41.14
CA GLU A 556 27.33 11.84 42.54
C GLU A 556 26.36 11.12 43.48
N TRP A 557 25.54 10.22 42.93
CA TRP A 557 24.67 9.41 43.78
C TRP A 557 25.23 8.01 43.97
N MET A 558 26.41 7.75 43.43
CA MET A 558 27.07 6.47 43.60
C MET A 558 28.22 6.58 44.59
N MET A 559 27.99 6.14 45.82
CA MET A 559 29.00 6.29 46.86
C MET A 559 30.23 5.42 46.63
N ASP A 560 30.01 4.12 46.43
CA ASP A 560 31.11 3.19 46.19
C ASP A 560 31.63 3.33 44.77
N LYS A 561 32.75 4.04 44.62
CA LYS A 561 33.27 4.38 43.30
C LYS A 561 34.04 3.24 42.63
N THR A 562 33.82 2.02 43.10
CA THR A 562 34.48 0.83 42.54
C THR A 562 34.06 0.58 41.10
N PRO A 563 35.01 0.70 40.15
CA PRO A 563 34.75 0.53 38.71
C PRO A 563 34.16 -0.83 38.35
N ILE A 564 33.44 -0.89 37.23
CA ILE A 564 32.90 -2.15 36.71
C ILE A 564 33.88 -2.79 35.71
N ALA A 565 34.11 -4.09 35.87
CA ALA A 565 35.12 -4.79 35.10
C ALA A 565 34.71 -5.04 33.65
N SER A 566 33.49 -5.52 33.44
CA SER A 566 33.00 -5.84 32.10
C SER A 566 31.48 -5.66 32.00
N TRP A 567 30.96 -5.63 30.78
CA TRP A 567 29.54 -5.46 30.53
C TRP A 567 28.68 -6.52 31.23
N THR A 568 29.25 -7.71 31.42
CA THR A 568 28.51 -8.81 32.06
C THR A 568 28.21 -8.51 33.52
N ASP A 569 28.72 -7.38 34.00
CA ASP A 569 28.45 -6.91 35.36
C ASP A 569 27.44 -5.76 35.33
N VAL A 570 27.17 -5.26 34.14
CA VAL A 570 26.22 -4.16 33.96
C VAL A 570 24.79 -4.70 33.84
N PRO A 571 23.91 -4.26 34.75
CA PRO A 571 22.59 -4.88 34.96
C PRO A 571 21.56 -4.56 33.89
N TYR A 572 20.53 -5.41 33.78
CA TYR A 572 19.37 -5.13 32.96
C TYR A 572 18.16 -4.85 33.85
N VAL A 573 17.09 -4.35 33.25
CA VAL A 573 15.80 -4.25 33.94
C VAL A 573 15.21 -5.66 34.01
N GLY A 574 14.09 -5.81 34.72
CA GLY A 574 13.44 -7.10 34.78
C GLY A 574 12.83 -7.47 33.44
N LYS A 575 12.76 -8.76 33.13
CA LYS A 575 12.19 -9.22 31.87
C LYS A 575 10.77 -8.72 31.71
N ARG A 576 9.98 -8.89 32.78
CA ARG A 576 8.59 -8.45 32.81
C ARG A 576 8.50 -6.96 32.47
N GLU A 577 9.38 -6.16 33.07
CA GLU A 577 9.40 -4.73 32.81
C GLU A 577 9.88 -4.42 31.40
N ASP A 578 10.84 -5.20 30.92
CA ASP A 578 11.43 -4.95 29.60
C ASP A 578 10.42 -5.15 28.47
N ILE A 579 9.67 -6.24 28.55
CA ILE A 579 8.68 -6.58 27.50
C ILE A 579 7.59 -5.52 27.45
N TRP A 580 7.19 -5.04 28.63
CA TRP A 580 6.19 -3.99 28.74
C TRP A 580 6.65 -2.76 27.96
N CYS A 581 7.94 -2.47 28.07
CA CYS A 581 8.50 -1.30 27.40
C CYS A 581 8.99 -1.62 25.99
N GLY A 582 8.50 -2.71 25.41
CA GLY A 582 8.66 -2.94 23.99
C GLY A 582 9.68 -3.98 23.55
N SER A 583 10.23 -4.72 24.50
CA SER A 583 11.27 -5.69 24.16
C SER A 583 10.69 -6.90 23.43
N LEU A 584 11.52 -7.60 22.68
CA LEU A 584 11.05 -8.75 21.92
C LEU A 584 11.58 -10.06 22.49
N ILE A 585 12.15 -10.00 23.69
CA ILE A 585 12.67 -11.21 24.32
C ILE A 585 11.54 -12.20 24.56
N GLY A 586 11.87 -13.49 24.58
CA GLY A 586 10.89 -14.53 24.78
C GLY A 586 10.01 -14.75 23.55
N THR A 587 10.40 -14.14 22.43
CA THR A 587 9.70 -14.38 21.18
C THR A 587 10.57 -15.20 20.24
N ARG A 588 9.94 -15.91 19.32
CA ARG A 588 10.65 -16.75 18.36
C ARG A 588 11.45 -15.91 17.38
N SER A 589 10.82 -14.86 16.84
CA SER A 589 11.44 -14.06 15.79
C SER A 589 12.70 -13.36 16.26
N ARG A 590 12.73 -12.92 17.52
CA ARG A 590 13.93 -12.28 18.05
C ARG A 590 14.96 -13.34 18.38
N ALA A 591 14.48 -14.48 18.87
CA ALA A 591 15.36 -15.57 19.26
C ALA A 591 16.19 -16.03 18.07
N THR A 592 15.54 -16.16 16.93
CA THR A 592 16.23 -16.53 15.70
C THR A 592 17.28 -15.48 15.36
N TRP A 593 16.89 -14.21 15.50
CA TRP A 593 17.77 -13.08 15.20
C TRP A 593 19.01 -13.00 16.08
N ALA A 594 18.84 -13.36 17.35
CA ALA A 594 19.93 -13.24 18.30
C ALA A 594 21.03 -14.26 18.04
N GLU A 595 20.63 -15.45 17.61
CA GLU A 595 21.57 -16.53 17.34
C GLU A 595 22.09 -16.48 15.90
N ASN A 596 21.45 -15.68 15.06
CA ASN A 596 21.94 -15.45 13.71
C ASN A 596 22.45 -14.02 13.56
N ILE A 597 22.85 -13.43 14.68
CA ILE A 597 23.34 -12.06 14.69
C ILE A 597 24.65 -11.93 13.91
N TYR A 598 25.48 -12.97 13.96
CA TYR A 598 26.78 -12.95 13.31
C TYR A 598 26.66 -12.87 11.79
N ALA A 599 25.64 -13.53 11.26
CA ALA A 599 25.37 -13.49 9.83
C ALA A 599 25.09 -12.05 9.41
N ALA A 600 24.36 -11.33 10.25
CA ALA A 600 24.03 -9.95 9.98
C ALA A 600 25.28 -9.07 10.00
N ILE A 601 26.13 -9.31 11.00
CA ILE A 601 27.39 -8.58 11.14
C ILE A 601 28.27 -8.79 9.92
N ASN A 602 28.45 -10.05 9.53
CA ASN A 602 29.30 -10.38 8.40
C ASN A 602 28.80 -9.75 7.11
N GLN A 603 27.50 -9.54 7.00
CA GLN A 603 26.95 -8.89 5.80
C GLN A 603 27.30 -7.41 5.77
N VAL A 604 27.14 -6.75 6.91
CA VAL A 604 27.42 -5.32 6.99
C VAL A 604 28.89 -5.06 6.75
N ARG A 605 29.75 -5.91 7.31
CA ARG A 605 31.18 -5.80 7.09
C ARG A 605 31.52 -5.95 5.60
N ALA A 606 30.87 -6.91 4.95
CA ALA A 606 31.14 -7.20 3.55
C ALA A 606 30.66 -6.08 2.63
N VAL A 607 29.64 -5.36 3.06
CA VAL A 607 29.10 -4.27 2.26
C VAL A 607 29.97 -3.02 2.40
N ILE A 608 30.31 -2.69 3.63
CA ILE A 608 31.13 -1.51 3.91
C ILE A 608 32.51 -1.66 3.27
N GLY A 609 33.10 -2.84 3.41
CA GLY A 609 34.37 -3.14 2.78
C GLY A 609 35.47 -3.53 3.75
N LYS A 610 36.69 -3.64 3.23
CA LYS A 610 37.83 -4.06 4.04
C LYS A 610 38.25 -2.97 5.00
N GLU A 611 37.97 -3.17 6.29
CA GLU A 611 38.42 -2.24 7.31
C GLU A 611 38.75 -3.01 8.58
N ASN A 612 39.12 -2.30 9.64
CA ASN A 612 39.44 -2.95 10.90
C ASN A 612 38.19 -3.14 11.75
N TYR A 613 37.77 -4.39 11.91
CA TYR A 613 36.58 -4.68 12.68
C TYR A 613 36.92 -5.38 14.00
N VAL A 614 36.01 -5.29 14.96
CA VAL A 614 36.19 -5.93 16.26
C VAL A 614 34.89 -6.63 16.65
N ASP A 615 35.00 -7.83 17.18
CA ASP A 615 33.84 -8.58 17.63
C ASP A 615 33.51 -8.25 19.07
N TYR A 616 32.46 -7.44 19.25
CA TYR A 616 32.06 -7.04 20.60
C TYR A 616 31.01 -7.97 21.19
N MET A 617 30.57 -8.96 20.41
CA MET A 617 29.47 -9.83 20.84
C MET A 617 29.86 -10.77 21.96
N THR A 618 31.12 -10.70 22.40
CA THR A 618 31.58 -11.50 23.52
C THR A 618 31.24 -10.85 24.87
N GLN B 5 -3.44 -43.50 -22.19
CA GLN B 5 -2.91 -44.26 -23.32
C GLN B 5 -4.02 -45.01 -24.06
N GLU B 6 -4.87 -45.66 -23.28
CA GLU B 6 -5.94 -46.49 -23.83
C GLU B 6 -7.18 -46.40 -22.97
N LYS B 7 -6.98 -46.34 -21.65
CA LYS B 7 -8.07 -46.34 -20.69
C LYS B 7 -8.72 -44.96 -20.53
N ILE B 8 -8.05 -43.93 -21.04
CA ILE B 8 -8.53 -42.56 -20.88
C ILE B 8 -9.30 -42.10 -22.11
N LYS B 9 -9.39 -42.97 -23.10
CA LYS B 9 -10.09 -42.66 -24.36
C LYS B 9 -11.54 -42.26 -24.12
N LYS B 10 -12.25 -43.06 -23.33
CA LYS B 10 -13.67 -42.84 -23.06
C LYS B 10 -13.93 -41.45 -22.48
N ARG B 11 -12.97 -40.94 -21.69
CA ARG B 11 -13.13 -39.66 -21.03
C ARG B 11 -12.69 -38.47 -21.89
N ILE B 12 -11.63 -38.66 -22.68
CA ILE B 12 -11.13 -37.60 -23.54
C ILE B 12 -12.15 -37.22 -24.61
N GLN B 13 -12.74 -38.23 -25.23
CA GLN B 13 -13.71 -38.03 -26.29
C GLN B 13 -14.92 -37.26 -25.79
N LYS B 14 -15.45 -37.68 -24.65
CA LYS B 14 -16.62 -37.06 -24.04
C LYS B 14 -16.38 -35.60 -23.65
N LEU B 15 -15.12 -35.29 -23.33
CA LEU B 15 -14.76 -33.91 -22.97
C LEU B 15 -14.66 -33.02 -24.19
N LYS B 16 -14.06 -33.53 -25.25
CA LYS B 16 -13.93 -32.78 -26.50
C LYS B 16 -15.29 -32.43 -27.07
N GLU B 17 -16.22 -33.36 -26.97
CA GLU B 17 -17.58 -33.18 -27.48
C GLU B 17 -18.34 -32.06 -26.76
N GLU B 18 -18.35 -32.13 -25.44
CA GLU B 18 -19.11 -31.20 -24.61
C GLU B 18 -18.69 -29.75 -24.82
N PHE B 19 -17.42 -29.55 -25.18
CA PHE B 19 -16.89 -28.21 -25.38
C PHE B 19 -16.22 -28.07 -26.75
N ALA B 20 -16.76 -28.75 -27.75
CA ALA B 20 -16.23 -28.71 -29.12
C ALA B 20 -16.27 -27.31 -29.73
N THR B 21 -17.19 -26.49 -29.23
CA THR B 21 -17.41 -25.15 -29.75
C THR B 21 -16.12 -24.31 -29.80
N THR B 22 -15.50 -24.11 -28.64
CA THR B 22 -14.31 -23.29 -28.55
C THR B 22 -13.06 -24.15 -28.47
N TRP B 23 -13.22 -25.47 -28.63
CA TRP B 23 -12.11 -26.42 -28.55
C TRP B 23 -11.07 -26.14 -29.62
N HIS B 24 -9.81 -26.09 -29.21
CA HIS B 24 -8.70 -25.91 -30.14
C HIS B 24 -7.57 -26.89 -29.79
N LYS B 25 -6.60 -27.00 -30.68
CA LYS B 25 -5.56 -28.01 -30.51
C LYS B 25 -4.16 -27.44 -30.34
N ASP B 26 -3.61 -27.64 -29.14
CA ASP B 26 -2.18 -27.49 -28.86
C ASP B 26 -1.60 -26.08 -28.96
N PRO B 27 -1.79 -25.26 -27.92
CA PRO B 27 -0.91 -24.11 -27.73
C PRO B 27 0.40 -24.61 -27.14
N GLU B 28 1.48 -23.84 -27.28
CA GLU B 28 2.79 -24.19 -26.74
C GLU B 28 2.81 -24.55 -25.24
N HIS B 29 2.01 -25.54 -24.86
CA HIS B 29 1.81 -25.95 -23.47
C HIS B 29 3.12 -26.17 -22.72
N PRO B 30 3.11 -25.89 -21.39
CA PRO B 30 4.31 -26.04 -20.57
C PRO B 30 4.38 -27.39 -19.85
N TYR B 31 3.39 -28.25 -20.08
CA TYR B 31 3.33 -29.56 -19.44
C TYR B 31 4.49 -30.47 -19.85
N ARG B 32 5.12 -31.11 -18.86
CA ARG B 32 6.25 -32.00 -19.12
C ARG B 32 5.96 -33.45 -18.78
N THR B 33 5.36 -33.69 -17.62
CA THR B 33 5.09 -35.05 -17.17
C THR B 33 3.61 -35.40 -17.33
N TRP B 34 2.88 -34.54 -18.04
CA TRP B 34 1.47 -34.76 -18.30
C TRP B 34 1.18 -34.65 -19.79
N THR B 35 0.55 -35.70 -20.33
CA THR B 35 0.23 -35.75 -21.75
C THR B 35 -0.86 -34.74 -22.08
N TYR B 36 -0.54 -33.78 -22.95
CA TYR B 36 -1.49 -32.72 -23.29
C TYR B 36 -2.47 -33.16 -24.37
N HIS B 37 -3.76 -32.89 -24.13
CA HIS B 37 -4.80 -33.28 -25.06
C HIS B 37 -5.39 -32.08 -25.80
N GLY B 38 -5.68 -31.02 -25.06
CA GLY B 38 -6.27 -29.83 -25.64
C GLY B 38 -6.71 -28.84 -24.58
N SER B 39 -7.43 -27.81 -25.01
CA SER B 39 -7.93 -26.79 -24.10
C SER B 39 -9.23 -26.20 -24.61
N TYR B 40 -9.96 -25.52 -23.73
CA TYR B 40 -11.20 -24.85 -24.11
C TYR B 40 -11.47 -23.67 -23.19
N GLU B 41 -12.21 -22.69 -23.70
CA GLU B 41 -12.46 -21.45 -22.98
C GLU B 41 -13.44 -21.65 -21.82
N VAL B 42 -13.14 -21.00 -20.69
CA VAL B 42 -13.99 -21.10 -19.52
C VAL B 42 -14.10 -19.78 -18.76
N LYS B 43 -15.14 -19.66 -17.96
CA LYS B 43 -15.31 -18.51 -17.07
C LYS B 43 -14.34 -18.64 -15.91
N ALA B 44 -13.47 -17.65 -15.74
CA ALA B 44 -12.48 -17.71 -14.66
C ALA B 44 -13.13 -17.63 -13.28
N THR B 45 -12.45 -18.16 -12.28
CA THR B 45 -12.93 -18.11 -10.91
C THR B 45 -11.85 -17.51 -10.01
N GLY B 46 -11.37 -16.33 -10.37
CA GLY B 46 -10.35 -15.64 -9.60
C GLY B 46 -10.79 -14.27 -9.12
N LEU B 51 -13.79 -10.19 2.27
CA LEU B 51 -13.74 -11.49 2.93
C LEU B 51 -13.04 -11.42 4.30
N VAL B 52 -13.51 -10.52 5.16
CA VAL B 52 -12.98 -10.36 6.50
C VAL B 52 -14.09 -10.42 7.56
N ASN B 53 -13.94 -11.31 8.53
CA ASN B 53 -14.91 -11.44 9.60
C ASN B 53 -14.82 -10.22 10.51
N GLY B 54 -15.76 -9.29 10.33
CA GLY B 54 -15.77 -8.05 11.07
C GLY B 54 -15.85 -8.22 12.57
N VAL B 55 -16.55 -9.27 13.00
CA VAL B 55 -16.76 -9.51 14.43
C VAL B 55 -15.44 -9.83 15.12
N VAL B 56 -14.71 -10.79 14.57
CA VAL B 56 -13.42 -11.18 15.15
C VAL B 56 -12.40 -10.04 15.09
N LYS B 57 -12.35 -9.33 13.97
CA LYS B 57 -11.43 -8.21 13.80
C LYS B 57 -11.61 -7.12 14.84
N LEU B 58 -12.88 -6.85 15.18
CA LEU B 58 -13.20 -5.77 16.11
C LEU B 58 -12.80 -6.16 17.53
N MET B 59 -12.83 -7.46 17.82
CA MET B 59 -12.50 -7.93 19.15
C MET B 59 -11.01 -8.22 19.24
N SER B 60 -10.32 -8.06 18.11
CA SER B 60 -8.89 -8.35 18.06
C SER B 60 -8.12 -7.13 17.56
N LYS B 61 -8.42 -5.98 18.15
CA LYS B 61 -7.80 -4.72 17.77
C LYS B 61 -6.26 -4.68 17.83
N PRO B 62 -5.65 -5.29 18.86
CA PRO B 62 -4.18 -5.24 18.89
C PRO B 62 -3.55 -5.96 17.70
N TRP B 63 -4.22 -6.99 17.20
CA TRP B 63 -3.68 -7.80 16.11
C TRP B 63 -3.82 -7.12 14.76
N ASP B 64 -4.37 -5.91 14.75
CA ASP B 64 -4.42 -5.11 13.53
C ASP B 64 -3.01 -4.69 13.13
N ALA B 65 -2.11 -4.66 14.11
CA ALA B 65 -0.75 -4.22 13.87
C ALA B 65 0.20 -5.38 13.60
N ILE B 66 -0.28 -6.60 13.81
CA ILE B 66 0.56 -7.78 13.64
C ILE B 66 0.58 -8.25 12.19
N ALA B 67 1.77 -8.27 11.61
CA ALA B 67 1.95 -8.61 10.20
C ALA B 67 1.49 -10.03 9.89
N ASN B 68 1.84 -10.96 10.76
CA ASN B 68 1.52 -12.38 10.57
C ASN B 68 0.02 -12.63 10.47
N VAL B 69 -0.78 -11.75 11.07
CA VAL B 69 -2.23 -11.89 11.10
C VAL B 69 -2.90 -11.16 9.95
N THR B 70 -2.51 -9.91 9.75
CA THR B 70 -3.13 -9.05 8.75
C THR B 70 -2.74 -9.42 7.33
N THR B 71 -1.52 -9.93 7.17
CA THR B 71 -1.00 -10.28 5.85
C THR B 71 -1.26 -11.74 5.50
N MET B 72 -2.21 -12.35 6.21
CA MET B 72 -2.49 -13.77 6.00
C MET B 72 -3.40 -14.06 4.81
N ALA B 73 -2.96 -14.99 3.98
CA ALA B 73 -3.77 -15.56 2.92
C ALA B 73 -3.16 -16.90 2.54
N MET B 74 -4.01 -17.87 2.26
CA MET B 74 -3.57 -19.22 1.90
C MET B 74 -4.49 -19.76 0.83
N THR B 75 -5.36 -18.88 0.33
CA THR B 75 -6.34 -19.25 -0.66
C THR B 75 -5.89 -18.76 -2.04
N ASP B 76 -6.12 -19.57 -3.06
CA ASP B 76 -5.78 -19.17 -4.42
C ASP B 76 -6.53 -20.03 -5.44
N THR B 77 -7.74 -19.60 -5.75
CA THR B 77 -8.58 -20.28 -6.72
C THR B 77 -8.38 -19.65 -8.09
N THR B 78 -7.58 -18.60 -8.13
CA THR B 78 -7.30 -17.88 -9.37
C THR B 78 -6.58 -18.78 -10.36
N PRO B 79 -6.92 -18.64 -11.66
CA PRO B 79 -6.31 -19.45 -12.74
C PRO B 79 -4.79 -19.30 -12.74
N PHE B 80 -4.30 -18.12 -12.41
CA PHE B 80 -2.87 -17.86 -12.36
C PHE B 80 -2.19 -18.75 -11.33
N GLY B 81 -2.84 -18.90 -10.18
CA GLY B 81 -2.33 -19.73 -9.10
C GLY B 81 -2.41 -21.21 -9.44
N GLN B 82 -3.44 -21.59 -10.19
CA GLN B 82 -3.62 -22.97 -10.58
C GLN B 82 -2.44 -23.48 -11.39
N GLN B 83 -1.92 -22.61 -12.25
CA GLN B 83 -0.78 -22.95 -13.09
C GLN B 83 0.51 -23.04 -12.28
N ARG B 84 0.64 -22.16 -11.28
CA ARG B 84 1.87 -22.10 -10.48
C ARG B 84 2.09 -23.35 -9.63
N VAL B 85 1.01 -23.85 -9.02
CA VAL B 85 1.12 -25.01 -8.14
C VAL B 85 1.26 -26.28 -8.97
N PHE B 86 0.70 -26.26 -10.18
CA PHE B 86 0.72 -27.41 -11.05
C PHE B 86 2.12 -27.59 -11.62
N LYS B 87 2.73 -26.47 -11.99
CA LYS B 87 4.07 -26.46 -12.57
C LYS B 87 5.12 -26.97 -11.58
N GLU B 88 5.04 -26.53 -10.33
CA GLU B 88 6.06 -26.84 -9.35
C GLU B 88 5.78 -28.09 -8.52
N LYS B 89 4.50 -28.47 -8.39
CA LYS B 89 4.15 -29.57 -7.50
C LYS B 89 3.26 -30.67 -8.10
N VAL B 90 2.83 -30.50 -9.34
CA VAL B 90 2.01 -31.54 -9.99
C VAL B 90 2.67 -32.06 -11.26
N ASP B 91 3.28 -31.16 -12.03
CA ASP B 91 4.04 -31.55 -13.21
C ASP B 91 5.41 -32.07 -12.76
N THR B 92 5.40 -33.05 -11.86
CA THR B 92 6.61 -33.62 -11.31
C THR B 92 6.44 -35.11 -11.04
N LYS B 93 7.53 -35.86 -11.16
CA LYS B 93 7.48 -37.30 -10.96
C LYS B 93 8.65 -37.81 -10.12
N ALA B 94 8.33 -38.64 -9.12
CA ALA B 94 9.36 -39.25 -8.27
C ALA B 94 9.90 -40.51 -8.92
N PRO B 95 11.23 -40.65 -8.96
CA PRO B 95 11.91 -41.80 -9.57
C PRO B 95 11.68 -43.11 -8.80
N GLU B 96 11.63 -44.22 -9.51
CA GLU B 96 11.43 -45.53 -8.90
C GLU B 96 12.68 -45.98 -8.14
N PRO B 97 12.47 -46.60 -6.96
CA PRO B 97 13.55 -47.13 -6.14
C PRO B 97 14.24 -48.33 -6.81
N PRO B 98 15.51 -48.60 -6.46
CA PRO B 98 16.25 -49.71 -7.07
C PRO B 98 15.64 -51.07 -6.72
N ALA B 99 16.14 -52.13 -7.37
CA ALA B 99 15.56 -53.46 -7.23
C ALA B 99 15.53 -53.94 -5.78
N GLY B 100 16.62 -53.70 -5.04
CA GLY B 100 16.71 -54.09 -3.66
C GLY B 100 15.66 -53.45 -2.77
N VAL B 101 15.53 -52.14 -2.89
CA VAL B 101 14.59 -51.37 -2.08
C VAL B 101 13.14 -51.80 -2.32
N ARG B 102 12.78 -52.02 -3.58
CA ARG B 102 11.44 -52.46 -3.96
C ARG B 102 11.01 -53.70 -3.21
N GLU B 103 11.98 -54.59 -2.96
CA GLU B 103 11.71 -55.86 -2.29
C GLU B 103 11.49 -55.66 -0.79
N VAL B 104 12.24 -54.74 -0.20
CA VAL B 104 12.11 -54.47 1.23
C VAL B 104 10.73 -53.88 1.53
N LEU B 105 10.24 -53.02 0.65
CA LEU B 105 8.90 -52.47 0.80
C LEU B 105 7.86 -53.57 0.63
N ASN B 106 8.15 -54.51 -0.26
CA ASN B 106 7.22 -55.60 -0.54
C ASN B 106 6.94 -56.44 0.71
N GLU B 107 8.00 -56.84 1.40
CA GLU B 107 7.86 -57.61 2.64
C GLU B 107 7.17 -56.77 3.71
N THR B 108 7.53 -55.49 3.76
CA THR B 108 7.01 -54.58 4.77
C THR B 108 5.51 -54.33 4.58
N THR B 109 5.10 -54.06 3.35
CA THR B 109 3.70 -53.80 3.07
C THR B 109 2.88 -55.07 3.23
N ASN B 110 3.50 -56.21 2.94
CA ASN B 110 2.84 -57.50 3.13
C ASN B 110 2.52 -57.74 4.59
N TRP B 111 3.49 -57.47 5.46
CA TRP B 111 3.31 -57.66 6.88
C TRP B 111 2.24 -56.72 7.40
N LEU B 112 2.22 -55.51 6.86
CA LEU B 112 1.32 -54.46 7.31
C LEU B 112 -0.13 -54.79 6.98
N TRP B 113 -0.37 -55.17 5.72
CA TRP B 113 -1.71 -55.58 5.31
C TRP B 113 -2.22 -56.74 6.15
N ALA B 114 -1.32 -57.65 6.50
CA ALA B 114 -1.67 -58.77 7.35
C ALA B 114 -2.12 -58.28 8.72
N HIS B 115 -1.44 -57.25 9.22
CA HIS B 115 -1.75 -56.71 10.54
C HIS B 115 -3.03 -55.87 10.54
N LEU B 116 -3.29 -55.17 9.44
CA LEU B 116 -4.50 -54.35 9.34
C LEU B 116 -5.73 -55.24 9.11
N SER B 117 -5.51 -56.34 8.39
CA SER B 117 -6.59 -57.24 8.02
C SER B 117 -6.64 -58.47 8.91
N ARG B 118 -6.15 -58.34 10.14
CA ARG B 118 -6.11 -59.47 11.06
C ARG B 118 -7.47 -59.75 11.70
N GLU B 119 -8.31 -58.72 11.77
CA GLU B 119 -9.59 -58.87 12.45
C GLU B 119 -10.75 -58.30 11.62
N LYS B 120 -10.56 -57.12 11.04
CA LYS B 120 -11.59 -56.50 10.23
C LYS B 120 -11.70 -57.19 8.87
N ARG B 121 -12.92 -57.27 8.36
CA ARG B 121 -13.15 -57.81 7.03
C ARG B 121 -13.76 -56.74 6.12
N PRO B 122 -13.25 -56.63 4.88
CA PRO B 122 -13.71 -55.60 3.96
C PRO B 122 -15.20 -55.73 3.64
N ARG B 123 -15.80 -54.62 3.18
CA ARG B 123 -17.22 -54.60 2.85
C ARG B 123 -17.57 -53.34 2.06
N LEU B 124 -18.58 -53.46 1.20
CA LEU B 124 -19.08 -52.32 0.45
C LEU B 124 -19.82 -51.35 1.35
N CYS B 125 -19.86 -50.08 0.94
CA CYS B 125 -20.64 -49.08 1.64
C CYS B 125 -21.97 -48.90 0.91
N THR B 126 -22.96 -48.34 1.59
CA THR B 126 -24.30 -48.25 1.02
C THR B 126 -24.68 -46.82 0.65
N LYS B 127 -25.77 -46.71 -0.13
CA LYS B 127 -26.29 -45.42 -0.57
C LYS B 127 -26.76 -44.61 0.63
N GLU B 128 -27.47 -45.25 1.55
CA GLU B 128 -27.95 -44.58 2.76
C GLU B 128 -26.77 -44.11 3.60
N GLU B 129 -25.70 -44.91 3.58
CA GLU B 129 -24.50 -44.61 4.36
C GLU B 129 -23.85 -43.33 3.82
N PHE B 130 -23.85 -43.21 2.49
CA PHE B 130 -23.31 -42.04 1.81
C PHE B 130 -24.09 -40.77 2.20
N ILE B 131 -25.41 -40.86 2.11
CA ILE B 131 -26.29 -39.73 2.40
C ILE B 131 -26.17 -39.24 3.84
N LYS B 132 -26.11 -40.19 4.78
CA LYS B 132 -25.96 -39.88 6.20
C LYS B 132 -24.72 -39.05 6.47
N LYS B 133 -23.68 -39.29 5.66
CA LYS B 133 -22.40 -38.62 5.83
C LYS B 133 -22.46 -37.17 5.37
N VAL B 134 -23.22 -36.91 4.31
CA VAL B 134 -23.32 -35.57 3.73
C VAL B 134 -23.93 -34.55 4.70
N ASN B 135 -25.01 -34.94 5.37
CA ASN B 135 -25.70 -34.06 6.30
C ASN B 135 -24.91 -33.85 7.60
N ALA B 153 -24.75 -30.17 -2.17
CA ALA B 153 -24.59 -31.57 -1.82
C ALA B 153 -25.91 -32.17 -1.36
N ARG B 154 -26.61 -31.45 -0.49
CA ARG B 154 -27.91 -31.89 0.00
C ARG B 154 -28.94 -31.96 -1.12
N GLU B 155 -28.88 -30.99 -2.03
CA GLU B 155 -29.81 -30.94 -3.15
C GLU B 155 -29.40 -31.90 -4.27
N ALA B 156 -28.33 -32.65 -4.04
CA ALA B 156 -27.92 -33.67 -5.00
C ALA B 156 -28.44 -35.03 -4.59
N VAL B 157 -28.28 -35.36 -3.31
CA VAL B 157 -28.70 -36.65 -2.79
C VAL B 157 -30.22 -36.77 -2.73
N ASN B 158 -30.90 -35.62 -2.77
CA ASN B 158 -32.35 -35.61 -2.71
C ASN B 158 -32.95 -35.63 -4.12
N ASP B 159 -32.08 -35.67 -5.12
CA ASP B 159 -32.52 -35.78 -6.51
C ASP B 159 -32.29 -37.19 -7.03
N PRO B 160 -33.37 -37.96 -7.23
CA PRO B 160 -33.31 -39.32 -7.76
C PRO B 160 -32.74 -39.37 -9.18
N ARG B 161 -32.77 -38.23 -9.87
CA ARG B 161 -32.20 -38.14 -11.22
C ARG B 161 -30.69 -38.35 -11.18
N PHE B 162 -30.07 -37.85 -10.12
CA PHE B 162 -28.63 -37.98 -9.90
C PHE B 162 -28.14 -39.42 -9.78
N TRP B 163 -28.86 -40.24 -9.03
CA TRP B 163 -28.44 -41.61 -8.75
C TRP B 163 -28.55 -42.52 -9.96
N GLU B 164 -29.24 -42.07 -11.00
CA GLU B 164 -29.37 -42.82 -12.23
C GLU B 164 -28.06 -42.77 -13.03
N MET B 165 -27.43 -41.60 -13.02
CA MET B 165 -26.15 -41.40 -13.70
C MET B 165 -25.09 -42.33 -13.13
N VAL B 166 -25.09 -42.46 -11.79
CA VAL B 166 -24.18 -43.35 -11.09
C VAL B 166 -24.40 -44.80 -11.50
N ASP B 167 -25.66 -45.23 -11.48
CA ASP B 167 -26.03 -46.59 -11.85
C ASP B 167 -25.54 -46.93 -13.25
N GLU B 168 -25.53 -45.91 -14.12
CA GLU B 168 -24.97 -46.04 -15.45
C GLU B 168 -23.46 -46.24 -15.37
N GLU B 169 -22.83 -45.46 -14.50
CA GLU B 169 -21.38 -45.46 -14.39
C GLU B 169 -20.83 -46.75 -13.77
N ARG B 170 -21.58 -47.35 -12.85
CA ARG B 170 -21.16 -48.60 -12.21
C ARG B 170 -20.97 -49.70 -13.23
N GLU B 171 -21.85 -49.75 -14.22
CA GLU B 171 -21.77 -50.77 -15.26
C GLU B 171 -20.60 -50.47 -16.18
N ASN B 172 -20.26 -49.19 -16.30
CA ASN B 172 -19.09 -48.81 -17.06
C ASN B 172 -17.84 -49.29 -16.33
N HIS B 173 -17.85 -49.19 -15.00
CA HIS B 173 -16.74 -49.66 -14.18
C HIS B 173 -16.68 -51.18 -14.16
N LEU B 174 -17.84 -51.81 -14.00
CA LEU B 174 -17.92 -53.28 -14.01
C LEU B 174 -17.50 -53.85 -15.36
N ARG B 175 -17.62 -53.03 -16.41
CA ARG B 175 -17.20 -53.42 -17.75
C ARG B 175 -15.71 -53.14 -17.91
N GLY B 176 -15.18 -52.28 -17.05
CA GLY B 176 -13.78 -51.91 -17.12
C GLY B 176 -13.57 -50.65 -17.93
N GLU B 177 -14.51 -49.71 -17.81
CA GLU B 177 -14.41 -48.44 -18.50
C GLU B 177 -14.67 -47.29 -17.52
N CYS B 178 -14.05 -46.14 -17.77
CA CYS B 178 -14.28 -44.95 -16.97
C CYS B 178 -14.78 -43.82 -17.88
N HIS B 179 -15.92 -43.24 -17.53
CA HIS B 179 -16.56 -42.27 -18.42
C HIS B 179 -16.64 -40.86 -17.83
N THR B 180 -17.03 -40.77 -16.55
CA THR B 180 -17.31 -39.48 -15.95
C THR B 180 -16.37 -39.12 -14.80
N CYS B 181 -15.67 -40.10 -14.25
CA CYS B 181 -14.78 -39.86 -13.11
C CYS B 181 -13.56 -39.05 -13.54
N ILE B 182 -13.65 -37.73 -13.36
CA ILE B 182 -12.59 -36.82 -13.77
C ILE B 182 -12.19 -35.88 -12.63
N TYR B 183 -10.88 -35.69 -12.44
CA TYR B 183 -10.38 -34.81 -11.41
C TYR B 183 -10.30 -33.37 -11.92
N ASN B 184 -10.56 -32.41 -11.05
CA ASN B 184 -10.44 -31.00 -11.41
C ASN B 184 -9.55 -30.23 -10.44
N MET B 185 -8.52 -29.59 -10.97
CA MET B 185 -7.57 -28.85 -10.15
C MET B 185 -8.08 -27.44 -9.87
N MET B 186 -8.67 -27.24 -8.70
CA MET B 186 -9.34 -25.98 -8.38
C MET B 186 -8.38 -24.83 -8.08
N GLY B 187 -7.34 -25.11 -7.30
CA GLY B 187 -6.38 -24.08 -6.93
C GLY B 187 -5.26 -24.59 -6.04
N LYS B 188 -4.62 -23.67 -5.33
CA LYS B 188 -3.48 -24.00 -4.49
C LYS B 188 -3.70 -23.61 -3.03
N ARG B 189 -3.21 -24.46 -2.13
CA ARG B 189 -3.25 -24.17 -0.72
C ARG B 189 -1.80 -24.02 -0.26
N GLU B 190 -1.43 -22.87 0.29
CA GLU B 190 -0.02 -22.66 0.65
C GLU B 190 0.19 -21.86 1.93
N LYS B 191 0.99 -22.42 2.84
CA LYS B 191 1.35 -21.74 4.07
C LYS B 191 2.71 -21.07 3.92
N LYS B 192 2.74 -19.75 4.01
CA LYS B 192 4.01 -19.02 3.97
C LYS B 192 4.89 -19.42 5.16
N PRO B 193 6.06 -19.99 4.87
CA PRO B 193 6.96 -20.57 5.88
C PRO B 193 7.52 -19.51 6.81
N GLY B 194 8.17 -19.97 7.88
CA GLY B 194 8.72 -19.06 8.87
C GLY B 194 8.63 -19.66 10.26
N GLU B 195 8.44 -18.80 11.26
CA GLU B 195 8.57 -19.21 12.65
C GLU B 195 7.51 -20.23 13.06
N PHE B 196 6.26 -19.80 13.12
CA PHE B 196 5.20 -20.58 13.75
C PHE B 196 4.83 -21.85 12.97
N GLY B 197 5.18 -23.00 13.56
CA GLY B 197 4.87 -24.30 12.98
C GLY B 197 5.80 -24.76 11.87
N LYS B 198 5.75 -26.05 11.57
CA LYS B 198 6.53 -26.64 10.48
C LYS B 198 6.07 -26.12 9.12
N ALA B 199 7.03 -25.74 8.28
CA ALA B 199 6.72 -25.09 7.01
C ALA B 199 6.17 -26.08 5.99
N LYS B 200 4.85 -26.30 6.01
CA LYS B 200 4.22 -27.17 5.04
C LYS B 200 4.29 -26.52 3.66
N GLY B 201 4.72 -27.28 2.66
CA GLY B 201 4.80 -26.76 1.31
C GLY B 201 3.44 -26.58 0.69
N SER B 202 3.40 -26.18 -0.57
CA SER B 202 2.14 -26.03 -1.28
C SER B 202 1.59 -27.41 -1.66
N ARG B 203 0.27 -27.53 -1.66
CA ARG B 203 -0.40 -28.77 -2.04
C ARG B 203 -1.61 -28.44 -2.90
N ALA B 204 -1.96 -29.36 -3.80
CA ALA B 204 -3.03 -29.11 -4.76
C ALA B 204 -4.39 -29.58 -4.25
N ILE B 205 -5.42 -28.83 -4.57
CA ILE B 205 -6.77 -29.14 -4.15
C ILE B 205 -7.59 -29.75 -5.28
N TRP B 206 -7.93 -31.03 -5.15
CA TRP B 206 -8.66 -31.73 -6.18
C TRP B 206 -10.12 -31.93 -5.77
N PHE B 207 -11.05 -31.49 -6.62
CA PHE B 207 -12.46 -31.77 -6.42
C PHE B 207 -12.98 -32.60 -7.58
N MET B 208 -14.04 -33.35 -7.34
CA MET B 208 -14.64 -34.19 -8.38
C MET B 208 -16.16 -34.11 -8.37
N TRP B 209 -16.76 -34.64 -9.43
CA TRP B 209 -18.21 -34.78 -9.51
C TRP B 209 -18.71 -35.66 -8.37
N LEU B 210 -19.69 -35.17 -7.63
CA LEU B 210 -20.21 -35.86 -6.45
C LEU B 210 -20.62 -37.31 -6.71
N GLY B 211 -21.00 -37.62 -7.93
CA GLY B 211 -21.37 -38.98 -8.30
C GLY B 211 -20.17 -39.92 -8.24
N ALA B 212 -19.02 -39.39 -8.63
CA ALA B 212 -17.78 -40.16 -8.57
C ALA B 212 -17.36 -40.38 -7.12
N ARG B 213 -17.86 -39.52 -6.24
CA ARG B 213 -17.57 -39.62 -4.82
C ARG B 213 -18.32 -40.77 -4.15
N TYR B 214 -19.53 -41.06 -4.62
CA TYR B 214 -20.26 -42.21 -4.08
C TYR B 214 -19.56 -43.49 -4.50
N LEU B 215 -19.17 -43.56 -5.77
CA LEU B 215 -18.25 -44.59 -6.24
C LEU B 215 -16.94 -44.35 -5.51
N GLU B 216 -16.04 -45.32 -5.55
CA GLU B 216 -14.78 -45.25 -4.80
C GLU B 216 -15.04 -45.33 -3.29
N PHE B 217 -15.97 -44.53 -2.79
CA PHE B 217 -16.43 -44.66 -1.40
C PHE B 217 -17.17 -45.98 -1.22
N GLU B 218 -17.96 -46.36 -2.22
CA GLU B 218 -18.68 -47.62 -2.16
C GLU B 218 -17.69 -48.77 -2.15
N ALA B 219 -16.61 -48.60 -2.90
CA ALA B 219 -15.62 -49.65 -3.09
C ALA B 219 -14.58 -49.68 -1.97
N LEU B 220 -14.14 -48.50 -1.54
CA LEU B 220 -12.99 -48.40 -0.64
C LEU B 220 -13.27 -47.62 0.64
N GLY B 221 -14.52 -47.26 0.87
CA GLY B 221 -14.87 -46.46 2.04
C GLY B 221 -14.71 -47.19 3.37
N PHE B 222 -14.60 -48.51 3.31
CA PHE B 222 -14.50 -49.32 4.53
C PHE B 222 -13.27 -48.99 5.37
N LEU B 223 -12.21 -48.51 4.70
CA LEU B 223 -10.98 -48.16 5.39
C LEU B 223 -11.20 -47.02 6.38
N ASN B 224 -12.05 -46.06 5.99
CA ASN B 224 -12.35 -44.93 6.85
C ASN B 224 -13.52 -45.20 7.79
N GLU B 225 -14.62 -45.71 7.23
CA GLU B 225 -15.84 -45.94 8.00
C GLU B 225 -15.70 -47.01 9.07
N ASP B 226 -14.83 -47.99 8.81
CA ASP B 226 -14.59 -49.03 9.81
C ASP B 226 -13.31 -48.74 10.60
N HIS B 227 -12.75 -47.56 10.39
CA HIS B 227 -11.56 -47.10 11.11
C HIS B 227 -10.42 -48.11 11.02
N TRP B 228 -10.06 -48.47 9.79
CA TRP B 228 -9.01 -49.46 9.54
C TRP B 228 -7.65 -49.03 10.07
N LEU B 229 -7.42 -47.73 10.11
CA LEU B 229 -6.13 -47.19 10.55
C LEU B 229 -6.23 -46.53 11.92
N SER B 230 -7.23 -46.92 12.70
CA SER B 230 -7.34 -46.47 14.08
C SER B 230 -6.15 -47.01 14.84
N ARG B 231 -5.79 -46.34 15.94
CA ARG B 231 -4.61 -46.72 16.70
C ARG B 231 -4.73 -48.16 17.22
N GLU B 232 -5.95 -48.57 17.56
CA GLU B 232 -6.19 -49.94 17.99
C GLU B 232 -5.86 -50.95 16.89
N ASN B 233 -6.29 -50.66 15.67
CA ASN B 233 -6.16 -51.60 14.56
C ASN B 233 -4.80 -51.56 13.85
N SER B 234 -4.19 -50.39 13.78
CA SER B 234 -2.96 -50.24 13.02
C SER B 234 -1.72 -50.13 13.91
N GLY B 235 -1.93 -49.70 15.16
CA GLY B 235 -0.84 -49.56 16.09
C GLY B 235 -0.14 -48.22 16.00
N GLY B 236 0.13 -47.78 14.76
CA GLY B 236 0.82 -46.53 14.54
C GLY B 236 -0.07 -45.36 14.16
N GLY B 237 -1.14 -45.64 13.43
CA GLY B 237 -2.03 -44.58 12.97
C GLY B 237 -2.85 -43.95 14.08
N VAL B 238 -3.64 -42.94 13.73
CA VAL B 238 -4.48 -42.25 14.69
C VAL B 238 -5.83 -41.84 14.11
N GLU B 239 -6.26 -42.53 13.05
CA GLU B 239 -7.50 -42.16 12.35
C GLU B 239 -8.68 -42.15 13.31
N GLY B 240 -9.38 -41.02 13.36
CA GLY B 240 -10.56 -40.88 14.17
C GLY B 240 -10.29 -40.21 15.51
N SER B 241 -9.03 -40.26 15.95
CA SER B 241 -8.67 -39.65 17.22
C SER B 241 -8.77 -38.14 17.11
N GLY B 242 -9.36 -37.51 18.12
CA GLY B 242 -9.49 -36.07 18.13
C GLY B 242 -8.16 -35.44 18.48
N VAL B 243 -8.01 -34.16 18.16
CA VAL B 243 -6.74 -33.48 18.39
C VAL B 243 -6.41 -33.39 19.88
N GLN B 244 -7.43 -33.55 20.73
CA GLN B 244 -7.23 -33.54 22.18
C GLN B 244 -6.59 -34.84 22.66
N LYS B 245 -6.70 -35.89 21.85
CA LYS B 245 -6.15 -37.19 22.20
C LYS B 245 -4.69 -37.28 21.80
N LEU B 246 -4.34 -36.57 20.72
CA LEU B 246 -3.03 -36.67 20.09
C LEU B 246 -1.86 -36.38 21.04
N GLY B 247 -2.07 -35.44 21.97
CA GLY B 247 -1.04 -35.10 22.93
C GLY B 247 -0.65 -36.27 23.81
N TYR B 248 -1.65 -36.85 24.45
CA TYR B 248 -1.45 -37.99 25.34
C TYR B 248 -0.75 -39.13 24.61
N ILE B 249 -1.15 -39.35 23.35
CA ILE B 249 -0.57 -40.40 22.53
C ILE B 249 0.94 -40.22 22.34
N LEU B 250 1.35 -38.98 22.07
CA LEU B 250 2.76 -38.66 21.89
C LEU B 250 3.52 -38.84 23.20
N ARG B 251 2.82 -38.68 24.32
CA ARG B 251 3.44 -38.82 25.63
C ARG B 251 3.67 -40.29 25.95
N ASP B 252 2.73 -41.13 25.56
CA ASP B 252 2.83 -42.57 25.76
C ASP B 252 4.06 -43.10 25.03
N ILE B 253 4.30 -42.57 23.84
CA ILE B 253 5.47 -42.93 23.05
C ILE B 253 6.72 -42.54 23.80
N ALA B 254 6.71 -41.34 24.39
CA ALA B 254 7.86 -40.85 25.13
C ALA B 254 8.13 -41.68 26.38
N GLY B 255 7.08 -42.29 26.91
CA GLY B 255 7.21 -43.13 28.09
C GLY B 255 7.99 -44.39 27.80
N LYS B 256 7.97 -44.81 26.53
CA LYS B 256 8.70 -45.99 26.11
C LYS B 256 10.21 -45.75 26.17
N GLN B 257 10.98 -46.83 26.29
CA GLN B 257 12.43 -46.72 26.29
C GLN B 257 12.94 -46.61 24.86
N GLY B 258 13.91 -45.74 24.64
CA GLY B 258 14.47 -45.55 23.31
C GLY B 258 15.29 -44.28 23.22
N GLY B 259 15.59 -43.86 21.99
CA GLY B 259 16.36 -42.65 21.76
C GLY B 259 15.49 -41.42 21.66
N LYS B 260 15.99 -40.40 20.96
CA LYS B 260 15.24 -39.17 20.77
C LYS B 260 14.01 -39.40 19.90
N MET B 261 13.05 -38.48 19.96
CA MET B 261 11.87 -38.56 19.14
C MET B 261 12.06 -37.78 17.84
N TYR B 262 11.73 -38.43 16.73
CA TYR B 262 11.95 -37.84 15.41
C TYR B 262 10.63 -37.57 14.71
N ALA B 263 10.60 -36.48 13.95
CA ALA B 263 9.41 -36.10 13.18
C ALA B 263 9.85 -35.39 11.92
N ASP B 264 10.41 -36.14 10.98
CA ASP B 264 10.88 -35.57 9.73
C ASP B 264 9.73 -35.37 8.75
N ASP B 265 9.59 -34.15 8.24
CA ASP B 265 8.57 -33.84 7.26
C ASP B 265 9.03 -34.27 5.87
N THR B 266 8.12 -34.86 5.10
CA THR B 266 8.44 -35.29 3.75
C THR B 266 8.15 -34.14 2.78
N ALA B 267 9.14 -33.82 1.94
CA ALA B 267 9.03 -32.70 1.02
C ALA B 267 7.99 -32.92 -0.06
N GLY B 268 6.77 -32.43 0.17
CA GLY B 268 5.69 -32.57 -0.80
C GLY B 268 5.36 -34.03 -0.97
N TRP B 269 4.72 -34.60 0.04
CA TRP B 269 4.45 -36.04 0.09
C TRP B 269 3.75 -36.58 -1.15
N ASP B 270 2.69 -35.89 -1.57
CA ASP B 270 1.86 -36.36 -2.68
C ASP B 270 2.63 -36.41 -3.99
N THR B 271 3.63 -35.54 -4.12
CA THR B 271 4.41 -35.46 -5.35
C THR B 271 5.46 -36.56 -5.40
N ARG B 272 5.78 -37.12 -4.25
CA ARG B 272 6.83 -38.13 -4.15
C ARG B 272 6.30 -39.52 -3.81
N ILE B 273 5.02 -39.74 -4.09
CA ILE B 273 4.47 -41.09 -4.02
C ILE B 273 4.89 -41.81 -5.30
N THR B 274 5.62 -42.91 -5.15
CA THR B 274 6.12 -43.63 -6.30
C THR B 274 5.09 -44.65 -6.79
N ARG B 275 5.26 -45.10 -8.03
CA ARG B 275 4.40 -46.12 -8.60
C ARG B 275 4.59 -47.40 -7.80
N THR B 276 5.82 -47.61 -7.32
CA THR B 276 6.15 -48.77 -6.48
C THR B 276 5.30 -48.75 -5.22
N ASP B 277 5.19 -47.57 -4.62
CA ASP B 277 4.34 -47.39 -3.44
C ASP B 277 2.89 -47.60 -3.84
N LEU B 278 2.53 -47.09 -5.03
CA LEU B 278 1.17 -47.19 -5.54
C LEU B 278 0.75 -48.65 -5.77
N GLU B 279 1.66 -49.43 -6.34
CA GLU B 279 1.39 -50.85 -6.59
C GLU B 279 1.15 -51.60 -5.28
N ASN B 280 1.99 -51.34 -4.29
CA ASN B 280 1.85 -51.97 -2.97
C ASN B 280 0.54 -51.57 -2.31
N GLU B 281 0.14 -50.32 -2.52
CA GLU B 281 -1.15 -49.84 -2.01
C GLU B 281 -2.28 -50.56 -2.73
N ALA B 282 -2.04 -50.87 -4.01
CA ALA B 282 -3.06 -51.51 -4.84
C ALA B 282 -3.35 -52.95 -4.46
N LYS B 283 -2.66 -53.46 -3.44
CA LYS B 283 -2.84 -54.83 -2.99
C LYS B 283 -4.16 -55.04 -2.22
N VAL B 284 -4.95 -53.98 -2.11
CA VAL B 284 -6.25 -54.08 -1.45
C VAL B 284 -7.16 -55.03 -2.21
N LEU B 285 -7.08 -54.99 -3.54
CA LEU B 285 -7.92 -55.79 -4.42
C LEU B 285 -7.86 -57.28 -4.10
N GLU B 286 -6.69 -57.75 -3.67
CA GLU B 286 -6.48 -59.16 -3.33
C GLU B 286 -7.19 -59.55 -2.04
N LEU B 287 -7.89 -58.60 -1.43
CA LEU B 287 -8.63 -58.84 -0.20
C LEU B 287 -10.13 -58.77 -0.44
N LEU B 288 -10.53 -58.55 -1.69
CA LEU B 288 -11.94 -58.39 -2.03
C LEU B 288 -12.47 -59.55 -2.85
N ASP B 289 -13.78 -59.78 -2.80
CA ASP B 289 -14.39 -60.91 -3.47
C ASP B 289 -15.47 -60.51 -4.48
N GLY B 290 -15.53 -61.24 -5.59
CA GLY B 290 -16.56 -61.05 -6.60
C GLY B 290 -16.73 -59.65 -7.14
N GLU B 291 -17.97 -59.16 -7.12
CA GLU B 291 -18.32 -57.87 -7.71
C GLU B 291 -17.65 -56.72 -6.96
N HIS B 292 -17.41 -56.92 -5.67
CA HIS B 292 -16.73 -55.92 -4.84
C HIS B 292 -15.35 -55.62 -5.41
N ARG B 293 -14.61 -56.68 -5.72
CA ARG B 293 -13.27 -56.53 -6.26
C ARG B 293 -13.31 -55.86 -7.63
N MET B 294 -14.34 -56.17 -8.40
CA MET B 294 -14.49 -55.62 -9.74
C MET B 294 -14.78 -54.12 -9.72
N LEU B 295 -15.52 -53.68 -8.70
CA LEU B 295 -15.84 -52.26 -8.55
C LEU B 295 -14.59 -51.47 -8.16
N ALA B 296 -13.83 -52.01 -7.21
CA ALA B 296 -12.62 -51.35 -6.72
C ALA B 296 -11.51 -51.39 -7.76
N ARG B 297 -11.44 -52.49 -8.51
CA ARG B 297 -10.45 -52.68 -9.55
C ARG B 297 -10.49 -51.55 -10.55
N ALA B 298 -11.69 -51.07 -10.86
CA ALA B 298 -11.86 -49.97 -11.78
C ALA B 298 -11.34 -48.68 -11.16
N ILE B 299 -11.65 -48.47 -9.89
CA ILE B 299 -11.24 -47.26 -9.18
C ILE B 299 -9.73 -47.07 -9.21
N ILE B 300 -8.99 -48.10 -8.83
CA ILE B 300 -7.53 -48.02 -8.78
C ILE B 300 -6.94 -47.87 -10.18
N GLU B 301 -7.41 -48.68 -11.12
CA GLU B 301 -6.81 -48.73 -12.45
C GLU B 301 -7.28 -47.62 -13.39
N LEU B 302 -8.58 -47.32 -13.38
CA LEU B 302 -9.14 -46.35 -14.32
C LEU B 302 -9.12 -44.92 -13.79
N THR B 303 -9.22 -44.76 -12.47
CA THR B 303 -9.35 -43.43 -11.88
C THR B 303 -8.10 -43.01 -11.11
N TYR B 304 -7.50 -43.94 -10.39
CA TYR B 304 -6.32 -43.63 -9.57
C TYR B 304 -5.04 -43.62 -10.39
N ARG B 305 -4.82 -44.66 -11.19
CA ARG B 305 -3.56 -44.80 -11.91
C ARG B 305 -3.54 -43.88 -13.13
N HIS B 306 -4.54 -44.02 -13.99
CA HIS B 306 -4.67 -43.17 -15.16
C HIS B 306 -5.63 -42.00 -14.88
N LYS B 307 -5.07 -40.84 -14.57
CA LYS B 307 -5.86 -39.67 -14.22
C LYS B 307 -6.17 -38.78 -15.42
N VAL B 308 -7.30 -38.08 -15.32
CA VAL B 308 -7.64 -37.03 -16.28
C VAL B 308 -7.97 -35.77 -15.49
N VAL B 309 -7.30 -34.68 -15.80
CA VAL B 309 -7.40 -33.47 -14.99
C VAL B 309 -7.70 -32.23 -15.82
N LYS B 310 -8.64 -31.43 -15.33
CA LYS B 310 -8.91 -30.13 -15.92
C LYS B 310 -8.21 -29.06 -15.09
N VAL B 311 -7.56 -28.11 -15.76
CA VAL B 311 -6.86 -27.03 -15.07
C VAL B 311 -6.94 -25.74 -15.88
N MET B 312 -7.23 -24.63 -15.21
CA MET B 312 -7.31 -23.35 -15.89
C MET B 312 -5.93 -22.83 -16.24
N ARG B 313 -5.84 -22.00 -17.26
CA ARG B 313 -4.57 -21.44 -17.67
C ARG B 313 -4.77 -20.10 -18.36
N PRO B 314 -4.04 -19.08 -17.91
CA PRO B 314 -4.09 -17.71 -18.43
C PRO B 314 -3.50 -17.65 -19.83
N ALA B 315 -4.12 -16.87 -20.72
CA ALA B 315 -3.62 -16.75 -22.09
C ALA B 315 -4.09 -15.45 -22.75
N ALA B 316 -3.50 -15.14 -23.90
CA ALA B 316 -3.85 -13.96 -24.69
C ALA B 316 -3.84 -12.68 -23.86
N GLU B 317 -4.90 -11.89 -24.00
CA GLU B 317 -5.02 -10.62 -23.28
C GLU B 317 -6.03 -10.74 -22.14
N GLY B 318 -5.57 -11.29 -21.01
CA GLY B 318 -6.42 -11.48 -19.85
C GLY B 318 -7.59 -12.42 -20.06
N LYS B 319 -7.37 -13.48 -20.85
CA LYS B 319 -8.39 -14.49 -21.06
C LYS B 319 -7.95 -15.82 -20.45
N THR B 320 -8.90 -16.60 -19.99
CA THR B 320 -8.59 -17.85 -19.29
C THR B 320 -9.20 -19.06 -20.00
N VAL B 321 -8.39 -20.08 -20.21
CA VAL B 321 -8.83 -21.32 -20.84
C VAL B 321 -8.63 -22.49 -19.87
N MET B 322 -9.34 -23.60 -20.13
CA MET B 322 -9.23 -24.78 -19.28
C MET B 322 -8.53 -25.91 -20.04
N ASP B 323 -7.36 -26.32 -19.56
CA ASP B 323 -6.62 -27.39 -20.20
C ASP B 323 -7.11 -28.76 -19.73
N VAL B 324 -6.97 -29.76 -20.59
CA VAL B 324 -7.29 -31.13 -20.22
C VAL B 324 -6.08 -32.02 -20.49
N ILE B 325 -5.58 -32.68 -19.45
CA ILE B 325 -4.35 -33.46 -19.55
C ILE B 325 -4.48 -34.81 -18.83
N SER B 326 -3.47 -35.66 -19.01
CA SER B 326 -3.52 -37.00 -18.42
C SER B 326 -2.13 -37.50 -18.01
N ARG B 327 -2.13 -38.42 -17.06
CA ARG B 327 -0.90 -39.00 -16.49
C ARG B 327 -1.23 -40.38 -15.96
N GLU B 328 -0.28 -41.30 -16.05
CA GLU B 328 -0.57 -42.71 -15.77
C GLU B 328 0.19 -43.31 -14.58
N ASP B 329 1.13 -42.56 -14.02
CA ASP B 329 1.89 -43.09 -12.89
C ASP B 329 1.87 -42.20 -11.64
N GLN B 330 0.68 -41.91 -11.12
CA GLN B 330 0.54 -41.02 -9.97
C GLN B 330 -0.81 -41.16 -9.27
N ARG B 331 -0.77 -41.31 -7.95
CA ARG B 331 -1.99 -41.30 -7.15
C ARG B 331 -2.29 -39.90 -6.69
N GLY B 332 -1.30 -39.24 -6.10
CA GLY B 332 -1.43 -37.87 -5.65
C GLY B 332 -2.40 -37.71 -4.49
N SER B 333 -3.31 -36.76 -4.62
CA SER B 333 -4.28 -36.48 -3.56
C SER B 333 -5.67 -36.20 -4.12
N GLY B 334 -6.58 -35.78 -3.25
CA GLY B 334 -7.92 -35.42 -3.67
C GLY B 334 -8.82 -36.62 -3.92
N GLN B 335 -8.47 -37.75 -3.32
CA GLN B 335 -9.28 -38.96 -3.40
C GLN B 335 -9.96 -39.17 -2.05
N VAL B 336 -10.97 -40.03 -2.01
CA VAL B 336 -11.73 -40.23 -0.77
C VAL B 336 -10.93 -40.99 0.29
N VAL B 337 -9.96 -41.78 -0.15
CA VAL B 337 -9.14 -42.54 0.78
C VAL B 337 -7.68 -42.09 0.77
N THR B 338 -7.45 -40.84 0.35
CA THR B 338 -6.11 -40.27 0.29
C THR B 338 -5.43 -40.36 1.65
N TYR B 339 -6.14 -39.94 2.69
CA TYR B 339 -5.59 -39.99 4.04
C TYR B 339 -5.32 -41.43 4.45
N ALA B 340 -6.25 -42.31 4.09
CA ALA B 340 -6.15 -43.72 4.48
C ALA B 340 -4.90 -44.39 3.91
N LEU B 341 -4.71 -44.27 2.60
CA LEU B 341 -3.57 -44.89 1.93
C LEU B 341 -2.26 -44.23 2.30
N ASN B 342 -2.24 -42.90 2.32
CA ASN B 342 -1.04 -42.15 2.68
C ASN B 342 -0.56 -42.53 4.08
N THR B 343 -1.50 -42.71 5.00
CA THR B 343 -1.18 -43.13 6.37
C THR B 343 -0.52 -44.51 6.30
N PHE B 344 -1.14 -45.41 5.54
CA PHE B 344 -0.63 -46.76 5.37
C PHE B 344 0.80 -46.76 4.85
N THR B 345 0.98 -46.17 3.68
CA THR B 345 2.28 -46.15 3.01
C THR B 345 3.34 -45.57 3.93
N ASN B 346 2.99 -44.49 4.63
CA ASN B 346 3.92 -43.83 5.54
C ASN B 346 4.38 -44.75 6.66
N ILE B 347 3.46 -45.56 7.17
CA ILE B 347 3.80 -46.54 8.22
C ILE B 347 4.85 -47.51 7.71
N ALA B 348 4.59 -48.10 6.54
CA ALA B 348 5.53 -49.03 5.92
C ALA B 348 6.89 -48.37 5.72
N VAL B 349 6.87 -47.11 5.32
CA VAL B 349 8.09 -46.35 5.09
C VAL B 349 8.91 -46.21 6.36
N GLN B 350 8.25 -45.81 7.44
CA GLN B 350 8.94 -45.61 8.71
C GLN B 350 9.47 -46.93 9.25
N LEU B 351 8.82 -48.02 8.87
CA LEU B 351 9.28 -49.36 9.23
C LEU B 351 10.57 -49.68 8.51
N VAL B 352 10.63 -49.36 7.22
CA VAL B 352 11.81 -49.58 6.41
C VAL B 352 13.01 -48.84 6.98
N ARG B 353 12.80 -47.59 7.37
CA ARG B 353 13.87 -46.77 7.93
C ARG B 353 14.31 -47.30 9.27
N LEU B 354 13.36 -47.83 10.04
CA LEU B 354 13.67 -48.44 11.32
C LEU B 354 14.61 -49.63 11.13
N MET B 355 14.36 -50.41 10.10
CA MET B 355 15.20 -51.57 9.82
C MET B 355 16.63 -51.15 9.48
N GLU B 356 16.78 -50.09 8.69
CA GLU B 356 18.10 -49.59 8.37
C GLU B 356 18.75 -49.03 9.64
N ALA B 357 17.92 -48.40 10.47
CA ALA B 357 18.41 -47.77 11.70
C ALA B 357 18.82 -48.80 12.74
N GLU B 358 18.23 -49.99 12.66
CA GLU B 358 18.51 -51.03 13.63
C GLU B 358 19.62 -51.97 13.14
N GLY B 359 20.03 -51.78 11.89
CA GLY B 359 21.15 -52.54 11.34
C GLY B 359 20.77 -53.76 10.54
N VAL B 360 19.47 -53.99 10.35
CA VAL B 360 19.00 -55.11 9.55
C VAL B 360 19.45 -54.97 8.10
N ILE B 361 19.36 -53.75 7.58
CA ILE B 361 19.76 -53.48 6.20
C ILE B 361 20.68 -52.27 6.12
N GLY B 362 21.39 -52.12 5.00
CA GLY B 362 22.34 -51.04 4.83
C GLY B 362 22.43 -50.54 3.40
N PRO B 363 23.43 -49.71 3.11
CA PRO B 363 23.62 -49.10 1.78
C PRO B 363 23.99 -50.13 0.71
N GLN B 364 24.57 -51.25 1.11
CA GLN B 364 25.02 -52.26 0.16
C GLN B 364 23.84 -52.97 -0.48
N HIS B 365 22.73 -53.01 0.25
CA HIS B 365 21.58 -53.80 -0.16
C HIS B 365 20.55 -52.98 -0.93
N LEU B 366 20.93 -51.77 -1.33
CA LEU B 366 20.05 -50.89 -2.08
C LEU B 366 19.76 -51.43 -3.48
N GLU B 367 20.82 -51.74 -4.21
CA GLU B 367 20.68 -52.25 -5.58
C GLU B 367 20.09 -53.66 -5.60
N GLN B 368 20.71 -54.56 -4.84
CA GLN B 368 20.23 -55.94 -4.75
C GLN B 368 20.13 -56.38 -3.30
N LEU B 369 19.04 -57.06 -2.97
CA LEU B 369 18.78 -57.50 -1.60
C LEU B 369 19.23 -58.93 -1.40
N PRO B 370 20.29 -59.12 -0.61
CA PRO B 370 20.81 -60.45 -0.30
C PRO B 370 19.74 -61.27 0.42
N ARG B 371 19.59 -62.53 0.01
CA ARG B 371 18.58 -63.42 0.55
C ARG B 371 18.71 -63.53 2.06
N LYS B 372 19.96 -63.51 2.54
CA LYS B 372 20.26 -63.54 3.96
C LYS B 372 19.58 -62.40 4.72
N ASN B 373 19.52 -61.23 4.10
CA ASN B 373 18.86 -60.08 4.70
C ASN B 373 17.35 -60.14 4.52
N LYS B 374 16.91 -60.57 3.33
CA LYS B 374 15.50 -60.71 3.02
C LYS B 374 14.80 -61.57 4.07
N ILE B 375 15.47 -62.63 4.50
CA ILE B 375 14.95 -63.49 5.55
C ILE B 375 14.96 -62.74 6.87
N ALA B 376 16.06 -62.04 7.13
CA ALA B 376 16.21 -61.25 8.35
C ALA B 376 15.17 -60.14 8.42
N VAL B 377 14.84 -59.59 7.25
CA VAL B 377 13.81 -58.56 7.14
C VAL B 377 12.44 -59.11 7.53
N ARG B 378 12.04 -60.17 6.84
CA ARG B 378 10.73 -60.80 7.06
C ARG B 378 10.58 -61.29 8.49
N THR B 379 11.68 -61.77 9.07
CA THR B 379 11.69 -62.24 10.44
C THR B 379 11.51 -61.06 11.40
N TRP B 380 12.13 -59.94 11.04
CA TRP B 380 12.09 -58.74 11.86
C TRP B 380 10.67 -58.18 11.96
N LEU B 381 9.96 -58.22 10.83
CA LEU B 381 8.59 -57.74 10.78
C LEU B 381 7.68 -58.58 11.68
N PHE B 382 7.82 -59.89 11.60
CA PHE B 382 7.00 -60.79 12.42
C PHE B 382 7.28 -60.61 13.90
N GLU B 383 8.56 -60.58 14.25
CA GLU B 383 8.96 -60.51 15.66
C GLU B 383 8.77 -59.13 16.28
N ASN B 384 9.20 -58.09 15.57
CA ASN B 384 9.22 -56.74 16.14
C ASN B 384 8.17 -55.79 15.59
N GLY B 385 7.58 -56.13 14.45
CA GLY B 385 6.63 -55.25 13.78
C GLY B 385 5.50 -54.76 14.63
N GLU B 386 4.94 -55.64 15.47
CA GLU B 386 3.83 -55.27 16.33
C GLU B 386 4.27 -54.25 17.39
N GLU B 387 5.54 -54.28 17.74
CA GLU B 387 6.07 -53.37 18.75
C GLU B 387 6.50 -52.03 18.15
N ARG B 388 7.23 -52.08 17.04
CA ARG B 388 7.77 -50.89 16.42
C ARG B 388 6.67 -49.93 15.99
N VAL B 389 5.58 -50.51 15.48
CA VAL B 389 4.46 -49.72 15.03
C VAL B 389 3.80 -48.93 16.18
N THR B 390 3.99 -49.40 17.40
CA THR B 390 3.45 -48.70 18.56
C THR B 390 4.40 -47.62 19.06
N ARG B 391 5.48 -47.41 18.31
CA ARG B 391 6.41 -46.33 18.59
C ARG B 391 6.18 -45.20 17.60
N MET B 392 5.09 -45.32 16.83
CA MET B 392 4.79 -44.38 15.77
C MET B 392 3.53 -43.58 16.03
N ALA B 393 3.41 -42.47 15.32
CA ALA B 393 2.19 -41.69 15.24
C ALA B 393 2.06 -41.22 13.80
N ILE B 394 1.17 -41.86 13.04
CA ILE B 394 1.08 -41.58 11.61
C ILE B 394 -0.30 -41.06 11.21
N SER B 395 -0.33 -39.79 10.79
CA SER B 395 -1.54 -39.18 10.27
C SER B 395 -1.20 -38.56 8.91
N GLY B 396 -1.44 -39.31 7.85
CA GLY B 396 -1.04 -38.89 6.52
C GLY B 396 0.47 -38.78 6.45
N ASP B 397 0.95 -37.65 5.94
CA ASP B 397 2.40 -37.45 5.81
C ASP B 397 3.03 -37.01 7.11
N ASP B 398 2.21 -36.63 8.09
CA ASP B 398 2.72 -36.24 9.39
C ASP B 398 3.11 -37.50 10.15
N CYS B 399 4.34 -37.53 10.63
CA CYS B 399 4.89 -38.75 11.23
C CYS B 399 5.76 -38.45 12.44
N VAL B 400 5.62 -39.28 13.47
CA VAL B 400 6.44 -39.20 14.67
C VAL B 400 6.89 -40.60 15.05
N VAL B 401 8.19 -40.77 15.26
CA VAL B 401 8.76 -42.08 15.54
C VAL B 401 9.78 -41.99 16.67
N LYS B 402 9.71 -42.91 17.62
CA LYS B 402 10.72 -43.01 18.67
C LYS B 402 11.44 -44.34 18.54
N PRO B 403 12.58 -44.33 17.82
CA PRO B 403 13.36 -45.56 17.59
C PRO B 403 14.10 -45.99 18.85
N LEU B 404 14.71 -47.17 18.80
CA LEU B 404 15.46 -47.71 19.92
C LEU B 404 16.67 -46.82 20.24
N ASP B 405 17.34 -46.35 19.20
CA ASP B 405 18.58 -45.58 19.35
C ASP B 405 18.67 -44.45 18.35
N ASP B 406 19.57 -43.52 18.61
CA ASP B 406 19.72 -42.33 17.77
C ASP B 406 20.50 -42.59 16.48
N ARG B 407 20.62 -43.87 16.11
CA ARG B 407 21.18 -44.25 14.83
C ARG B 407 20.19 -43.87 13.72
N PHE B 408 18.93 -43.71 14.11
CA PHE B 408 17.85 -43.35 13.21
C PHE B 408 18.18 -42.10 12.41
N ALA B 409 18.87 -41.16 13.05
CA ALA B 409 19.16 -39.86 12.45
C ALA B 409 20.02 -39.96 11.20
N THR B 410 20.88 -40.97 11.15
CA THR B 410 21.76 -41.12 10.00
C THR B 410 21.26 -42.20 9.04
N ALA B 411 20.21 -42.90 9.44
CA ALA B 411 19.61 -43.94 8.61
C ALA B 411 18.75 -43.33 7.52
N LEU B 412 19.38 -42.93 6.41
CA LEU B 412 18.70 -42.16 5.38
C LEU B 412 18.77 -42.81 4.01
N HIS B 413 19.62 -43.82 3.86
CA HIS B 413 19.88 -44.42 2.56
C HIS B 413 18.62 -45.02 1.91
N PHE B 414 17.88 -45.83 2.67
CA PHE B 414 16.65 -46.41 2.15
C PHE B 414 15.54 -45.36 2.00
N LEU B 415 15.54 -44.38 2.89
CA LEU B 415 14.54 -43.32 2.85
C LEU B 415 14.68 -42.50 1.56
N ASN B 416 15.87 -41.99 1.31
CA ASN B 416 16.15 -41.21 0.12
C ASN B 416 16.00 -42.03 -1.16
N ALA B 417 16.16 -43.35 -1.03
CA ALA B 417 16.01 -44.25 -2.16
C ALA B 417 14.56 -44.32 -2.63
N MET B 418 13.64 -44.31 -1.68
CA MET B 418 12.21 -44.36 -1.98
C MET B 418 11.69 -43.01 -2.43
N SER B 419 12.60 -42.06 -2.59
CA SER B 419 12.26 -40.70 -3.00
C SER B 419 11.39 -39.96 -1.98
N LYS B 420 11.40 -40.44 -0.75
CA LYS B 420 10.71 -39.75 0.35
C LYS B 420 11.67 -38.76 1.00
N VAL B 421 12.19 -37.84 0.20
CA VAL B 421 13.21 -36.90 0.68
C VAL B 421 12.66 -35.98 1.76
N ARG B 422 13.41 -35.86 2.84
CA ARG B 422 13.04 -34.98 3.95
C ARG B 422 13.07 -33.53 3.52
N LYS B 423 12.14 -32.73 4.04
CA LYS B 423 12.02 -31.33 3.68
C LYS B 423 12.90 -30.45 4.58
N ASP B 424 13.41 -29.36 4.01
CA ASP B 424 14.15 -28.33 4.75
C ASP B 424 15.37 -28.89 5.46
N ILE B 425 16.05 -29.83 4.81
CA ILE B 425 17.30 -30.36 5.33
C ILE B 425 18.18 -30.87 4.20
N GLN B 426 19.50 -30.77 4.40
CA GLN B 426 20.46 -31.28 3.43
C GLN B 426 20.25 -32.78 3.29
N GLU B 427 20.20 -33.25 2.05
CA GLU B 427 19.83 -34.63 1.72
C GLU B 427 20.46 -35.70 2.62
N TRP B 428 21.69 -35.47 3.07
CA TRP B 428 22.39 -36.47 3.86
C TRP B 428 22.76 -36.00 5.26
N LYS B 429 22.28 -34.83 5.65
CA LYS B 429 22.53 -34.36 7.02
C LYS B 429 21.64 -35.15 7.97
N PRO B 430 22.23 -35.63 9.08
CA PRO B 430 21.50 -36.36 10.11
C PRO B 430 20.29 -35.59 10.61
N SER B 431 19.16 -36.27 10.80
CA SER B 431 17.93 -35.62 11.25
C SER B 431 18.04 -35.12 12.69
N HIS B 432 17.22 -34.13 13.02
CA HIS B 432 17.22 -33.55 14.35
C HIS B 432 16.17 -34.23 15.22
N GLY B 433 16.54 -34.53 16.46
CA GLY B 433 15.62 -35.16 17.39
C GLY B 433 15.35 -34.28 18.58
N TRP B 434 14.23 -34.53 19.25
CA TRP B 434 13.84 -33.75 20.41
C TRP B 434 13.98 -34.58 21.69
N HIS B 435 14.51 -33.96 22.73
CA HIS B 435 14.60 -34.64 24.02
C HIS B 435 13.31 -34.38 24.79
N ASP B 436 12.64 -33.28 24.45
CA ASP B 436 11.39 -32.92 25.08
C ASP B 436 10.24 -33.20 24.12
N TRP B 437 9.40 -34.16 24.46
CA TRP B 437 8.28 -34.55 23.60
C TRP B 437 7.24 -33.44 23.44
N GLN B 438 7.31 -32.45 24.33
CA GLN B 438 6.38 -31.33 24.29
C GLN B 438 6.68 -30.33 23.16
N GLN B 439 7.81 -30.50 22.49
CA GLN B 439 8.18 -29.62 21.38
C GLN B 439 8.04 -30.31 20.03
N VAL B 440 7.64 -31.58 20.06
CA VAL B 440 7.51 -32.36 18.85
C VAL B 440 6.30 -31.91 18.04
N PRO B 441 6.53 -31.54 16.77
CA PRO B 441 5.44 -31.07 15.92
C PRO B 441 4.70 -32.23 15.27
N PHE B 442 3.37 -32.21 15.36
CA PHE B 442 2.55 -33.27 14.78
C PHE B 442 1.13 -32.77 14.55
N CYS B 443 0.67 -32.85 13.31
CA CYS B 443 -0.65 -32.36 12.93
C CYS B 443 -0.87 -30.90 13.32
N SER B 444 0.04 -30.05 12.85
CA SER B 444 -0.07 -28.60 13.00
C SER B 444 0.03 -28.07 14.44
N ASN B 445 0.15 -28.97 15.40
CA ASN B 445 0.25 -28.58 16.80
C ASN B 445 1.48 -29.17 17.48
N HIS B 446 1.91 -28.58 18.58
CA HIS B 446 2.81 -29.26 19.50
C HIS B 446 2.00 -29.42 20.77
N PHE B 447 2.47 -30.18 21.74
CA PHE B 447 1.61 -30.51 22.87
C PHE B 447 2.25 -30.30 24.23
N GLN B 448 1.56 -29.54 25.07
CA GLN B 448 2.10 -29.15 26.37
C GLN B 448 1.34 -29.86 27.48
N GLU B 449 2.07 -30.36 28.47
CA GLU B 449 1.42 -30.90 29.65
C GLU B 449 1.42 -29.85 30.74
N ILE B 450 0.24 -29.38 31.10
CA ILE B 450 0.11 -28.38 32.15
C ILE B 450 -0.68 -28.93 33.32
N VAL B 451 -0.28 -28.55 34.53
CA VAL B 451 -0.91 -29.06 35.74
C VAL B 451 -2.06 -28.16 36.17
N MET B 452 -3.25 -28.74 36.33
CA MET B 452 -4.43 -27.99 36.72
C MET B 452 -4.29 -27.50 38.16
N LYS B 453 -5.22 -26.64 38.57
CA LYS B 453 -5.21 -26.09 39.93
C LYS B 453 -5.31 -27.17 40.99
N ASP B 454 -6.15 -28.17 40.73
CA ASP B 454 -6.43 -29.21 41.71
C ASP B 454 -5.42 -30.36 41.74
N GLY B 455 -4.26 -30.15 41.14
CA GLY B 455 -3.20 -31.14 41.21
C GLY B 455 -3.12 -32.03 39.99
N ARG B 456 -4.25 -32.24 39.32
CA ARG B 456 -4.27 -33.05 38.11
C ARG B 456 -3.60 -32.31 36.97
N SER B 457 -3.28 -33.04 35.90
CA SER B 457 -2.62 -32.44 34.74
C SER B 457 -3.26 -32.91 33.44
N ILE B 458 -3.27 -32.03 32.44
CA ILE B 458 -3.80 -32.38 31.13
C ILE B 458 -2.76 -32.10 30.05
N VAL B 459 -2.89 -32.77 28.92
CA VAL B 459 -1.98 -32.54 27.80
C VAL B 459 -2.75 -31.88 26.66
N VAL B 460 -2.49 -30.58 26.47
CA VAL B 460 -3.26 -29.77 25.53
C VAL B 460 -2.49 -29.45 24.27
N PRO B 461 -3.22 -29.24 23.16
CA PRO B 461 -2.58 -28.85 21.88
C PRO B 461 -2.24 -27.37 21.88
N CYS B 462 -1.18 -27.00 21.18
CA CYS B 462 -0.75 -25.61 21.12
C CYS B 462 -0.28 -25.31 19.70
N ARG B 463 -0.50 -24.09 19.25
CA ARG B 463 -0.06 -23.66 17.94
C ARG B 463 0.02 -22.14 17.84
N GLY B 464 0.71 -21.65 16.82
CA GLY B 464 0.93 -20.22 16.64
C GLY B 464 -0.35 -19.43 16.76
N GLN B 465 -0.41 -18.56 17.77
CA GLN B 465 -1.62 -17.81 18.05
C GLN B 465 -1.96 -16.85 16.92
N ASP B 466 -0.93 -16.24 16.35
CA ASP B 466 -1.10 -15.31 15.24
C ASP B 466 -1.81 -15.98 14.06
N GLU B 467 -1.42 -17.21 13.76
CA GLU B 467 -2.06 -17.97 12.69
C GLU B 467 -3.52 -18.26 13.02
N LEU B 468 -3.79 -18.56 14.29
CA LEU B 468 -5.14 -18.90 14.73
C LEU B 468 -6.10 -17.73 14.59
N ILE B 469 -5.64 -16.55 15.01
CA ILE B 469 -6.46 -15.35 14.96
C ILE B 469 -6.64 -14.88 13.52
N GLY B 470 -5.59 -15.04 12.72
CA GLY B 470 -5.64 -14.72 11.31
C GLY B 470 -6.70 -15.54 10.59
N ARG B 471 -6.73 -16.84 10.88
CA ARG B 471 -7.69 -17.75 10.26
C ARG B 471 -9.10 -17.47 10.75
N ALA B 472 -9.20 -16.90 11.95
CA ALA B 472 -10.50 -16.56 12.52
C ALA B 472 -11.07 -15.33 11.82
N ARG B 473 -10.18 -14.46 11.36
CA ARG B 473 -10.57 -13.23 10.70
C ARG B 473 -11.14 -13.45 9.30
N ILE B 474 -10.91 -14.64 8.74
CA ILE B 474 -11.31 -14.89 7.36
C ILE B 474 -12.67 -15.57 7.23
N SER B 475 -13.61 -14.87 6.59
CA SER B 475 -14.92 -15.40 6.31
C SER B 475 -15.12 -15.48 4.80
N PRO B 476 -15.50 -16.67 4.30
CA PRO B 476 -15.70 -16.91 2.86
C PRO B 476 -17.00 -16.31 2.35
N GLY B 477 -17.99 -16.16 3.22
CA GLY B 477 -19.31 -15.68 2.83
C GLY B 477 -19.30 -14.24 2.34
N ALA B 478 -20.48 -13.73 2.01
CA ALA B 478 -20.62 -12.37 1.50
C ALA B 478 -21.61 -11.56 2.32
N ASN B 481 -23.01 -10.86 5.04
CA ASN B 481 -24.05 -11.45 5.87
C ASN B 481 -23.68 -11.37 7.35
N VAL B 482 -24.42 -10.56 8.09
CA VAL B 482 -24.12 -10.34 9.51
C VAL B 482 -24.29 -11.60 10.36
N LYS B 483 -25.43 -12.26 10.24
CA LYS B 483 -25.71 -13.45 11.06
C LYS B 483 -24.74 -14.57 10.75
N ASP B 484 -24.47 -14.78 9.46
CA ASP B 484 -23.54 -15.81 9.02
C ASP B 484 -22.14 -15.53 9.54
N THR B 485 -21.80 -14.24 9.64
CA THR B 485 -20.50 -13.83 10.14
C THR B 485 -20.41 -14.00 11.65
N ALA B 486 -21.41 -13.48 12.36
CA ALA B 486 -21.42 -13.53 13.82
C ALA B 486 -21.48 -14.95 14.34
N CYS B 487 -22.12 -15.84 13.59
CA CYS B 487 -22.16 -17.24 13.95
C CYS B 487 -20.80 -17.88 13.70
N LEU B 488 -20.17 -17.46 12.60
CA LEU B 488 -18.85 -17.96 12.22
C LEU B 488 -17.79 -17.52 13.24
N ALA B 489 -17.98 -16.33 13.79
CA ALA B 489 -17.08 -15.84 14.82
C ALA B 489 -17.27 -16.65 16.10
N LYS B 490 -18.53 -16.95 16.41
CA LYS B 490 -18.86 -17.74 17.59
C LYS B 490 -18.34 -19.16 17.42
N ALA B 491 -18.20 -19.57 16.17
CA ALA B 491 -17.65 -20.88 15.86
C ALA B 491 -16.22 -20.96 16.35
N TYR B 492 -15.38 -20.07 15.83
CA TYR B 492 -13.96 -20.02 16.20
C TYR B 492 -13.78 -19.80 17.68
N ALA B 493 -14.55 -18.85 18.23
CA ALA B 493 -14.43 -18.48 19.63
C ALA B 493 -14.61 -19.71 20.53
N GLN B 494 -15.69 -20.46 20.29
CA GLN B 494 -15.99 -21.61 21.12
C GLN B 494 -15.00 -22.76 20.90
N MET B 495 -14.36 -22.78 19.73
CA MET B 495 -13.32 -23.77 19.48
C MET B 495 -12.14 -23.52 20.41
N TRP B 496 -11.74 -22.26 20.51
CA TRP B 496 -10.63 -21.87 21.35
C TRP B 496 -10.89 -22.27 22.80
N LEU B 497 -12.16 -22.21 23.20
CA LEU B 497 -12.51 -22.52 24.58
C LEU B 497 -12.33 -24.01 24.87
N LEU B 498 -12.50 -24.84 23.85
CA LEU B 498 -12.40 -26.28 24.01
C LEU B 498 -10.95 -26.76 23.88
N LEU B 499 -10.21 -26.20 22.94
CA LEU B 499 -8.86 -26.67 22.66
C LEU B 499 -7.76 -25.75 23.18
N TYR B 500 -7.89 -24.46 22.94
CA TYR B 500 -6.82 -23.51 23.26
C TYR B 500 -7.22 -22.56 24.38
N PHE B 501 -8.02 -23.07 25.30
CA PHE B 501 -8.42 -22.37 26.51
C PHE B 501 -7.20 -21.97 27.33
N HIS B 502 -6.13 -22.73 27.17
CA HIS B 502 -4.91 -22.54 27.96
C HIS B 502 -4.08 -21.38 27.45
N ARG B 503 -4.57 -20.69 26.41
CA ARG B 503 -3.89 -19.54 25.85
C ARG B 503 -4.58 -18.26 26.32
N ARG B 504 -3.85 -17.44 27.06
CA ARG B 504 -4.41 -16.26 27.73
C ARG B 504 -5.21 -15.34 26.82
N ASP B 505 -4.65 -15.04 25.65
CA ASP B 505 -5.29 -14.14 24.71
C ASP B 505 -6.53 -14.77 24.08
N LEU B 506 -6.41 -16.03 23.67
CA LEU B 506 -7.46 -16.70 22.93
C LEU B 506 -8.70 -16.96 23.78
N ARG B 507 -8.48 -17.22 25.07
CA ARG B 507 -9.59 -17.44 25.98
C ARG B 507 -10.38 -16.17 26.26
N LEU B 508 -9.66 -15.07 26.50
CA LEU B 508 -10.29 -13.79 26.75
C LEU B 508 -11.03 -13.32 25.51
N MET B 509 -10.45 -13.59 24.35
CA MET B 509 -11.06 -13.16 23.09
C MET B 509 -12.28 -14.02 22.80
N ALA B 510 -12.21 -15.29 23.17
CA ALA B 510 -13.32 -16.22 22.93
C ALA B 510 -14.56 -15.85 23.74
N ASN B 511 -14.37 -15.63 25.03
CA ASN B 511 -15.46 -15.19 25.89
C ASN B 511 -16.00 -13.83 25.45
N ALA B 512 -15.12 -13.00 24.92
CA ALA B 512 -15.52 -11.68 24.44
C ALA B 512 -16.38 -11.75 23.19
N ILE B 513 -16.01 -12.64 22.26
CA ILE B 513 -16.76 -12.80 21.02
C ILE B 513 -18.12 -13.42 21.31
N CYS B 514 -18.14 -14.47 22.12
CA CYS B 514 -19.38 -15.14 22.50
C CYS B 514 -20.31 -14.19 23.24
N SER B 515 -19.73 -13.31 24.06
CA SER B 515 -20.50 -12.34 24.81
C SER B 515 -21.05 -11.25 23.90
N ALA B 516 -20.48 -11.12 22.71
CA ALA B 516 -20.90 -10.11 21.75
C ALA B 516 -21.77 -10.71 20.64
N VAL B 517 -22.04 -12.01 20.76
CA VAL B 517 -22.88 -12.72 19.81
C VAL B 517 -24.10 -13.30 20.52
N PRO B 518 -25.31 -13.04 19.97
CA PRO B 518 -26.60 -13.52 20.50
C PRO B 518 -26.52 -14.94 21.04
N VAL B 519 -26.87 -15.12 22.31
CA VAL B 519 -26.70 -16.41 22.99
C VAL B 519 -27.50 -17.55 22.35
N ASP B 520 -28.59 -17.21 21.66
CA ASP B 520 -29.44 -18.22 21.05
C ASP B 520 -29.02 -18.56 19.61
N TRP B 521 -27.98 -17.90 19.13
CA TRP B 521 -27.50 -18.15 17.76
C TRP B 521 -26.59 -19.38 17.66
N VAL B 522 -26.86 -20.20 16.65
CA VAL B 522 -26.12 -21.45 16.43
C VAL B 522 -24.93 -21.23 15.50
N PRO B 523 -23.73 -21.61 15.96
CA PRO B 523 -22.49 -21.52 15.18
C PRO B 523 -22.58 -22.20 13.83
N THR B 524 -21.94 -21.63 12.81
CA THR B 524 -21.97 -22.19 11.47
C THR B 524 -20.58 -22.15 10.84
N GLY B 525 -20.44 -22.75 9.67
CA GLY B 525 -19.18 -22.71 8.95
C GLY B 525 -18.18 -23.70 9.52
N ARG B 526 -16.95 -23.66 9.01
CA ARG B 526 -15.90 -24.54 9.51
C ARG B 526 -14.75 -23.71 10.07
N THR B 527 -14.15 -24.21 11.15
CA THR B 527 -13.10 -23.48 11.86
C THR B 527 -11.73 -24.05 11.57
N SER B 528 -11.69 -25.26 11.05
CA SER B 528 -10.43 -25.93 10.76
C SER B 528 -10.58 -26.95 9.63
N TRP B 529 -9.48 -27.21 8.94
CA TRP B 529 -9.47 -28.16 7.84
C TRP B 529 -8.84 -29.47 8.25
N SER B 530 -8.22 -29.48 9.43
CA SER B 530 -7.58 -30.68 9.96
C SER B 530 -8.59 -31.79 10.16
N ILE B 531 -8.24 -32.99 9.69
CA ILE B 531 -9.12 -34.14 9.78
C ILE B 531 -9.30 -34.58 11.24
N HIS B 532 -8.45 -34.05 12.12
CA HIS B 532 -8.50 -34.36 13.54
C HIS B 532 -9.40 -33.37 14.29
N SER B 533 -10.04 -32.48 13.55
CA SER B 533 -10.97 -31.51 14.13
C SER B 533 -12.39 -32.06 14.12
N LYS B 534 -12.85 -32.54 15.27
CA LYS B 534 -14.14 -33.22 15.35
C LYS B 534 -15.31 -32.24 15.31
N GLY B 535 -15.17 -31.11 15.98
CA GLY B 535 -16.19 -30.08 15.95
C GLY B 535 -17.18 -30.12 17.08
N GLU B 536 -16.69 -30.44 18.28
CA GLU B 536 -17.53 -30.50 19.47
C GLU B 536 -18.07 -29.12 19.87
N TRP B 537 -17.53 -28.08 19.24
CA TRP B 537 -17.88 -26.71 19.59
C TRP B 537 -19.04 -26.17 18.76
N MET B 538 -19.43 -26.90 17.72
CA MET B 538 -20.53 -26.46 16.88
C MET B 538 -21.87 -26.67 17.56
N THR B 539 -22.05 -26.05 18.72
CA THR B 539 -23.26 -26.22 19.51
C THR B 539 -23.57 -24.93 20.26
N THR B 540 -24.71 -24.93 20.94
CA THR B 540 -25.14 -23.79 21.73
C THR B 540 -24.99 -24.12 23.21
N GLU B 541 -24.63 -25.36 23.47
CA GLU B 541 -24.44 -25.88 24.82
C GLU B 541 -23.35 -25.06 25.53
N ASP B 542 -23.42 -24.99 26.86
CA ASP B 542 -22.41 -24.28 27.63
C ASP B 542 -21.07 -25.00 27.47
N MET B 543 -20.08 -24.27 26.96
CA MET B 543 -18.80 -24.87 26.59
C MET B 543 -18.02 -25.50 27.75
N LEU B 544 -18.32 -25.07 28.98
CA LEU B 544 -17.70 -25.69 30.14
C LEU B 544 -18.14 -27.14 30.26
N GLN B 545 -19.38 -27.41 29.86
CA GLN B 545 -19.91 -28.77 29.85
C GLN B 545 -19.19 -29.62 28.80
N VAL B 546 -18.98 -29.03 27.63
CA VAL B 546 -18.31 -29.73 26.53
C VAL B 546 -16.84 -29.95 26.88
N TRP B 547 -16.23 -28.94 27.50
CA TRP B 547 -14.86 -29.08 27.98
C TRP B 547 -14.79 -30.25 28.95
N ASN B 548 -15.68 -30.22 29.93
CA ASN B 548 -15.72 -31.24 30.98
C ASN B 548 -15.98 -32.63 30.41
N ARG B 549 -16.78 -32.70 29.35
CA ARG B 549 -17.04 -33.97 28.69
C ARG B 549 -15.81 -34.50 27.96
N VAL B 550 -15.12 -33.60 27.28
CA VAL B 550 -13.98 -33.98 26.45
C VAL B 550 -12.70 -34.16 27.24
N TRP B 551 -12.45 -33.26 28.19
CA TRP B 551 -11.19 -33.26 28.91
C TRP B 551 -11.23 -34.06 30.22
N ILE B 552 -12.44 -34.42 30.65
CA ILE B 552 -12.60 -35.21 31.87
C ILE B 552 -13.37 -36.50 31.61
N GLU B 553 -14.64 -36.37 31.23
CA GLU B 553 -15.52 -37.53 31.08
C GLU B 553 -15.00 -38.54 30.06
N GLU B 554 -14.82 -38.10 28.82
CA GLU B 554 -14.43 -39.00 27.75
C GLU B 554 -12.92 -39.09 27.59
N ASN B 555 -12.18 -38.37 28.43
CA ASN B 555 -10.72 -38.37 28.37
C ASN B 555 -10.13 -39.56 29.12
N GLU B 556 -9.72 -40.58 28.37
CA GLU B 556 -9.28 -41.84 28.97
C GLU B 556 -7.95 -41.78 29.70
N TRP B 557 -7.29 -40.63 29.69
CA TRP B 557 -6.05 -40.48 30.45
C TRP B 557 -6.28 -39.71 31.74
N MET B 558 -7.53 -39.38 32.02
CA MET B 558 -7.86 -38.68 33.25
C MET B 558 -8.50 -39.64 34.24
N MET B 559 -7.72 -40.09 35.22
CA MET B 559 -8.18 -41.07 36.18
C MET B 559 -9.23 -40.47 37.12
N ASP B 560 -8.88 -39.35 37.74
CA ASP B 560 -9.80 -38.67 38.64
C ASP B 560 -10.86 -37.94 37.83
N LYS B 561 -12.03 -38.54 37.72
CA LYS B 561 -13.11 -38.04 36.88
C LYS B 561 -13.90 -36.90 37.52
N THR B 562 -13.30 -36.24 38.51
CA THR B 562 -13.93 -35.12 39.21
C THR B 562 -14.16 -33.94 38.29
N PRO B 563 -15.44 -33.60 38.04
CA PRO B 563 -15.78 -32.50 37.13
C PRO B 563 -15.16 -31.18 37.59
N ILE B 564 -14.93 -30.27 36.65
CA ILE B 564 -14.44 -28.93 36.99
C ILE B 564 -15.61 -27.98 37.19
N ALA B 565 -15.56 -27.22 38.28
CA ALA B 565 -16.67 -26.37 38.69
C ALA B 565 -16.84 -25.13 37.81
N SER B 566 -15.73 -24.45 37.53
CA SER B 566 -15.78 -23.23 36.74
C SER B 566 -14.48 -23.01 35.95
N TRP B 567 -14.54 -22.11 34.97
CA TRP B 567 -13.39 -21.80 34.13
C TRP B 567 -12.16 -21.36 34.93
N THR B 568 -12.40 -20.74 36.08
CA THR B 568 -11.32 -20.25 36.93
C THR B 568 -10.50 -21.39 37.52
N ASP B 569 -10.94 -22.62 37.24
CA ASP B 569 -10.20 -23.81 37.66
C ASP B 569 -9.46 -24.44 36.48
N VAL B 570 -9.76 -23.96 35.28
CA VAL B 570 -9.12 -24.46 34.07
C VAL B 570 -7.80 -23.73 33.82
N PRO B 571 -6.69 -24.49 33.75
CA PRO B 571 -5.34 -23.94 33.78
C PRO B 571 -4.92 -23.28 32.47
N TYR B 572 -3.92 -22.39 32.56
CA TYR B 572 -3.28 -21.82 31.38
C TYR B 572 -1.90 -22.43 31.27
N VAL B 573 -1.24 -22.22 30.14
CA VAL B 573 0.18 -22.55 30.03
C VAL B 573 0.96 -21.48 30.78
N GLY B 574 2.27 -21.64 30.90
CA GLY B 574 3.09 -20.63 31.55
C GLY B 574 3.15 -19.38 30.69
N LYS B 575 3.33 -18.22 31.32
CA LYS B 575 3.41 -16.95 30.59
C LYS B 575 4.54 -17.03 29.56
N ARG B 576 5.69 -17.51 30.01
CA ARG B 576 6.85 -17.70 29.13
C ARG B 576 6.49 -18.54 27.92
N GLU B 577 5.80 -19.64 28.17
CA GLU B 577 5.38 -20.54 27.10
C GLU B 577 4.33 -19.87 26.22
N ASP B 578 3.45 -19.09 26.85
CA ASP B 578 2.37 -18.42 26.14
C ASP B 578 2.94 -17.39 25.17
N ILE B 579 3.85 -16.56 25.66
CA ILE B 579 4.46 -15.49 24.87
C ILE B 579 5.28 -16.06 23.72
N TRP B 580 6.00 -17.15 23.99
CA TRP B 580 6.79 -17.83 22.97
C TRP B 580 5.89 -18.27 21.83
N CYS B 581 4.72 -18.76 22.18
CA CYS B 581 3.78 -19.25 21.19
C CYS B 581 2.88 -18.13 20.69
N GLY B 582 3.31 -16.89 20.87
CA GLY B 582 2.70 -15.75 20.19
C GLY B 582 1.81 -14.85 21.02
N SER B 583 1.78 -15.04 22.33
CA SER B 583 0.89 -14.26 23.17
C SER B 583 1.35 -12.81 23.30
N LEU B 584 0.40 -11.93 23.62
CA LEU B 584 0.71 -10.51 23.73
C LEU B 584 0.64 -10.05 25.17
N ILE B 585 0.53 -10.97 26.12
CA ILE B 585 0.48 -10.58 27.53
C ILE B 585 1.75 -9.84 27.90
N GLY B 586 1.67 -8.98 28.90
CA GLY B 586 2.82 -8.22 29.33
C GLY B 586 3.17 -7.12 28.36
N THR B 587 2.28 -6.84 27.41
CA THR B 587 2.47 -5.72 26.50
C THR B 587 1.44 -4.64 26.81
N ARG B 588 1.78 -3.40 26.46
CA ARG B 588 0.90 -2.27 26.69
C ARG B 588 -0.33 -2.34 25.79
N SER B 589 -0.11 -2.67 24.52
CA SER B 589 -1.18 -2.65 23.54
C SER B 589 -2.30 -3.64 23.84
N ARG B 590 -1.95 -4.80 24.37
CA ARG B 590 -2.93 -5.82 24.72
C ARG B 590 -3.64 -5.45 26.01
N ALA B 591 -2.88 -4.87 26.94
CA ALA B 591 -3.41 -4.49 28.25
C ALA B 591 -4.56 -3.49 28.09
N THR B 592 -4.37 -2.53 27.20
CA THR B 592 -5.41 -1.55 26.91
C THR B 592 -6.65 -2.27 26.38
N TRP B 593 -6.41 -3.23 25.48
CA TRP B 593 -7.47 -3.99 24.85
C TRP B 593 -8.26 -4.80 25.86
N ALA B 594 -7.57 -5.33 26.86
CA ALA B 594 -8.19 -6.21 27.84
C ALA B 594 -9.10 -5.47 28.81
N GLU B 595 -8.72 -4.27 29.19
CA GLU B 595 -9.50 -3.49 30.15
C GLU B 595 -10.57 -2.65 29.45
N ASN B 596 -10.45 -2.54 28.13
CA ASN B 596 -11.47 -1.89 27.31
C ASN B 596 -12.17 -2.91 26.44
N ILE B 597 -12.17 -4.17 26.89
CA ILE B 597 -12.80 -5.25 26.15
C ILE B 597 -14.31 -5.04 26.05
N TYR B 598 -14.89 -4.47 27.10
CA TYR B 598 -16.33 -4.25 27.17
C TYR B 598 -16.80 -3.22 26.15
N ALA B 599 -15.99 -2.20 25.93
CA ALA B 599 -16.29 -1.18 24.93
C ALA B 599 -16.37 -1.83 23.55
N ALA B 600 -15.48 -2.78 23.32
CA ALA B 600 -15.45 -3.49 22.06
C ALA B 600 -16.69 -4.36 21.89
N ILE B 601 -17.07 -5.04 22.96
CA ILE B 601 -18.26 -5.90 22.95
C ILE B 601 -19.49 -5.07 22.61
N ASN B 602 -19.64 -3.95 23.30
CA ASN B 602 -20.81 -3.09 23.11
C ASN B 602 -20.92 -2.55 21.69
N GLN B 603 -19.80 -2.41 21.00
CA GLN B 603 -19.83 -1.93 19.61
C GLN B 603 -20.41 -3.00 18.68
N VAL B 604 -19.96 -4.24 18.87
CA VAL B 604 -20.43 -5.35 18.04
C VAL B 604 -21.93 -5.58 18.27
N ARG B 605 -22.35 -5.50 19.52
CA ARG B 605 -23.77 -5.63 19.87
C ARG B 605 -24.61 -4.57 19.19
N ALA B 606 -24.11 -3.34 19.17
CA ALA B 606 -24.86 -2.24 18.59
C ALA B 606 -24.99 -2.40 17.08
N VAL B 607 -24.01 -3.07 16.48
CA VAL B 607 -24.02 -3.32 15.04
C VAL B 607 -24.92 -4.50 14.68
N ILE B 608 -24.79 -5.61 15.42
CA ILE B 608 -25.59 -6.79 15.16
C ILE B 608 -27.07 -6.51 15.37
N GLY B 609 -27.38 -5.82 16.46
CA GLY B 609 -28.76 -5.41 16.74
C GLY B 609 -29.31 -5.91 18.05
N LYS B 610 -30.61 -5.69 18.24
CA LYS B 610 -31.29 -6.07 19.47
C LYS B 610 -31.51 -7.57 19.57
N GLU B 611 -30.74 -8.23 20.45
CA GLU B 611 -30.94 -9.65 20.71
C GLU B 611 -30.62 -9.97 22.16
N ASN B 612 -30.68 -11.24 22.52
CA ASN B 612 -30.37 -11.69 23.87
C ASN B 612 -28.88 -11.99 24.03
N TYR B 613 -28.19 -11.16 24.80
CA TYR B 613 -26.75 -11.33 25.03
C TYR B 613 -26.46 -11.74 26.47
N VAL B 614 -25.30 -12.34 26.68
CA VAL B 614 -24.86 -12.75 28.01
C VAL B 614 -23.42 -12.32 28.21
N ASP B 615 -23.10 -11.81 29.40
CA ASP B 615 -21.75 -11.39 29.71
C ASP B 615 -20.95 -12.56 30.24
N TYR B 616 -20.06 -13.10 29.40
CA TYR B 616 -19.24 -14.24 29.77
C TYR B 616 -17.91 -13.81 30.37
N MET B 617 -17.67 -12.50 30.39
CA MET B 617 -16.37 -11.96 30.80
C MET B 617 -16.09 -12.09 32.30
N THR B 618 -17.03 -12.67 33.03
CA THR B 618 -16.83 -12.92 34.45
C THR B 618 -16.04 -14.20 34.71
N GLN C 5 -38.93 1.98 -31.61
CA GLN C 5 -39.70 1.67 -32.80
C GLN C 5 -38.81 1.75 -34.05
N GLU C 6 -37.98 2.78 -34.12
CA GLU C 6 -37.14 3.00 -35.29
C GLU C 6 -35.76 3.53 -34.89
N LYS C 7 -35.74 4.45 -33.93
CA LYS C 7 -34.51 5.09 -33.51
C LYS C 7 -33.75 4.25 -32.47
N ILE C 8 -34.43 3.26 -31.91
CA ILE C 8 -33.87 2.47 -30.82
C ILE C 8 -33.27 1.14 -31.28
N LYS C 9 -33.33 0.88 -32.59
CA LYS C 9 -32.80 -0.36 -33.15
C LYS C 9 -31.33 -0.59 -32.84
N LYS C 10 -30.52 0.44 -33.04
CA LYS C 10 -29.07 0.35 -32.83
C LYS C 10 -28.70 -0.10 -31.41
N ARG C 11 -29.55 0.23 -30.45
CA ARG C 11 -29.30 -0.14 -29.06
C ARG C 11 -29.80 -1.55 -28.80
N ILE C 12 -30.90 -1.91 -29.46
CA ILE C 12 -31.50 -3.23 -29.31
C ILE C 12 -30.58 -4.35 -29.81
N GLN C 13 -29.98 -4.16 -30.98
CA GLN C 13 -29.13 -5.18 -31.60
C GLN C 13 -27.94 -5.56 -30.71
N LYS C 14 -27.22 -4.54 -30.22
CA LYS C 14 -26.06 -4.78 -29.38
C LYS C 14 -26.42 -5.49 -28.08
N LEU C 15 -27.64 -5.28 -27.60
CA LEU C 15 -28.10 -5.94 -26.38
C LEU C 15 -28.41 -7.41 -26.64
N LYS C 16 -29.11 -7.69 -27.74
CA LYS C 16 -29.40 -9.07 -28.11
C LYS C 16 -28.10 -9.83 -28.36
N GLU C 17 -27.16 -9.16 -29.04
CA GLU C 17 -25.88 -9.78 -29.37
C GLU C 17 -25.02 -10.05 -28.14
N GLU C 18 -24.82 -9.01 -27.32
CA GLU C 18 -23.94 -9.10 -26.15
C GLU C 18 -24.40 -10.15 -25.13
N PHE C 19 -25.71 -10.39 -25.09
CA PHE C 19 -26.26 -11.32 -24.11
C PHE C 19 -27.09 -12.40 -24.81
N ALA C 20 -26.66 -12.79 -26.01
CA ALA C 20 -27.34 -13.80 -26.81
C ALA C 20 -27.40 -15.16 -26.13
N THR C 21 -26.44 -15.41 -25.25
CA THR C 21 -26.34 -16.71 -24.57
C THR C 21 -27.62 -17.11 -23.85
N THR C 22 -28.06 -16.29 -22.91
CA THR C 22 -29.25 -16.61 -22.12
C THR C 22 -30.46 -15.82 -22.60
N TRP C 23 -30.30 -15.12 -23.72
CA TRP C 23 -31.37 -14.28 -24.27
C TRP C 23 -32.60 -15.11 -24.65
N HIS C 24 -33.76 -14.66 -24.20
CA HIS C 24 -35.02 -15.28 -24.60
C HIS C 24 -36.07 -14.21 -24.89
N LYS C 25 -37.17 -14.62 -25.50
CA LYS C 25 -38.20 -13.69 -25.96
C LYS C 25 -39.55 -13.90 -25.31
N ASP C 26 -40.00 -12.92 -24.53
CA ASP C 26 -41.40 -12.82 -24.13
C ASP C 26 -41.88 -13.92 -23.21
N PRO C 27 -41.62 -13.78 -21.89
CA PRO C 27 -42.37 -14.60 -20.93
C PRO C 27 -43.79 -14.03 -20.80
N GLU C 28 -44.22 -13.78 -19.56
CA GLU C 28 -45.54 -13.19 -19.34
C GLU C 28 -45.40 -11.83 -18.66
N HIS C 29 -44.49 -11.02 -19.21
CA HIS C 29 -44.16 -9.71 -18.64
C HIS C 29 -45.40 -8.84 -18.44
N PRO C 30 -45.37 -7.99 -17.40
CA PRO C 30 -46.51 -7.14 -17.04
C PRO C 30 -46.42 -5.73 -17.63
N TYR C 31 -45.40 -5.47 -18.45
CA TYR C 31 -45.21 -4.14 -19.03
C TYR C 31 -46.39 -3.72 -19.90
N ARG C 32 -46.89 -2.53 -19.64
CA ARG C 32 -48.05 -1.98 -20.32
C ARG C 32 -47.68 -0.80 -21.19
N THR C 33 -46.88 0.10 -20.61
CA THR C 33 -46.47 1.33 -21.30
C THR C 33 -45.04 1.23 -21.78
N TRP C 34 -44.47 0.02 -21.71
CA TRP C 34 -43.10 -0.19 -22.16
C TRP C 34 -43.02 -1.35 -23.13
N THR C 35 -42.45 -1.11 -24.31
CA THR C 35 -42.32 -2.14 -25.33
C THR C 35 -41.26 -3.16 -24.89
N TYR C 36 -41.69 -4.41 -24.71
CA TYR C 36 -40.80 -5.46 -24.22
C TYR C 36 -40.00 -6.06 -25.37
N HIS C 37 -38.70 -6.21 -25.17
CA HIS C 37 -37.83 -6.77 -26.21
C HIS C 37 -37.34 -8.17 -25.87
N GLY C 38 -36.92 -8.37 -24.62
CA GLY C 38 -36.43 -9.67 -24.18
C GLY C 38 -35.81 -9.61 -22.79
N SER C 39 -35.19 -10.71 -22.39
CA SER C 39 -34.57 -10.78 -21.06
C SER C 39 -33.37 -11.73 -21.07
N TYR C 40 -32.55 -11.61 -20.04
CA TYR C 40 -31.39 -12.48 -19.86
C TYR C 40 -31.00 -12.59 -18.39
N GLU C 41 -30.36 -13.70 -18.03
CA GLU C 41 -30.01 -13.97 -16.65
C GLU C 41 -28.83 -13.13 -16.18
N VAL C 42 -28.90 -12.64 -14.95
CA VAL C 42 -27.84 -11.83 -14.37
C VAL C 42 -27.65 -12.14 -12.89
N LYS C 43 -26.48 -11.78 -12.37
CA LYS C 43 -26.19 -11.94 -10.96
C LYS C 43 -26.96 -10.87 -10.18
N ALA C 44 -27.78 -11.32 -9.23
CA ALA C 44 -28.59 -10.41 -8.43
C ALA C 44 -27.75 -9.52 -7.54
N THR C 45 -28.31 -8.38 -7.14
CA THR C 45 -27.63 -7.46 -6.26
C THR C 45 -28.49 -7.21 -5.02
N GLY C 46 -28.89 -8.29 -4.37
CA GLY C 46 -29.71 -8.22 -3.17
C GLY C 46 -29.78 -9.54 -2.45
N LEU C 51 -25.70 -2.94 8.33
CA LEU C 51 -25.70 -1.56 7.88
C LEU C 51 -26.09 -0.58 9.00
N VAL C 52 -25.40 -0.65 10.13
CA VAL C 52 -25.67 0.24 11.26
C VAL C 52 -24.42 0.97 11.71
N ASN C 53 -24.51 2.29 11.76
CA ASN C 53 -23.41 3.13 12.22
C ASN C 53 -23.23 2.99 13.72
N GLY C 54 -22.24 2.20 14.12
CA GLY C 54 -22.01 1.90 15.52
C GLY C 54 -21.76 3.10 16.42
N VAL C 55 -21.09 4.12 15.88
CA VAL C 55 -20.75 5.28 16.67
C VAL C 55 -22.01 6.05 17.07
N VAL C 56 -22.84 6.37 16.08
CA VAL C 56 -24.08 7.10 16.32
C VAL C 56 -25.03 6.27 17.17
N LYS C 57 -25.08 4.98 16.89
CA LYS C 57 -25.93 4.04 17.62
C LYS C 57 -25.60 4.09 19.11
N LEU C 58 -24.30 4.18 19.42
CA LEU C 58 -23.83 4.17 20.79
C LEU C 58 -24.09 5.51 21.49
N MET C 59 -24.07 6.59 20.73
CA MET C 59 -24.24 7.93 21.32
C MET C 59 -25.70 8.38 21.37
N SER C 60 -26.59 7.56 20.83
CA SER C 60 -28.00 7.92 20.76
C SER C 60 -28.84 6.82 21.41
N LYS C 61 -28.46 6.43 22.62
CA LYS C 61 -29.12 5.35 23.34
C LYS C 61 -30.64 5.50 23.55
N PRO C 62 -31.12 6.71 23.86
CA PRO C 62 -32.57 6.82 24.07
C PRO C 62 -33.37 6.52 22.81
N TRP C 63 -32.79 6.81 21.64
CA TRP C 63 -33.50 6.65 20.38
C TRP C 63 -33.56 5.20 19.92
N ASP C 64 -33.03 4.29 20.73
CA ASP C 64 -33.11 2.87 20.45
C ASP C 64 -34.56 2.39 20.60
N ALA C 65 -35.35 3.14 21.36
CA ALA C 65 -36.73 2.76 21.63
C ALA C 65 -37.70 3.46 20.66
N ILE C 66 -37.18 4.40 19.89
CA ILE C 66 -38.02 5.19 19.00
C ILE C 66 -38.22 4.47 17.66
N ALA C 67 -39.48 4.20 17.33
CA ALA C 67 -39.83 3.43 16.14
C ALA C 67 -39.37 4.10 14.84
N ASN C 68 -39.59 5.40 14.73
CA ASN C 68 -39.22 6.14 13.53
C ASN C 68 -37.73 6.06 13.24
N VAL C 69 -36.95 5.80 14.28
CA VAL C 69 -35.50 5.70 14.14
C VAL C 69 -35.12 4.25 13.88
N THR C 70 -35.72 3.35 14.65
CA THR C 70 -35.39 1.93 14.57
C THR C 70 -35.95 1.26 13.32
N THR C 71 -37.11 1.73 12.87
CA THR C 71 -37.75 1.13 11.70
C THR C 71 -37.39 1.87 10.42
N MET C 72 -36.37 2.72 10.48
CA MET C 72 -36.02 3.51 9.31
C MET C 72 -35.12 2.76 8.34
N ALA C 73 -35.50 2.82 7.06
CA ALA C 73 -34.70 2.32 5.96
C ALA C 73 -35.20 3.00 4.71
N MET C 74 -34.29 3.30 3.79
CA MET C 74 -34.65 4.01 2.57
C MET C 74 -33.89 3.45 1.38
N THR C 75 -33.20 2.34 1.60
CA THR C 75 -32.42 1.72 0.56
C THR C 75 -33.13 0.46 0.05
N ASP C 76 -33.12 0.27 -1.27
CA ASP C 76 -33.68 -0.94 -1.87
C ASP C 76 -33.22 -1.09 -3.33
N THR C 77 -32.04 -1.66 -3.53
CA THR C 77 -31.52 -1.89 -4.88
C THR C 77 -31.82 -3.31 -5.30
N THR C 78 -32.45 -4.07 -4.41
CA THR C 78 -32.78 -5.47 -4.68
C THR C 78 -33.75 -5.60 -5.85
N PRO C 79 -33.53 -6.62 -6.70
CA PRO C 79 -34.35 -6.93 -7.87
C PRO C 79 -35.82 -7.13 -7.54
N PHE C 80 -36.07 -7.73 -6.38
CA PHE C 80 -37.41 -8.01 -5.92
C PHE C 80 -38.21 -6.73 -5.72
N GLY C 81 -37.54 -5.72 -5.15
CA GLY C 81 -38.16 -4.43 -4.89
C GLY C 81 -38.36 -3.60 -6.14
N GLN C 82 -37.48 -3.77 -7.11
CA GLN C 82 -37.53 -3.03 -8.37
C GLN C 82 -38.84 -3.24 -9.12
N GLN C 83 -39.37 -4.45 -9.08
CA GLN C 83 -40.62 -4.73 -9.77
C GLN C 83 -41.81 -4.03 -9.12
N ARG C 84 -41.79 -3.92 -7.80
CA ARG C 84 -42.90 -3.32 -7.07
C ARG C 84 -43.02 -1.83 -7.36
N VAL C 85 -41.88 -1.14 -7.42
CA VAL C 85 -41.85 0.30 -7.66
C VAL C 85 -42.10 0.60 -9.15
N PHE C 86 -41.70 -0.33 -10.00
CA PHE C 86 -41.81 -0.14 -11.44
C PHE C 86 -43.26 -0.23 -11.89
N LYS C 87 -44.02 -1.14 -11.28
CA LYS C 87 -45.42 -1.34 -11.62
C LYS C 87 -46.27 -0.11 -11.35
N GLU C 88 -46.06 0.51 -10.19
CA GLU C 88 -46.90 1.62 -9.76
C GLU C 88 -46.41 3.02 -10.13
N LYS C 89 -45.11 3.18 -10.38
CA LYS C 89 -44.56 4.52 -10.61
C LYS C 89 -43.75 4.73 -11.89
N VAL C 90 -43.52 3.67 -12.65
CA VAL C 90 -42.82 3.80 -13.94
C VAL C 90 -43.67 3.26 -15.08
N ASP C 91 -44.36 2.14 -14.84
CA ASP C 91 -45.28 1.57 -15.82
C ASP C 91 -46.59 2.36 -15.80
N THR C 92 -46.48 3.68 -15.95
CA THR C 92 -47.63 4.55 -15.93
C THR C 92 -47.39 5.68 -16.93
N LYS C 93 -48.46 6.18 -17.52
CA LYS C 93 -48.36 7.23 -18.52
C LYS C 93 -49.39 8.30 -18.25
N ALA C 94 -48.95 9.55 -18.24
CA ALA C 94 -49.84 10.67 -18.02
C ALA C 94 -50.46 11.07 -19.36
N PRO C 95 -51.78 11.23 -19.38
CA PRO C 95 -52.50 11.61 -20.61
C PRO C 95 -52.13 13.02 -21.04
N GLU C 96 -52.11 13.26 -22.36
CA GLU C 96 -51.80 14.59 -22.87
C GLU C 96 -52.94 15.57 -22.61
N PRO C 97 -52.59 16.81 -22.25
CA PRO C 97 -53.58 17.87 -22.03
C PRO C 97 -54.30 18.24 -23.32
N PRO C 98 -55.53 18.77 -23.21
CA PRO C 98 -56.36 19.15 -24.37
C PRO C 98 -55.75 20.28 -25.20
N ALA C 99 -56.35 20.56 -26.36
CA ALA C 99 -55.80 21.52 -27.31
C ALA C 99 -55.62 22.91 -26.71
N GLY C 100 -56.60 23.35 -25.93
CA GLY C 100 -56.53 24.65 -25.29
C GLY C 100 -55.35 24.77 -24.33
N VAL C 101 -55.21 23.79 -23.44
CA VAL C 101 -54.14 23.79 -22.45
C VAL C 101 -52.75 23.77 -23.09
N ARG C 102 -52.57 22.92 -24.08
CA ARG C 102 -51.29 22.82 -24.78
C ARG C 102 -50.86 24.19 -25.29
N GLU C 103 -51.83 24.99 -25.72
CA GLU C 103 -51.56 26.33 -26.24
C GLU C 103 -51.23 27.31 -25.12
N VAL C 104 -51.92 27.16 -23.99
CA VAL C 104 -51.67 28.04 -22.85
C VAL C 104 -50.26 27.81 -22.31
N LEU C 105 -49.82 26.56 -22.31
CA LEU C 105 -48.46 26.22 -21.91
C LEU C 105 -47.45 26.79 -22.90
N ASN C 106 -47.84 26.85 -24.16
CA ASN C 106 -46.97 27.35 -25.22
C ASN C 106 -46.54 28.79 -24.99
N GLU C 107 -47.51 29.65 -24.70
CA GLU C 107 -47.22 31.05 -24.44
C GLU C 107 -46.36 31.18 -23.19
N THR C 108 -46.68 30.37 -22.18
CA THR C 108 -46.00 30.43 -20.90
C THR C 108 -44.53 30.02 -21.01
N THR C 109 -44.28 28.89 -21.66
CA THR C 109 -42.93 28.37 -21.80
C THR C 109 -42.07 29.22 -22.72
N ASN C 110 -42.70 29.82 -23.73
CA ASN C 110 -41.99 30.71 -24.65
C ASN C 110 -41.43 31.92 -23.91
N TRP C 111 -42.27 32.51 -23.06
CA TRP C 111 -41.88 33.67 -22.27
C TRP C 111 -40.76 33.36 -21.29
N LEU C 112 -40.81 32.17 -20.70
CA LEU C 112 -39.85 31.81 -19.67
C LEU C 112 -38.45 31.67 -20.26
N TRP C 113 -38.33 30.94 -21.37
CA TRP C 113 -37.05 30.80 -22.05
C TRP C 113 -36.49 32.15 -22.44
N ALA C 114 -37.37 33.05 -22.86
CA ALA C 114 -36.98 34.40 -23.22
C ALA C 114 -36.43 35.12 -22.00
N HIS C 115 -37.04 34.85 -20.85
CA HIS C 115 -36.64 35.49 -19.60
C HIS C 115 -35.33 34.95 -19.07
N LEU C 116 -35.11 33.65 -19.26
CA LEU C 116 -33.87 33.02 -18.80
C LEU C 116 -32.71 33.40 -19.71
N SER C 117 -33.01 33.63 -20.98
CA SER C 117 -31.99 33.91 -21.97
C SER C 117 -31.87 35.40 -22.23
N ARG C 118 -32.24 36.21 -21.24
CA ARG C 118 -32.19 37.65 -21.38
C ARG C 118 -30.77 38.18 -21.18
N GLU C 119 -29.95 37.44 -20.44
CA GLU C 119 -28.59 37.88 -20.14
C GLU C 119 -27.55 36.78 -20.34
N LYS C 120 -27.87 35.57 -19.86
CA LYS C 120 -26.94 34.44 -19.99
C LYS C 120 -26.93 33.92 -21.42
N ARG C 121 -25.77 33.47 -21.87
CA ARG C 121 -25.66 32.83 -23.17
C ARG C 121 -25.15 31.40 -23.03
N PRO C 122 -25.79 30.47 -23.74
CA PRO C 122 -25.48 29.03 -23.70
C PRO C 122 -24.05 28.76 -24.13
N ARG C 123 -23.52 27.59 -23.77
CA ARG C 123 -22.15 27.23 -24.10
C ARG C 123 -21.93 25.74 -23.94
N LEU C 124 -21.00 25.20 -24.73
CA LEU C 124 -20.62 23.81 -24.61
C LEU C 124 -19.83 23.59 -23.32
N CYS C 125 -19.85 22.37 -22.80
CA CYS C 125 -19.06 22.03 -21.62
C CYS C 125 -17.77 21.35 -22.04
N THR C 126 -16.78 21.34 -21.15
CA THR C 126 -15.47 20.82 -21.51
C THR C 126 -15.14 19.50 -20.84
N LYS C 127 -14.11 18.83 -21.36
CA LYS C 127 -13.64 17.55 -20.87
C LYS C 127 -13.08 17.65 -19.44
N GLU C 128 -12.26 18.67 -19.20
CA GLU C 128 -11.66 18.90 -17.90
C GLU C 128 -12.72 19.22 -16.85
N GLU C 129 -13.78 19.90 -17.28
CA GLU C 129 -14.86 20.32 -16.40
C GLU C 129 -15.59 19.11 -15.82
N PHE C 130 -15.78 18.09 -16.66
CA PHE C 130 -16.44 16.86 -16.23
C PHE C 130 -15.65 16.18 -15.12
N ILE C 131 -14.35 16.02 -15.35
CA ILE C 131 -13.46 15.37 -14.38
C ILE C 131 -13.47 16.20 -13.10
N LYS C 132 -13.43 17.52 -13.26
CA LYS C 132 -13.49 18.46 -12.14
C LYS C 132 -14.75 18.22 -11.31
N LYS C 133 -15.82 17.82 -11.99
CA LYS C 133 -17.12 17.59 -11.37
C LYS C 133 -17.16 16.27 -10.58
N VAL C 134 -16.49 15.25 -11.10
CA VAL C 134 -16.51 13.92 -10.51
C VAL C 134 -15.94 13.88 -9.10
N ASN C 135 -14.81 14.56 -8.90
CA ASN C 135 -14.16 14.59 -7.59
C ASN C 135 -14.91 15.45 -6.59
N ALA C 153 -15.78 5.09 -9.57
CA ALA C 153 -16.17 6.20 -10.43
C ALA C 153 -15.01 7.15 -10.66
N ARG C 154 -14.30 7.49 -9.58
CA ARG C 154 -13.14 8.36 -9.68
C ARG C 154 -12.02 7.71 -10.49
N GLU C 155 -11.78 6.42 -10.26
CA GLU C 155 -10.77 5.69 -11.04
C GLU C 155 -11.34 5.19 -12.36
N ALA C 156 -12.49 5.73 -12.76
CA ALA C 156 -13.09 5.41 -14.04
C ALA C 156 -12.76 6.46 -15.11
N VAL C 157 -12.84 7.72 -14.70
CA VAL C 157 -12.64 8.85 -15.60
C VAL C 157 -11.21 8.98 -16.12
N ASN C 158 -10.29 8.28 -15.46
CA ASN C 158 -8.88 8.31 -15.81
C ASN C 158 -8.52 7.24 -16.84
N ASP C 159 -9.55 6.58 -17.38
CA ASP C 159 -9.36 5.54 -18.39
C ASP C 159 -9.53 6.10 -19.79
N PRO C 160 -8.41 6.18 -20.55
CA PRO C 160 -8.38 6.69 -21.92
C PRO C 160 -9.25 5.90 -22.90
N ARG C 161 -9.58 4.65 -22.57
CA ARG C 161 -10.47 3.85 -23.40
C ARG C 161 -11.85 4.49 -23.38
N PHE C 162 -12.22 5.03 -22.23
CA PHE C 162 -13.49 5.71 -22.04
C PHE C 162 -13.65 6.90 -22.98
N TRP C 163 -12.59 7.71 -23.09
CA TRP C 163 -12.67 8.90 -23.93
C TRP C 163 -12.64 8.57 -25.42
N GLU C 164 -12.25 7.35 -25.75
CA GLU C 164 -12.28 6.89 -27.14
C GLU C 164 -13.70 6.54 -27.56
N MET C 165 -14.41 5.86 -26.67
CA MET C 165 -15.79 5.44 -26.91
C MET C 165 -16.75 6.62 -27.07
N VAL C 166 -16.56 7.64 -26.22
CA VAL C 166 -17.38 8.85 -26.29
C VAL C 166 -17.21 9.54 -27.63
N ASP C 167 -15.96 9.76 -28.04
CA ASP C 167 -15.66 10.39 -29.31
C ASP C 167 -16.30 9.62 -30.46
N GLU C 168 -16.35 8.30 -30.32
CA GLU C 168 -17.03 7.44 -31.28
C GLU C 168 -18.53 7.66 -31.23
N GLU C 169 -19.07 7.78 -30.01
CA GLU C 169 -20.51 7.92 -29.82
C GLU C 169 -21.01 9.26 -30.35
N ARG C 170 -20.18 10.29 -30.24
CA ARG C 170 -20.54 11.61 -30.75
C ARG C 170 -20.81 11.55 -32.25
N GLU C 171 -20.04 10.74 -32.96
CA GLU C 171 -20.21 10.60 -34.40
C GLU C 171 -21.48 9.82 -34.70
N ASN C 172 -21.86 8.93 -33.79
CA ASN C 172 -23.13 8.22 -33.90
C ASN C 172 -24.27 9.19 -33.66
N HIS C 173 -24.07 10.09 -32.71
CA HIS C 173 -25.04 11.13 -32.39
C HIS C 173 -25.11 12.18 -33.49
N LEU C 174 -23.93 12.57 -33.99
CA LEU C 174 -23.84 13.53 -35.09
C LEU C 174 -24.50 12.96 -36.35
N ARG C 175 -24.59 11.63 -36.40
CA ARG C 175 -25.24 10.91 -37.48
C ARG C 175 -26.74 10.82 -37.20
N GLY C 176 -27.12 11.00 -35.95
CA GLY C 176 -28.50 10.91 -35.54
C GLY C 176 -28.86 9.51 -35.10
N GLU C 177 -27.91 8.84 -34.47
CA GLU C 177 -28.13 7.50 -33.93
C GLU C 177 -27.66 7.42 -32.49
N CYS C 178 -28.30 6.55 -31.71
CA CYS C 178 -27.89 6.30 -30.34
C CYS C 178 -27.57 4.83 -30.19
N HIS C 179 -26.37 4.53 -29.69
CA HIS C 179 -25.87 3.15 -29.67
C HIS C 179 -25.68 2.58 -28.27
N THR C 180 -25.07 3.37 -27.38
CA THR C 180 -24.67 2.86 -26.08
C THR C 180 -25.38 3.51 -24.89
N CYS C 181 -25.98 4.67 -25.12
CA CYS C 181 -26.64 5.42 -24.05
C CYS C 181 -27.91 4.71 -23.58
N ILE C 182 -27.79 3.95 -22.50
CA ILE C 182 -28.90 3.16 -21.98
C ILE C 182 -29.12 3.41 -20.48
N TYR C 183 -30.38 3.55 -20.10
CA TYR C 183 -30.75 3.77 -18.71
C TYR C 183 -30.87 2.44 -17.96
N ASN C 184 -30.50 2.46 -16.69
CA ASN C 184 -30.63 1.28 -15.84
C ASN C 184 -31.39 1.58 -14.56
N MET C 185 -32.44 0.80 -14.29
CA MET C 185 -33.28 1.02 -13.12
C MET C 185 -32.65 0.35 -11.91
N MET C 186 -31.94 1.14 -11.10
CA MET C 186 -31.14 0.61 -10.00
C MET C 186 -31.96 0.12 -8.81
N GLY C 187 -32.95 0.89 -8.40
CA GLY C 187 -33.76 0.53 -7.24
C GLY C 187 -34.87 1.51 -6.91
N LYS C 188 -35.32 1.47 -5.66
CA LYS C 188 -36.44 2.31 -5.24
C LYS C 188 -36.10 3.21 -4.04
N ARG C 189 -36.66 4.41 -4.05
CA ARG C 189 -36.56 5.34 -2.93
C ARG C 189 -37.91 5.53 -2.27
N PHE C 196 -44.77 13.83 10.55
CA PHE C 196 -43.42 14.40 10.47
C PHE C 196 -43.30 15.33 9.26
N GLY C 197 -42.95 14.75 8.12
CA GLY C 197 -42.78 15.51 6.89
C GLY C 197 -43.88 15.19 5.89
N LYS C 198 -43.96 15.97 4.82
CA LYS C 198 -44.92 15.72 3.76
C LYS C 198 -44.61 14.36 3.14
N ALA C 199 -45.65 13.55 2.96
CA ALA C 199 -45.49 12.14 2.61
C ALA C 199 -45.04 11.90 1.17
N LYS C 200 -43.74 11.89 0.95
CA LYS C 200 -43.16 11.61 -0.36
C LYS C 200 -43.39 10.15 -0.76
N GLY C 201 -43.85 9.96 -2.00
CA GLY C 201 -44.10 8.64 -2.54
C GLY C 201 -42.83 7.88 -2.88
N SER C 202 -43.01 6.70 -3.48
CA SER C 202 -41.87 5.89 -3.93
C SER C 202 -41.21 6.53 -5.16
N ARG C 203 -39.89 6.35 -5.27
CA ARG C 203 -39.16 6.91 -6.41
C ARG C 203 -38.12 5.94 -6.98
N ALA C 204 -37.88 6.03 -8.27
CA ALA C 204 -36.94 5.15 -8.96
C ALA C 204 -35.55 5.77 -9.06
N ILE C 205 -34.52 4.95 -8.93
CA ILE C 205 -33.14 5.42 -9.02
C ILE C 205 -32.54 5.04 -10.37
N TRP C 206 -32.24 6.04 -11.19
CA TRP C 206 -31.72 5.80 -12.53
C TRP C 206 -30.22 6.08 -12.64
N PHE C 207 -29.49 5.07 -13.11
CA PHE C 207 -28.08 5.19 -13.42
C PHE C 207 -27.85 4.94 -14.91
N MET C 208 -26.77 5.48 -15.44
CA MET C 208 -26.42 5.26 -16.83
C MET C 208 -24.93 4.97 -16.99
N TRP C 209 -24.56 4.55 -18.19
CA TRP C 209 -23.15 4.39 -18.53
C TRP C 209 -22.45 5.73 -18.38
N LEU C 210 -21.34 5.73 -17.65
CA LEU C 210 -20.61 6.95 -17.32
C LEU C 210 -20.30 7.82 -18.55
N GLY C 211 -20.17 7.17 -19.71
CA GLY C 211 -19.94 7.86 -20.97
C GLY C 211 -21.13 8.70 -21.37
N ALA C 212 -22.32 8.18 -21.11
CA ALA C 212 -23.56 8.89 -21.40
C ALA C 212 -23.70 10.09 -20.48
N ARG C 213 -22.99 10.06 -19.36
CA ARG C 213 -23.03 11.17 -18.40
C ARG C 213 -22.25 12.37 -18.89
N TYR C 214 -21.12 12.14 -19.57
CA TYR C 214 -20.35 13.25 -20.13
C TYR C 214 -21.09 13.88 -21.29
N LEU C 215 -21.64 13.02 -22.16
CA LEU C 215 -22.59 13.46 -23.16
C LEU C 215 -23.77 13.99 -22.38
N GLU C 216 -24.65 14.74 -23.04
CA GLU C 216 -25.78 15.37 -22.36
C GLU C 216 -25.28 16.47 -21.40
N PHE C 217 -24.30 16.15 -20.56
CA PHE C 217 -23.63 17.18 -19.74
C PHE C 217 -22.89 18.15 -20.64
N GLU C 218 -22.25 17.62 -21.68
CA GLU C 218 -21.53 18.46 -22.63
C GLU C 218 -22.51 19.39 -23.35
N ALA C 219 -23.68 18.85 -23.66
CA ALA C 219 -24.68 19.56 -24.46
C ALA C 219 -25.57 20.48 -23.62
N LEU C 220 -26.00 20.01 -22.47
CA LEU C 220 -27.04 20.71 -21.71
C LEU C 220 -26.63 21.04 -20.28
N GLY C 221 -25.38 20.76 -19.94
CA GLY C 221 -24.89 21.02 -18.59
C GLY C 221 -24.80 22.50 -18.29
N PHE C 222 -24.85 23.32 -19.35
CA PHE C 222 -24.71 24.76 -19.22
C PHE C 222 -25.82 25.34 -18.35
N LEU C 223 -26.97 24.66 -18.35
CA LEU C 223 -28.10 25.06 -17.55
C LEU C 223 -27.73 24.98 -16.07
N ASN C 224 -26.92 23.98 -15.74
CA ASN C 224 -26.46 23.77 -14.38
C ASN C 224 -25.20 24.58 -14.06
N GLU C 225 -24.21 24.49 -14.95
CA GLU C 225 -22.91 25.12 -14.72
C GLU C 225 -22.97 26.65 -14.73
N ASP C 226 -23.88 27.21 -15.52
CA ASP C 226 -24.03 28.66 -15.57
C ASP C 226 -25.18 29.15 -14.69
N HIS C 227 -25.76 28.23 -13.92
CA HIS C 227 -26.85 28.55 -13.00
C HIS C 227 -28.00 29.27 -13.73
N TRP C 228 -28.48 28.65 -14.79
CA TRP C 228 -29.54 29.22 -15.61
C TRP C 228 -30.84 29.42 -14.84
N LEU C 229 -31.04 28.61 -13.82
CA LEU C 229 -32.26 28.68 -13.03
C LEU C 229 -31.99 29.24 -11.64
N SER C 230 -30.90 30.00 -11.51
CA SER C 230 -30.60 30.71 -10.27
C SER C 230 -31.68 31.74 -10.02
N ARG C 231 -31.87 32.11 -8.75
CA ARG C 231 -32.93 33.04 -8.38
C ARG C 231 -32.79 34.39 -9.08
N GLU C 232 -31.55 34.82 -9.31
CA GLU C 232 -31.30 36.05 -10.03
C GLU C 232 -31.84 35.95 -11.46
N ASN C 233 -31.58 34.82 -12.11
CA ASN C 233 -31.91 34.65 -13.51
C ASN C 233 -33.36 34.23 -13.77
N SER C 234 -33.94 33.45 -12.86
CA SER C 234 -35.28 32.93 -13.09
C SER C 234 -36.34 33.64 -12.24
N GLY C 235 -35.93 34.22 -11.12
CA GLY C 235 -36.84 34.94 -10.26
C GLY C 235 -37.55 34.03 -9.27
N GLY C 236 -38.02 32.88 -9.75
CA GLY C 236 -38.75 31.94 -8.92
C GLY C 236 -37.92 30.80 -8.39
N GLY C 237 -36.93 30.39 -9.16
CA GLY C 237 -36.08 29.27 -8.78
C GLY C 237 -35.17 29.62 -7.61
N VAL C 238 -34.40 28.65 -7.16
CA VAL C 238 -33.46 28.83 -6.07
C VAL C 238 -32.19 28.03 -6.33
N GLU C 239 -31.96 27.71 -7.59
CA GLU C 239 -30.84 26.85 -7.99
C GLU C 239 -29.50 27.40 -7.50
N GLY C 240 -28.78 26.57 -6.76
CA GLY C 240 -27.47 26.92 -6.26
C GLY C 240 -27.51 27.44 -4.84
N SER C 241 -28.65 27.96 -4.43
CA SER C 241 -28.81 28.49 -3.08
C SER C 241 -28.78 27.36 -2.07
N GLY C 242 -28.04 27.56 -0.97
CA GLY C 242 -27.94 26.55 0.07
C GLY C 242 -29.19 26.51 0.92
N VAL C 243 -29.38 25.40 1.62
CA VAL C 243 -30.58 25.18 2.42
C VAL C 243 -30.72 26.21 3.56
N GLN C 244 -29.63 26.88 3.91
CA GLN C 244 -29.69 27.93 4.92
C GLN C 244 -30.33 29.19 4.38
N LYS C 245 -30.35 29.33 3.06
CA LYS C 245 -30.90 30.51 2.40
C LYS C 245 -32.41 30.39 2.22
N LEU C 246 -32.89 29.17 2.05
CA LEU C 246 -34.29 28.91 1.71
C LEU C 246 -35.28 29.54 2.70
N GLY C 247 -34.91 29.56 3.97
CA GLY C 247 -35.76 30.15 4.99
C GLY C 247 -36.02 31.61 4.72
N TYR C 248 -34.94 32.38 4.59
CA TYR C 248 -35.02 33.80 4.31
C TYR C 248 -35.80 34.06 3.02
N ILE C 249 -35.58 33.24 2.01
CA ILE C 249 -36.26 33.37 0.73
C ILE C 249 -37.77 33.24 0.90
N LEU C 250 -38.18 32.26 1.69
CA LEU C 250 -39.60 32.05 1.97
C LEU C 250 -40.18 33.22 2.75
N ARG C 251 -39.33 33.89 3.51
CA ARG C 251 -39.77 35.03 4.32
C ARG C 251 -40.00 36.26 3.44
N ASP C 252 -39.13 36.47 2.46
CA ASP C 252 -39.28 37.58 1.53
C ASP C 252 -40.60 37.45 0.75
N ILE C 253 -40.92 36.22 0.38
CA ILE C 253 -42.18 35.93 -0.29
C ILE C 253 -43.36 36.22 0.62
N ALA C 254 -43.23 35.83 1.88
CA ALA C 254 -44.30 36.03 2.86
C ALA C 254 -44.53 37.50 3.15
N GLY C 255 -43.48 38.30 2.99
CA GLY C 255 -43.57 39.73 3.22
C GLY C 255 -44.43 40.44 2.19
N LYS C 256 -44.51 39.86 0.99
CA LYS C 256 -45.31 40.45 -0.09
C LYS C 256 -46.79 40.39 0.25
N GLN C 257 -47.56 41.29 -0.36
CA GLN C 257 -49.01 41.27 -0.16
C GLN C 257 -49.62 40.22 -1.08
N GLY C 258 -50.59 39.48 -0.54
CA GLY C 258 -51.26 38.44 -1.27
C GLY C 258 -52.04 37.55 -0.31
N GLY C 259 -52.45 36.39 -0.77
CA GLY C 259 -53.20 35.47 0.06
C GLY C 259 -52.29 34.52 0.82
N LYS C 260 -52.82 33.33 1.14
CA LYS C 260 -52.05 32.32 1.85
C LYS C 260 -50.91 31.78 0.98
N MET C 261 -49.93 31.16 1.62
CA MET C 261 -48.83 30.54 0.89
C MET C 261 -49.17 29.08 0.62
N TYR C 262 -48.97 28.65 -0.62
CA TYR C 262 -49.34 27.30 -1.01
C TYR C 262 -48.11 26.49 -1.36
N ALA C 263 -48.17 25.20 -1.02
CA ALA C 263 -47.09 24.26 -1.32
C ALA C 263 -47.64 22.88 -1.57
N ASP C 264 -48.33 22.72 -2.70
CA ASP C 264 -48.91 21.43 -3.06
C ASP C 264 -47.87 20.52 -3.70
N ASP C 265 -47.71 19.32 -3.15
CA ASP C 265 -46.79 18.36 -3.76
C ASP C 265 -47.47 17.62 -4.90
N THR C 266 -46.75 17.41 -5.98
CA THR C 266 -47.29 16.69 -7.12
C THR C 266 -47.02 15.21 -6.95
N ALA C 267 -48.06 14.40 -7.10
CA ALA C 267 -47.96 12.96 -6.89
C ALA C 267 -47.06 12.30 -7.94
N GLY C 268 -45.78 12.14 -7.59
CA GLY C 268 -44.85 11.50 -8.49
C GLY C 268 -44.63 12.37 -9.72
N TRP C 269 -43.91 13.46 -9.54
CA TRP C 269 -43.70 14.46 -10.59
C TRP C 269 -43.18 13.87 -11.88
N ASP C 270 -42.15 13.02 -11.78
CA ASP C 270 -41.49 12.45 -12.96
C ASP C 270 -42.44 11.55 -13.75
N THR C 271 -43.42 10.97 -13.06
CA THR C 271 -44.35 10.06 -13.70
C THR C 271 -45.42 10.84 -14.44
N ARG C 272 -45.57 12.12 -14.08
CA ARG C 272 -46.63 12.94 -14.64
C ARG C 272 -46.11 14.05 -15.55
N ILE C 273 -44.90 13.86 -16.08
CA ILE C 273 -44.40 14.73 -17.13
C ILE C 273 -45.01 14.29 -18.46
N THR C 274 -45.73 15.21 -19.10
CA THR C 274 -46.41 14.90 -20.35
C THR C 274 -45.46 15.13 -21.53
N ARG C 275 -45.79 14.57 -22.67
CA ARG C 275 -45.01 14.77 -23.88
C ARG C 275 -45.07 16.25 -24.26
N THR C 276 -46.23 16.85 -23.98
CA THR C 276 -46.45 18.27 -24.23
C THR C 276 -45.44 19.11 -23.45
N ASP C 277 -45.23 18.76 -22.19
CA ASP C 277 -44.24 19.44 -21.36
C ASP C 277 -42.84 19.24 -21.92
N LEU C 278 -42.56 18.01 -22.38
CA LEU C 278 -41.26 17.67 -22.92
C LEU C 278 -40.95 18.48 -24.18
N GLU C 279 -41.96 18.66 -25.03
CA GLU C 279 -41.82 19.43 -26.25
C GLU C 279 -41.43 20.87 -25.95
N ASN C 280 -42.12 21.46 -24.96
CA ASN C 280 -41.86 22.83 -24.55
C ASN C 280 -40.46 23.01 -23.97
N GLU C 281 -40.00 21.99 -23.24
CA GLU C 281 -38.66 21.99 -22.69
C GLU C 281 -37.64 21.91 -23.82
N ALA C 282 -38.03 21.22 -24.90
CA ALA C 282 -37.14 21.01 -26.03
C ALA C 282 -36.83 22.28 -26.82
N LYS C 283 -37.43 23.40 -26.39
CA LYS C 283 -37.23 24.67 -27.08
C LYS C 283 -35.85 25.27 -26.82
N VAL C 284 -35.02 24.56 -26.06
CA VAL C 284 -33.65 25.01 -25.78
C VAL C 284 -32.87 25.11 -27.07
N LEU C 285 -33.12 24.16 -27.97
CA LEU C 285 -32.40 24.03 -29.24
C LEU C 285 -32.37 25.34 -30.02
N GLU C 286 -33.45 26.12 -29.93
CA GLU C 286 -33.56 27.39 -30.63
C GLU C 286 -32.64 28.46 -30.05
N LEU C 287 -31.86 28.08 -29.02
CA LEU C 287 -30.91 28.99 -28.40
C LEU C 287 -29.49 28.51 -28.68
N LEU C 288 -29.37 27.43 -29.43
CA LEU C 288 -28.07 26.84 -29.71
C LEU C 288 -27.70 26.96 -31.18
N ASP C 289 -26.39 26.94 -31.45
CA ASP C 289 -25.88 27.09 -32.81
C ASP C 289 -25.02 25.91 -33.23
N GLY C 290 -25.12 25.54 -34.50
CA GLY C 290 -24.27 24.50 -35.08
C GLY C 290 -24.21 23.18 -34.36
N GLU C 291 -22.98 22.75 -34.06
CA GLU C 291 -22.73 21.43 -33.49
C GLU C 291 -23.35 21.27 -32.10
N HIS C 292 -23.46 22.38 -31.37
CA HIS C 292 -24.04 22.35 -30.04
C HIS C 292 -25.48 21.84 -30.12
N ARG C 293 -26.25 22.39 -31.05
CA ARG C 293 -27.64 21.98 -31.21
C ARG C 293 -27.77 20.54 -31.69
N MET C 294 -26.84 20.11 -32.54
CA MET C 294 -26.87 18.75 -33.07
C MET C 294 -26.63 17.71 -31.99
N LEU C 295 -25.78 18.05 -31.02
CA LEU C 295 -25.49 17.16 -29.92
C LEU C 295 -26.72 17.02 -29.04
N ALA C 296 -27.34 18.15 -28.75
CA ALA C 296 -28.52 18.19 -27.89
C ALA C 296 -29.72 17.59 -28.63
N ARG C 297 -29.80 17.84 -29.93
CA ARG C 297 -30.88 17.32 -30.76
C ARG C 297 -30.97 15.81 -30.67
N ALA C 298 -29.81 15.16 -30.64
CA ALA C 298 -29.75 13.72 -30.50
C ALA C 298 -30.13 13.29 -29.09
N ILE C 299 -29.63 14.02 -28.10
CA ILE C 299 -29.89 13.72 -26.70
C ILE C 299 -31.39 13.71 -26.38
N ILE C 300 -32.08 14.78 -26.77
CA ILE C 300 -33.50 14.93 -26.45
C ILE C 300 -34.37 13.89 -27.14
N GLU C 301 -34.13 13.67 -28.44
CA GLU C 301 -35.00 12.80 -29.23
C GLU C 301 -34.66 11.32 -29.08
N LEU C 302 -33.36 11.01 -29.04
CA LEU C 302 -32.90 9.63 -29.02
C LEU C 302 -32.75 9.06 -27.62
N THR C 303 -32.45 9.91 -26.64
CA THR C 303 -32.17 9.43 -25.29
C THR C 303 -33.26 9.80 -24.28
N TYR C 304 -33.76 11.02 -24.37
CA TYR C 304 -34.79 11.48 -23.43
C TYR C 304 -36.15 10.98 -23.84
N ARG C 305 -36.48 11.16 -25.12
CA ARG C 305 -37.81 10.84 -25.61
C ARG C 305 -37.94 9.33 -25.79
N HIS C 306 -37.02 8.75 -26.55
CA HIS C 306 -36.99 7.31 -26.77
C HIS C 306 -36.01 6.64 -25.80
N LYS C 307 -36.52 6.11 -24.69
CA LYS C 307 -35.67 5.49 -23.68
C LYS C 307 -35.51 3.98 -23.86
N VAL C 308 -34.39 3.46 -23.39
CA VAL C 308 -34.20 2.02 -23.27
C VAL C 308 -33.73 1.76 -21.84
N VAL C 309 -34.46 0.89 -21.13
CA VAL C 309 -34.23 0.71 -19.70
C VAL C 309 -34.10 -0.76 -19.32
N LYS C 310 -33.11 -1.08 -18.51
CA LYS C 310 -32.96 -2.43 -17.97
C LYS C 310 -33.52 -2.51 -16.55
N VAL C 311 -34.23 -3.58 -16.26
CA VAL C 311 -34.81 -3.79 -14.94
C VAL C 311 -34.79 -5.27 -14.55
N MET C 312 -34.37 -5.54 -13.32
CA MET C 312 -34.33 -6.91 -12.80
C MET C 312 -35.74 -7.39 -12.43
N ARG C 313 -35.94 -8.71 -12.45
CA ARG C 313 -37.25 -9.29 -12.15
C ARG C 313 -37.14 -10.70 -11.61
N PRO C 314 -37.83 -10.98 -10.48
CA PRO C 314 -37.80 -12.30 -9.84
C PRO C 314 -38.52 -13.35 -10.69
N ALA C 315 -37.91 -14.54 -10.79
CA ALA C 315 -38.50 -15.65 -11.55
C ALA C 315 -37.91 -16.99 -11.12
N ALA C 316 -38.52 -18.08 -11.59
CA ALA C 316 -38.03 -19.43 -11.34
C ALA C 316 -37.79 -19.75 -9.86
N GLU C 317 -36.63 -20.32 -9.58
CA GLU C 317 -36.26 -20.71 -8.21
C GLU C 317 -35.30 -19.72 -7.59
N GLY C 318 -35.82 -18.59 -7.13
CA GLY C 318 -35.02 -17.56 -6.50
C GLY C 318 -33.95 -17.04 -7.45
N LYS C 319 -34.29 -16.95 -8.73
CA LYS C 319 -33.36 -16.46 -9.73
C LYS C 319 -33.78 -15.13 -10.31
N THR C 320 -32.81 -14.33 -10.71
CA THR C 320 -33.08 -12.99 -11.20
C THR C 320 -32.64 -12.81 -12.65
N VAL C 321 -33.54 -12.24 -13.44
CA VAL C 321 -33.26 -11.97 -14.85
C VAL C 321 -33.35 -10.47 -15.10
N MET C 322 -32.75 -10.00 -16.18
CA MET C 322 -32.80 -8.58 -16.52
C MET C 322 -33.62 -8.35 -17.78
N ASP C 323 -34.75 -7.66 -17.64
CA ASP C 323 -35.60 -7.35 -18.78
C ASP C 323 -35.09 -6.11 -19.50
N VAL C 324 -35.36 -6.02 -20.79
CA VAL C 324 -35.01 -4.84 -21.57
C VAL C 324 -36.26 -4.27 -22.23
N ILE C 325 -36.55 -3.01 -21.96
CA ILE C 325 -37.78 -2.38 -22.41
C ILE C 325 -37.53 -0.98 -22.97
N SER C 326 -38.55 -0.39 -23.58
CA SER C 326 -38.41 0.91 -24.22
C SER C 326 -39.70 1.72 -24.13
N ARG C 327 -39.56 3.04 -24.22
CA ARG C 327 -40.71 3.94 -24.12
C ARG C 327 -40.37 5.23 -24.86
N GLU C 328 -41.37 5.82 -25.53
CA GLU C 328 -41.09 6.95 -26.41
C GLU C 328 -41.77 8.26 -26.04
N ASP C 329 -42.65 8.24 -25.03
CA ASP C 329 -43.32 9.46 -24.61
C ASP C 329 -43.13 9.77 -23.12
N GLN C 330 -41.88 9.87 -22.70
CA GLN C 330 -41.59 10.09 -21.29
C GLN C 330 -40.18 10.59 -21.04
N ARG C 331 -40.05 11.67 -20.27
CA ARG C 331 -38.74 12.14 -19.84
C ARG C 331 -38.38 11.50 -18.50
N GLY C 332 -39.29 11.63 -17.54
CA GLY C 332 -39.09 11.04 -16.23
C GLY C 332 -37.96 11.70 -15.47
N SER C 333 -37.05 10.88 -14.95
CA SER C 333 -35.92 11.38 -14.17
C SER C 333 -34.64 10.62 -14.48
N GLY C 334 -33.59 10.90 -13.71
CA GLY C 334 -32.32 10.21 -13.86
C GLY C 334 -31.48 10.72 -15.02
N GLN C 335 -31.74 11.95 -15.44
CA GLN C 335 -30.96 12.58 -16.48
C GLN C 335 -30.05 13.64 -15.86
N VAL C 336 -29.08 14.13 -16.61
CA VAL C 336 -28.10 15.06 -16.07
C VAL C 336 -28.72 16.44 -15.82
N VAL C 337 -29.78 16.76 -16.56
CA VAL C 337 -30.46 18.04 -16.39
C VAL C 337 -31.88 17.84 -15.88
N THR C 338 -32.11 16.73 -15.18
CA THR C 338 -33.43 16.41 -14.63
C THR C 338 -33.95 17.52 -13.73
N TYR C 339 -33.10 17.97 -12.80
CA TYR C 339 -33.49 19.04 -11.89
C TYR C 339 -33.69 20.35 -12.64
N ALA C 340 -32.82 20.60 -13.61
CA ALA C 340 -32.87 21.86 -14.37
C ALA C 340 -34.20 22.02 -15.09
N LEU C 341 -34.59 20.98 -15.83
CA LEU C 341 -35.83 20.98 -16.58
C LEU C 341 -37.05 20.96 -15.65
N ASN C 342 -37.00 20.10 -14.62
CA ASN C 342 -38.09 20.00 -13.67
C ASN C 342 -38.40 21.33 -12.99
N THR C 343 -37.35 22.07 -12.65
CA THR C 343 -37.51 23.40 -12.07
C THR C 343 -38.23 24.29 -13.08
N PHE C 344 -37.74 24.25 -14.32
CA PHE C 344 -38.31 25.05 -15.41
C PHE C 344 -39.79 24.80 -15.63
N THR C 345 -40.14 23.56 -15.97
CA THR C 345 -41.52 23.20 -16.28
C THR C 345 -42.45 23.52 -15.11
N ASN C 346 -42.00 23.25 -13.89
CA ASN C 346 -42.81 23.49 -12.71
C ASN C 346 -43.17 24.97 -12.55
N ILE C 347 -42.23 25.86 -12.86
CA ILE C 347 -42.50 27.30 -12.84
C ILE C 347 -43.61 27.64 -13.81
N ALA C 348 -43.48 27.15 -15.05
CA ALA C 348 -44.48 27.37 -16.09
C ALA C 348 -45.83 26.87 -15.61
N VAL C 349 -45.84 25.72 -14.94
CA VAL C 349 -47.07 25.14 -14.42
C VAL C 349 -47.68 26.09 -13.38
N GLN C 350 -46.85 26.55 -12.45
CA GLN C 350 -47.32 27.43 -11.40
C GLN C 350 -47.79 28.78 -11.94
N LEU C 351 -47.22 29.19 -13.09
CA LEU C 351 -47.67 30.40 -13.76
C LEU C 351 -49.05 30.20 -14.35
N VAL C 352 -49.26 29.05 -14.99
CA VAL C 352 -50.55 28.70 -15.56
C VAL C 352 -51.64 28.70 -14.49
N ARG C 353 -51.32 28.11 -13.34
CA ARG C 353 -52.28 28.07 -12.25
C ARG C 353 -52.56 29.47 -11.73
N LEU C 354 -51.54 30.32 -11.71
CA LEU C 354 -51.72 31.71 -11.32
C LEU C 354 -52.69 32.43 -12.25
N MET C 355 -52.56 32.16 -13.55
CA MET C 355 -53.42 32.79 -14.53
C MET C 355 -54.87 32.37 -14.33
N GLU C 356 -55.08 31.09 -14.03
CA GLU C 356 -56.42 30.59 -13.76
C GLU C 356 -56.96 31.24 -12.49
N ALA C 357 -56.08 31.41 -11.51
CA ALA C 357 -56.48 31.98 -10.23
C ALA C 357 -56.81 33.46 -10.34
N GLU C 358 -56.22 34.12 -11.33
CA GLU C 358 -56.44 35.56 -11.50
C GLU C 358 -57.57 35.83 -12.48
N GLY C 359 -58.05 34.77 -13.13
CA GLY C 359 -59.21 34.88 -13.99
C GLY C 359 -58.91 35.05 -15.47
N VAL C 360 -57.62 35.02 -15.82
CA VAL C 360 -57.22 35.16 -17.21
C VAL C 360 -57.80 34.02 -18.02
N ILE C 361 -57.76 32.82 -17.45
CA ILE C 361 -58.29 31.63 -18.08
C ILE C 361 -59.20 30.90 -17.10
N GLY C 362 -60.03 30.01 -17.62
CA GLY C 362 -60.96 29.29 -16.79
C GLY C 362 -61.19 27.89 -17.32
N PRO C 363 -62.19 27.20 -16.77
CA PRO C 363 -62.50 25.83 -17.16
C PRO C 363 -63.01 25.74 -18.60
N GLN C 364 -63.54 26.84 -19.11
CA GLN C 364 -64.15 26.88 -20.43
C GLN C 364 -63.11 26.71 -21.53
N HIS C 365 -61.88 27.15 -21.24
CA HIS C 365 -60.84 27.22 -22.25
C HIS C 365 -59.90 26.02 -22.25
N LEU C 366 -60.29 24.96 -21.55
CA LEU C 366 -59.47 23.75 -21.50
C LEU C 366 -59.38 23.10 -22.88
N GLU C 367 -60.52 22.83 -23.49
CA GLU C 367 -60.57 22.17 -24.78
C GLU C 367 -60.01 23.04 -25.91
N GLN C 368 -60.56 24.24 -26.05
CA GLN C 368 -60.11 25.15 -27.09
C GLN C 368 -59.85 26.54 -26.51
N LEU C 369 -58.72 27.13 -26.88
CA LEU C 369 -58.34 28.45 -26.37
C LEU C 369 -58.70 29.54 -27.38
N PRO C 370 -59.72 30.35 -27.05
CA PRO C 370 -60.13 31.47 -27.90
C PRO C 370 -59.00 32.48 -28.05
N ARG C 371 -58.75 32.96 -29.26
CA ARG C 371 -57.66 33.90 -29.52
C ARG C 371 -57.73 35.16 -28.66
N LYS C 372 -58.94 35.62 -28.38
CA LYS C 372 -59.14 36.79 -27.53
C LYS C 372 -58.47 36.57 -26.18
N ASN C 373 -58.52 35.33 -25.70
CA ASN C 373 -57.86 34.97 -24.43
C ASN C 373 -56.37 34.69 -24.62
N LYS C 374 -56.03 34.08 -25.75
CA LYS C 374 -54.64 33.77 -26.08
C LYS C 374 -53.72 34.98 -25.95
N ILE C 375 -54.21 36.13 -26.42
CA ILE C 375 -53.46 37.38 -26.33
C ILE C 375 -53.39 37.87 -24.89
N ALA C 376 -54.51 37.78 -24.18
CA ALA C 376 -54.59 38.20 -22.79
C ALA C 376 -53.62 37.39 -21.94
N VAL C 377 -53.44 36.13 -22.33
CA VAL C 377 -52.48 35.25 -21.67
C VAL C 377 -51.09 35.81 -21.91
N ARG C 378 -50.75 36.00 -23.17
CA ARG C 378 -49.43 36.50 -23.57
C ARG C 378 -49.17 37.86 -22.94
N THR C 379 -50.21 38.68 -22.85
CA THR C 379 -50.09 40.01 -22.28
C THR C 379 -49.82 39.91 -20.78
N TRP C 380 -50.45 38.94 -20.15
CA TRP C 380 -50.33 38.75 -18.71
C TRP C 380 -48.91 38.36 -18.33
N LEU C 381 -48.31 37.48 -19.13
CA LEU C 381 -46.95 37.03 -18.91
C LEU C 381 -45.96 38.18 -19.05
N PHE C 382 -46.12 38.97 -20.11
CA PHE C 382 -45.22 40.07 -20.35
C PHE C 382 -45.33 41.12 -19.24
N GLU C 383 -46.57 41.50 -18.92
CA GLU C 383 -46.81 42.55 -17.94
C GLU C 383 -46.59 42.11 -16.50
N ASN C 384 -47.14 40.95 -16.15
CA ASN C 384 -47.14 40.52 -14.76
C ASN C 384 -46.18 39.37 -14.44
N GLY C 385 -45.72 38.69 -15.48
CA GLY C 385 -44.86 37.52 -15.32
C GLY C 385 -43.63 37.74 -14.47
N GLU C 386 -42.99 38.89 -14.65
CA GLU C 386 -41.78 39.20 -13.91
C GLU C 386 -42.05 39.37 -12.41
N GLU C 387 -43.27 39.78 -12.07
CA GLU C 387 -43.63 39.98 -10.67
C GLU C 387 -44.10 38.69 -10.04
N ARG C 388 -44.97 37.97 -10.75
CA ARG C 388 -45.56 36.74 -10.23
C ARG C 388 -44.49 35.69 -9.96
N VAL C 389 -43.49 35.66 -10.82
CA VAL C 389 -42.40 34.70 -10.69
C VAL C 389 -41.60 34.94 -9.41
N THR C 390 -41.65 36.16 -8.87
CA THR C 390 -40.95 36.46 -7.63
C THR C 390 -41.79 36.14 -6.40
N ARG C 391 -42.94 35.53 -6.62
CA ARG C 391 -43.80 35.10 -5.53
C ARG C 391 -43.64 33.59 -5.37
N MET C 392 -42.65 33.05 -6.07
CA MET C 392 -42.43 31.60 -6.11
C MET C 392 -41.13 31.16 -5.45
N ALA C 393 -41.08 29.88 -5.12
CA ALA C 393 -39.84 29.23 -4.70
C ALA C 393 -39.83 27.87 -5.34
N ILE C 394 -39.03 27.71 -6.39
CA ILE C 394 -39.07 26.48 -7.19
C ILE C 394 -37.73 25.74 -7.22
N SER C 395 -37.72 24.55 -6.63
CA SER C 395 -36.58 23.65 -6.67
C SER C 395 -37.03 22.28 -7.13
N GLY C 396 -36.95 22.03 -8.44
CA GLY C 396 -37.46 20.79 -8.99
C GLY C 396 -38.97 20.70 -8.79
N ASP C 397 -39.43 19.59 -8.23
CA ASP C 397 -40.86 19.40 -8.00
C ASP C 397 -41.35 20.12 -6.75
N ASP C 398 -40.41 20.60 -5.93
CA ASP C 398 -40.77 21.35 -4.72
C ASP C 398 -41.18 22.77 -5.08
N CYS C 399 -42.35 23.19 -4.60
CA CYS C 399 -42.91 24.48 -5.01
C CYS C 399 -43.60 25.22 -3.86
N VAL C 400 -43.37 26.54 -3.81
CA VAL C 400 -44.04 27.41 -2.86
C VAL C 400 -44.48 28.69 -3.59
N VAL C 401 -45.75 29.06 -3.46
CA VAL C 401 -46.29 30.22 -4.17
C VAL C 401 -47.22 31.05 -3.28
N LYS C 402 -47.06 32.37 -3.33
CA LYS C 402 -47.98 33.28 -2.65
C LYS C 402 -48.75 34.13 -3.64
N PRO C 403 -49.95 33.69 -4.02
CA PRO C 403 -50.82 34.35 -5.01
C PRO C 403 -51.44 35.62 -4.45
N LEU C 404 -52.09 36.40 -5.31
CA LEU C 404 -52.73 37.64 -4.88
C LEU C 404 -53.85 37.36 -3.91
N ASP C 405 -54.62 36.33 -4.23
CA ASP C 405 -55.81 35.99 -3.45
C ASP C 405 -55.99 34.48 -3.40
N ASP C 406 -56.82 34.02 -2.47
CA ASP C 406 -57.00 32.59 -2.24
C ASP C 406 -57.89 31.90 -3.29
N ARG C 407 -58.07 32.54 -4.44
CA ARG C 407 -58.73 31.89 -5.56
C ARG C 407 -57.81 30.79 -6.07
N PHE C 408 -56.53 30.94 -5.75
CA PHE C 408 -55.52 29.96 -6.11
C PHE C 408 -55.90 28.58 -5.60
N ALA C 409 -56.52 28.54 -4.42
CA ALA C 409 -56.87 27.28 -3.77
C ALA C 409 -57.86 26.48 -4.60
N THR C 410 -58.71 27.18 -5.34
CA THR C 410 -59.72 26.51 -6.16
C THR C 410 -59.33 26.46 -7.64
N ALA C 411 -58.22 27.11 -7.98
CA ALA C 411 -57.74 27.13 -9.36
C ALA C 411 -57.06 25.80 -9.68
N LEU C 412 -57.86 24.80 -10.06
CA LEU C 412 -57.36 23.43 -10.19
C LEU C 412 -57.58 22.84 -11.58
N HIS C 413 -58.39 23.47 -12.40
CA HIS C 413 -58.78 22.89 -13.69
C HIS C 413 -57.59 22.68 -14.61
N PHE C 414 -56.75 23.71 -14.77
CA PHE C 414 -55.58 23.61 -15.61
C PHE C 414 -54.49 22.72 -15.00
N LEU C 415 -54.41 22.70 -13.68
CA LEU C 415 -53.40 21.87 -13.00
C LEU C 415 -53.65 20.40 -13.29
N ASN C 416 -54.86 19.93 -12.98
CA ASN C 416 -55.23 18.54 -13.23
C ASN C 416 -55.25 18.19 -14.70
N ALA C 417 -55.46 19.19 -15.55
CA ALA C 417 -55.49 18.98 -17.00
C ALA C 417 -54.10 18.66 -17.53
N MET C 418 -53.10 19.31 -16.95
CA MET C 418 -51.71 19.08 -17.33
C MET C 418 -51.18 17.80 -16.71
N SER C 419 -52.07 17.08 -16.05
CA SER C 419 -51.76 15.82 -15.36
C SER C 419 -50.79 16.01 -14.20
N LYS C 420 -50.68 17.23 -13.69
CA LYS C 420 -49.88 17.49 -12.50
C LYS C 420 -50.76 17.39 -11.26
N VAL C 421 -51.39 16.23 -11.07
CA VAL C 421 -52.34 16.04 -9.98
C VAL C 421 -51.67 16.14 -8.61
N ARG C 422 -52.29 16.91 -7.71
CA ARG C 422 -51.78 17.06 -6.35
C ARG C 422 -51.85 15.75 -5.59
N LYS C 423 -50.87 15.52 -4.73
CA LYS C 423 -50.80 14.27 -3.97
C LYS C 423 -51.56 14.34 -2.65
N ASP C 424 -52.11 13.19 -2.25
CA ASP C 424 -52.77 13.02 -0.95
C ASP C 424 -53.94 13.97 -0.72
N ILE C 425 -54.70 14.24 -1.78
CA ILE C 425 -55.92 15.03 -1.66
C ILE C 425 -56.88 14.71 -2.80
N GLN C 426 -58.17 14.88 -2.55
CA GLN C 426 -59.18 14.65 -3.57
C GLN C 426 -58.90 15.59 -4.73
N GLU C 427 -58.93 15.05 -5.95
CA GLU C 427 -58.57 15.76 -7.18
C GLU C 427 -59.14 17.18 -7.27
N TRP C 428 -60.33 17.39 -6.70
CA TRP C 428 -61.01 18.67 -6.84
C TRP C 428 -61.27 19.40 -5.53
N LYS C 429 -60.71 18.88 -4.43
CA LYS C 429 -60.81 19.54 -3.13
C LYS C 429 -59.85 20.73 -3.07
N PRO C 430 -60.33 21.89 -2.57
CA PRO C 430 -59.50 23.09 -2.42
C PRO C 430 -58.21 22.82 -1.65
N SER C 431 -57.10 23.36 -2.13
CA SER C 431 -55.80 23.16 -1.49
C SER C 431 -55.69 23.89 -0.15
N HIS C 432 -54.79 23.40 0.70
CA HIS C 432 -54.57 24.00 2.01
C HIS C 432 -53.43 24.99 1.95
N GLY C 433 -53.63 26.18 2.52
CA GLY C 433 -52.60 27.19 2.56
C GLY C 433 -52.24 27.53 3.98
N TRP C 434 -51.04 28.08 4.17
CA TRP C 434 -50.58 28.42 5.51
C TRP C 434 -50.57 29.92 5.68
N HIS C 435 -51.02 30.39 6.84
CA HIS C 435 -50.98 31.81 7.14
C HIS C 435 -49.63 32.12 7.78
N ASP C 436 -49.02 31.10 8.38
CA ASP C 436 -47.72 31.23 9.02
C ASP C 436 -46.66 30.60 8.12
N TRP C 437 -45.80 31.42 7.55
CA TRP C 437 -44.77 30.95 6.63
C TRP C 437 -43.75 30.05 7.31
N GLN C 438 -43.71 30.09 8.64
CA GLN C 438 -42.76 29.28 9.38
C GLN C 438 -43.18 27.82 9.41
N GLN C 439 -44.39 27.53 8.92
CA GLN C 439 -44.89 26.16 8.86
C GLN C 439 -44.92 25.64 7.43
N VAL C 440 -44.55 26.48 6.48
CA VAL C 440 -44.58 26.10 5.08
C VAL C 440 -43.46 25.12 4.79
N PRO C 441 -43.80 23.93 4.27
CA PRO C 441 -42.81 22.91 3.95
C PRO C 441 -42.21 23.16 2.56
N PHE C 442 -40.89 23.12 2.49
CA PHE C 442 -40.17 23.37 1.25
C PHE C 442 -38.79 22.74 1.31
N CYS C 443 -38.49 21.87 0.35
CA CYS C 443 -37.23 21.12 0.32
C CYS C 443 -37.00 20.38 1.64
N SER C 444 -37.97 19.56 2.01
CA SER C 444 -37.87 18.67 3.16
C SER C 444 -37.79 19.37 4.52
N ASN C 445 -37.78 20.70 4.52
CA ASN C 445 -37.72 21.46 5.76
C ASN C 445 -38.83 22.49 5.89
N HIS C 446 -39.07 22.92 7.12
CA HIS C 446 -39.82 24.15 7.38
C HIS C 446 -38.84 25.10 8.03
N PHE C 447 -39.21 26.36 8.19
CA PHE C 447 -38.21 27.33 8.61
C PHE C 447 -38.65 28.23 9.76
N GLN C 448 -37.85 28.26 10.82
CA GLN C 448 -38.20 28.97 12.04
C GLN C 448 -37.34 30.21 12.20
N GLU C 449 -37.95 31.32 12.61
CA GLU C 449 -37.18 32.51 12.93
C GLU C 449 -36.99 32.61 14.44
N ILE C 450 -35.75 32.49 14.89
CA ILE C 450 -35.45 32.58 16.31
C ILE C 450 -34.50 33.75 16.59
N VAL C 451 -34.69 34.38 17.74
CA VAL C 451 -33.92 35.56 18.11
C VAL C 451 -32.67 35.19 18.91
N MET C 452 -31.51 35.63 18.44
CA MET C 452 -30.24 35.33 19.08
C MET C 452 -30.11 36.08 20.41
N LYS C 453 -29.09 35.74 21.19
CA LYS C 453 -28.84 36.37 22.47
C LYS C 453 -28.61 37.87 22.33
N ASP C 454 -27.86 38.24 21.30
CA ASP C 454 -27.44 39.63 21.12
C ASP C 454 -28.49 40.50 20.40
N GLY C 455 -29.72 40.01 20.33
CA GLY C 455 -30.80 40.80 19.79
C GLY C 455 -31.13 40.52 18.34
N ARG C 456 -30.13 40.08 17.57
CA ARG C 456 -30.36 39.74 16.17
C ARG C 456 -31.17 38.46 16.08
N SER C 457 -31.71 38.19 14.89
CA SER C 457 -32.51 37.00 14.68
C SER C 457 -32.09 36.31 13.40
N ILE C 458 -32.20 34.99 13.38
CA ILE C 458 -31.87 34.21 12.20
C ILE C 458 -33.04 33.32 11.81
N VAL C 459 -33.07 32.92 10.54
CA VAL C 459 -34.10 32.03 10.04
C VAL C 459 -33.46 30.68 9.73
N VAL C 460 -33.72 29.70 10.59
CA VAL C 460 -33.04 28.43 10.55
C VAL C 460 -33.93 27.33 9.97
N PRO C 461 -33.32 26.32 9.34
CA PRO C 461 -34.10 25.20 8.81
C PRO C 461 -34.47 24.24 9.92
N CYS C 462 -35.62 23.60 9.83
CA CYS C 462 -36.04 22.65 10.84
C CYS C 462 -36.75 21.46 10.19
N ARG C 463 -36.57 20.29 10.77
CA ARG C 463 -37.24 19.08 10.30
C ARG C 463 -37.26 18.01 11.38
N GLY C 464 -38.12 17.01 11.20
CA GLY C 464 -38.29 15.95 12.17
C GLY C 464 -37.00 15.33 12.66
N GLN C 465 -36.75 15.45 13.96
CA GLN C 465 -35.50 14.99 14.56
C GLN C 465 -35.36 13.48 14.44
N ASP C 466 -36.47 12.76 14.58
CA ASP C 466 -36.46 11.31 14.44
C ASP C 466 -35.87 10.88 13.10
N GLU C 467 -36.28 11.58 12.05
CA GLU C 467 -35.76 11.31 10.71
C GLU C 467 -34.27 11.61 10.59
N LEU C 468 -33.83 12.69 11.21
CA LEU C 468 -32.42 13.10 11.14
C LEU C 468 -31.49 12.10 11.83
N ILE C 469 -31.87 11.64 13.01
CA ILE C 469 -31.06 10.70 13.77
C ILE C 469 -31.08 9.31 13.14
N GLY C 470 -32.23 8.93 12.59
CA GLY C 470 -32.35 7.66 11.89
C GLY C 470 -31.36 7.55 10.75
N ARG C 471 -31.26 8.62 9.97
CA ARG C 471 -30.37 8.65 8.81
C ARG C 471 -28.90 8.65 9.21
N ALA C 472 -28.61 9.14 10.41
CA ALA C 472 -27.23 9.15 10.91
C ALA C 472 -26.82 7.74 11.33
N ARG C 473 -27.80 6.96 11.79
CA ARG C 473 -27.55 5.59 12.23
C ARG C 473 -27.28 4.66 11.06
N ILE C 474 -27.59 5.10 9.85
CA ILE C 474 -27.49 4.24 8.68
C ILE C 474 -26.15 4.42 7.96
N SER C 475 -25.41 3.32 7.87
CA SER C 475 -24.13 3.31 7.17
C SER C 475 -24.24 2.41 5.95
N PRO C 476 -23.88 2.95 4.78
CA PRO C 476 -23.95 2.22 3.52
C PRO C 476 -22.82 1.21 3.42
N GLY C 477 -21.70 1.51 4.10
CA GLY C 477 -20.52 0.67 4.05
C GLY C 477 -20.71 -0.69 4.66
N ALA C 478 -19.64 -1.49 4.64
CA ALA C 478 -19.67 -2.84 5.19
C ALA C 478 -18.55 -3.06 6.19
N ASN C 481 -15.54 -0.83 8.39
CA ASN C 481 -14.48 0.09 8.78
C ASN C 481 -14.93 1.11 9.81
N VAL C 482 -14.35 1.03 11.01
CA VAL C 482 -14.70 1.94 12.09
C VAL C 482 -14.38 3.37 11.67
N LYS C 483 -13.20 3.56 11.09
CA LYS C 483 -12.78 4.89 10.67
C LYS C 483 -13.75 5.45 9.62
N ASP C 484 -14.16 4.61 8.67
CA ASP C 484 -15.15 5.05 7.68
C ASP C 484 -16.48 5.36 8.37
N THR C 485 -16.79 4.59 9.42
CA THR C 485 -18.02 4.78 10.18
C THR C 485 -17.93 6.02 11.07
N ALA C 486 -16.85 6.11 11.83
CA ALA C 486 -16.64 7.22 12.75
C ALA C 486 -16.52 8.55 12.02
N CYS C 487 -16.00 8.51 10.79
CA CYS C 487 -15.92 9.71 9.97
C CYS C 487 -17.30 10.13 9.48
N LEU C 488 -18.11 9.14 9.11
CA LEU C 488 -19.48 9.40 8.66
C LEU C 488 -20.33 9.94 9.81
N ALA C 489 -20.04 9.48 11.03
CA ALA C 489 -20.74 9.98 12.19
C ALA C 489 -20.36 11.43 12.39
N LYS C 490 -19.08 11.73 12.22
CA LYS C 490 -18.58 13.09 12.33
C LYS C 490 -19.13 13.93 11.18
N ALA C 491 -19.45 13.25 10.09
CA ALA C 491 -20.05 13.92 8.93
C ALA C 491 -21.42 14.45 9.32
N TYR C 492 -22.30 13.55 9.73
CA TYR C 492 -23.65 13.93 10.15
C TYR C 492 -23.60 14.90 11.32
N ALA C 493 -22.75 14.60 12.30
CA ALA C 493 -22.66 15.42 13.51
C ALA C 493 -22.37 16.87 13.17
N GLN C 494 -21.37 17.09 12.32
CA GLN C 494 -20.99 18.45 11.98
C GLN C 494 -22.03 19.14 11.10
N MET C 495 -22.83 18.37 10.39
CA MET C 495 -23.93 18.94 9.63
C MET C 495 -24.97 19.53 10.58
N TRP C 496 -25.29 18.77 11.62
CA TRP C 496 -26.25 19.20 12.61
C TRP C 496 -25.81 20.51 13.26
N LEU C 497 -24.50 20.67 13.45
CA LEU C 497 -23.97 21.87 14.11
C LEU C 497 -24.15 23.11 13.25
N LEU C 498 -24.13 22.92 11.93
CA LEU C 498 -24.24 24.06 11.01
C LEU C 498 -25.70 24.41 10.73
N LEU C 499 -26.54 23.39 10.58
CA LEU C 499 -27.92 23.60 10.18
C LEU C 499 -28.92 23.45 11.32
N TYR C 500 -28.77 22.42 12.14
CA TYR C 500 -29.75 22.11 13.16
C TYR C 500 -29.19 22.29 14.57
N PHE C 501 -28.28 23.26 14.71
CA PHE C 501 -27.70 23.62 16.00
C PHE C 501 -28.77 24.04 16.99
N HIS C 502 -29.88 24.55 16.46
CA HIS C 502 -30.94 25.10 17.30
C HIS C 502 -31.81 24.01 17.92
N ARG C 503 -31.46 22.75 17.68
CA ARG C 503 -32.20 21.65 18.26
C ARG C 503 -31.40 21.07 19.43
N ARG C 504 -31.99 21.14 20.63
CA ARG C 504 -31.30 20.79 21.87
C ARG C 504 -30.63 19.43 21.89
N ASP C 505 -31.33 18.42 21.40
CA ASP C 505 -30.78 17.07 21.40
C ASP C 505 -29.65 16.95 20.40
N LEU C 506 -29.86 17.48 19.20
CA LEU C 506 -28.89 17.29 18.12
C LEU C 506 -27.57 18.01 18.36
N ARG C 507 -27.64 19.15 19.02
CA ARG C 507 -26.43 19.91 19.34
C ARG C 507 -25.61 19.19 20.39
N LEU C 508 -26.29 18.65 21.40
CA LEU C 508 -25.63 17.89 22.45
C LEU C 508 -25.02 16.61 21.86
N MET C 509 -25.74 16.00 20.93
CA MET C 509 -25.29 14.75 20.33
C MET C 509 -24.16 14.97 19.33
N ALA C 510 -24.23 16.07 18.59
CA ALA C 510 -23.21 16.39 17.60
C ALA C 510 -21.89 16.68 18.29
N ASN C 511 -21.94 17.52 19.33
CA ASN C 511 -20.76 17.81 20.12
C ASN C 511 -20.22 16.54 20.78
N ALA C 512 -21.12 15.62 21.13
CA ALA C 512 -20.70 14.36 21.73
C ALA C 512 -19.99 13.45 20.72
N ILE C 513 -20.52 13.42 19.50
CA ILE C 513 -19.94 12.60 18.45
C ILE C 513 -18.58 13.14 18.03
N CYS C 514 -18.50 14.45 17.83
CA CYS C 514 -17.22 15.09 17.49
C CYS C 514 -16.20 14.87 18.60
N SER C 515 -16.69 14.88 19.84
CA SER C 515 -15.83 14.69 21.00
C SER C 515 -15.34 13.23 21.10
N ALA C 516 -16.03 12.32 20.44
CA ALA C 516 -15.68 10.91 20.50
C ALA C 516 -14.98 10.44 19.23
N VAL C 517 -14.75 11.36 18.30
CA VAL C 517 -14.08 11.05 17.06
C VAL C 517 -12.79 11.86 16.93
N PRO C 518 -11.67 11.18 16.64
CA PRO C 518 -10.34 11.76 16.46
C PRO C 518 -10.37 13.09 15.69
N VAL C 519 -9.85 14.14 16.32
CA VAL C 519 -9.95 15.50 15.80
C VAL C 519 -9.26 15.68 14.44
N ASP C 520 -8.28 14.85 14.16
CA ASP C 520 -7.52 14.96 12.92
C ASP C 520 -8.15 14.14 11.79
N TRP C 521 -9.25 13.46 12.10
CA TRP C 521 -9.96 12.65 11.12
C TRP C 521 -10.89 13.48 10.24
N VAL C 522 -10.82 13.27 8.93
CA VAL C 522 -11.62 14.04 7.99
C VAL C 522 -12.95 13.36 7.69
N PRO C 523 -14.07 14.10 7.89
CA PRO C 523 -15.42 13.61 7.59
C PRO C 523 -15.53 13.13 6.15
N THR C 524 -16.27 12.05 5.92
CA THR C 524 -16.44 11.48 4.59
C THR C 524 -17.89 11.09 4.36
N GLY C 525 -18.20 10.68 3.13
CA GLY C 525 -19.52 10.20 2.82
C GLY C 525 -20.51 11.34 2.62
N ARG C 526 -21.78 11.00 2.43
CA ARG C 526 -22.79 12.03 2.24
C ARG C 526 -23.86 11.93 3.31
N THR C 527 -24.36 13.08 3.76
CA THR C 527 -25.31 13.12 4.87
C THR C 527 -26.72 13.40 4.35
N SER C 528 -26.81 13.89 3.13
CA SER C 528 -28.10 14.22 2.53
C SER C 528 -28.04 14.15 1.01
N TRP C 529 -29.20 13.91 0.39
CA TRP C 529 -29.29 13.83 -1.07
C TRP C 529 -29.87 15.12 -1.63
N SER C 530 -30.34 15.99 -0.73
CA SER C 530 -30.92 17.26 -1.12
C SER C 530 -29.90 18.10 -1.87
N ILE C 531 -30.31 18.67 -3.00
CA ILE C 531 -29.42 19.44 -3.85
C ILE C 531 -28.98 20.74 -3.16
N HIS C 532 -29.67 21.10 -2.09
CA HIS C 532 -29.36 22.33 -1.36
C HIS C 532 -28.40 22.06 -0.20
N SER C 533 -27.95 20.82 -0.09
CA SER C 533 -26.97 20.46 0.92
C SER C 533 -25.58 20.58 0.32
N LYS C 534 -24.91 21.69 0.62
CA LYS C 534 -23.62 22.00 -0.01
C LYS C 534 -22.47 21.19 0.58
N GLY C 535 -22.50 20.98 1.90
CA GLY C 535 -21.49 20.18 2.56
C GLY C 535 -20.36 20.99 3.16
N GLU C 536 -20.69 22.14 3.73
CA GLU C 536 -19.72 22.99 4.38
C GLU C 536 -19.15 22.34 5.65
N TRP C 537 -19.78 21.27 6.10
CA TRP C 537 -19.40 20.59 7.33
C TRP C 537 -18.39 19.50 7.02
N MET C 538 -18.19 19.22 5.74
CA MET C 538 -17.23 18.22 5.31
C MET C 538 -15.81 18.76 5.43
N THR C 539 -15.43 19.14 6.65
CA THR C 539 -14.13 19.73 6.88
C THR C 539 -13.63 19.40 8.28
N THR C 540 -12.41 19.82 8.59
CA THR C 540 -11.82 19.62 9.90
C THR C 540 -11.79 20.96 10.63
N GLU C 541 -12.18 22.01 9.91
CA GLU C 541 -12.25 23.36 10.44
C GLU C 541 -13.22 23.41 11.62
N ASP C 542 -13.01 24.34 12.54
CA ASP C 542 -13.92 24.51 13.65
C ASP C 542 -15.27 24.97 13.13
N MET C 543 -16.32 24.19 13.40
CA MET C 543 -17.62 24.47 12.81
C MET C 543 -18.21 25.80 13.26
N LEU C 544 -17.74 26.32 14.39
CA LEU C 544 -18.17 27.64 14.84
C LEU C 544 -17.68 28.70 13.85
N GLN C 545 -16.49 28.47 13.28
CA GLN C 545 -15.96 29.35 12.24
C GLN C 545 -16.81 29.19 10.98
N VAL C 546 -17.15 27.93 10.68
CA VAL C 546 -17.94 27.61 9.49
C VAL C 546 -19.36 28.12 9.67
N TRP C 547 -19.89 27.98 10.88
CA TRP C 547 -21.20 28.52 11.23
C TRP C 547 -21.18 30.03 10.98
N ASN C 548 -20.18 30.68 11.57
CA ASN C 548 -20.03 32.12 11.46
C ASN C 548 -19.85 32.57 10.02
N ARG C 549 -19.20 31.74 9.21
CA ARG C 549 -19.02 32.07 7.80
C ARG C 549 -20.36 32.04 7.07
N VAL C 550 -21.17 31.05 7.38
CA VAL C 550 -22.42 30.83 6.67
C VAL C 550 -23.56 31.72 7.18
N TRP C 551 -23.67 31.87 8.50
CA TRP C 551 -24.81 32.58 9.07
C TRP C 551 -24.58 34.06 9.32
N ILE C 552 -23.33 34.49 9.20
CA ILE C 552 -22.99 35.90 9.41
C ILE C 552 -22.30 36.50 8.19
N GLU C 553 -21.12 36.01 7.88
CA GLU C 553 -20.28 36.56 6.82
C GLU C 553 -20.94 36.51 5.43
N GLU C 554 -21.32 35.32 4.99
CA GLU C 554 -21.87 35.15 3.65
C GLU C 554 -23.38 35.28 3.61
N ASN C 555 -23.98 35.51 4.78
CA ASN C 555 -25.43 35.62 4.88
C ASN C 555 -25.93 37.02 4.54
N GLU C 556 -26.47 37.17 3.33
CA GLU C 556 -26.87 38.49 2.85
C GLU C 556 -28.11 39.03 3.58
N TRP C 557 -28.66 38.24 4.49
CA TRP C 557 -29.77 38.71 5.31
C TRP C 557 -29.33 39.10 6.71
N MET C 558 -28.01 39.06 6.95
CA MET C 558 -27.47 39.46 8.24
C MET C 558 -26.77 40.82 8.11
N MET C 559 -27.46 41.87 8.55
CA MET C 559 -26.91 43.22 8.40
C MET C 559 -25.71 43.46 9.30
N ASP C 560 -25.88 43.21 10.60
CA ASP C 560 -24.80 43.35 11.57
C ASP C 560 -23.83 42.18 11.48
N LYS C 561 -22.70 42.39 10.81
CA LYS C 561 -21.76 41.29 10.55
C LYS C 561 -20.88 40.97 11.76
N THR C 562 -21.33 41.38 12.95
CA THR C 562 -20.62 41.13 14.19
C THR C 562 -20.53 39.64 14.49
N PRO C 563 -19.30 39.09 14.48
CA PRO C 563 -19.05 37.66 14.68
C PRO C 563 -19.59 37.14 16.02
N ILE C 564 -19.90 35.85 16.07
CA ILE C 564 -20.32 35.21 17.31
C ILE C 564 -19.12 34.63 18.05
N ALA C 565 -19.04 34.89 19.36
CA ALA C 565 -17.88 34.52 20.15
C ALA C 565 -17.81 33.02 20.44
N SER C 566 -18.95 32.45 20.86
CA SER C 566 -18.98 31.04 21.21
C SER C 566 -20.37 30.44 20.96
N TRP C 567 -20.45 29.12 20.99
CA TRP C 567 -21.70 28.40 20.78
C TRP C 567 -22.78 28.83 21.76
N THR C 568 -22.34 29.23 22.96
CA THR C 568 -23.27 29.63 24.02
C THR C 568 -24.03 30.93 23.69
N ASP C 569 -23.67 31.57 22.59
CA ASP C 569 -24.38 32.75 22.13
C ASP C 569 -25.27 32.40 20.94
N VAL C 570 -25.07 31.20 20.41
CA VAL C 570 -25.86 30.71 19.29
C VAL C 570 -27.13 30.06 19.82
N PRO C 571 -28.30 30.57 19.38
CA PRO C 571 -29.62 30.29 19.97
C PRO C 571 -30.22 28.92 19.64
N TYR C 572 -31.15 28.49 20.48
CA TYR C 572 -31.99 27.32 20.22
C TYR C 572 -33.39 27.82 19.91
N VAL C 573 -34.23 26.93 19.41
CA VAL C 573 -35.65 27.21 19.27
C VAL C 573 -36.28 27.14 20.66
N GLY C 574 -37.55 27.50 20.75
CA GLY C 574 -38.26 27.40 22.02
C GLY C 574 -38.46 25.94 22.37
N LYS C 575 -38.52 25.63 23.67
CA LYS C 575 -38.72 24.26 24.12
C LYS C 575 -39.98 23.65 23.50
N ARG C 576 -41.05 24.42 23.57
CA ARG C 576 -42.34 24.04 23.02
C ARG C 576 -42.22 23.62 21.56
N GLU C 577 -41.51 24.42 20.77
CA GLU C 577 -41.31 24.11 19.37
C GLU C 577 -40.41 22.90 19.18
N ASP C 578 -39.40 22.76 20.03
CA ASP C 578 -38.43 21.68 19.91
C ASP C 578 -39.09 20.32 20.12
N ILE C 579 -39.91 20.23 21.17
CA ILE C 579 -40.60 18.97 21.48
C ILE C 579 -41.57 18.63 20.35
N TRP C 580 -42.22 19.64 19.81
CA TRP C 580 -43.12 19.50 18.68
C TRP C 580 -42.39 18.88 17.50
N CYS C 581 -41.18 19.34 17.27
CA CYS C 581 -40.37 18.85 16.16
C CYS C 581 -39.52 17.64 16.56
N GLY C 582 -39.91 16.95 17.63
CA GLY C 582 -39.37 15.64 17.91
C GLY C 582 -38.36 15.48 19.05
N SER C 583 -38.18 16.52 19.85
CA SER C 583 -37.18 16.46 20.91
C SER C 583 -37.58 15.55 22.08
N LEU C 584 -36.57 15.07 22.80
CA LEU C 584 -36.79 14.18 23.94
C LEU C 584 -36.49 14.86 25.27
N ILE C 585 -36.31 16.17 25.25
CA ILE C 585 -36.02 16.89 26.48
C ILE C 585 -37.16 16.70 27.46
N GLY C 586 -36.85 16.76 28.75
CA GLY C 586 -37.86 16.59 29.78
C GLY C 586 -38.33 15.16 29.90
N THR C 587 -37.59 14.23 29.30
CA THR C 587 -37.89 12.81 29.44
C THR C 587 -36.87 12.12 30.32
N ARG C 588 -37.26 10.98 30.88
CA ARG C 588 -36.40 10.24 31.78
C ARG C 588 -35.16 9.70 31.05
N SER C 589 -35.39 9.10 29.89
CA SER C 589 -34.32 8.45 29.14
C SER C 589 -33.26 9.43 28.62
N ARG C 590 -33.70 10.62 28.21
CA ARG C 590 -32.77 11.61 27.67
C ARG C 590 -31.98 12.27 28.78
N ALA C 591 -32.63 12.52 29.92
CA ALA C 591 -31.97 13.16 31.03
C ALA C 591 -30.79 12.31 31.53
N THR C 592 -31.04 11.01 31.61
CA THR C 592 -30.01 10.05 31.99
C THR C 592 -28.88 10.04 30.98
N TRP C 593 -29.26 10.07 29.71
CA TRP C 593 -28.31 10.06 28.60
C TRP C 593 -27.43 11.30 28.62
N ALA C 594 -28.04 12.44 28.96
CA ALA C 594 -27.34 13.71 28.94
C ALA C 594 -26.35 13.87 30.09
N GLU C 595 -26.70 13.33 31.25
CA GLU C 595 -25.82 13.48 32.42
C GLU C 595 -24.79 12.36 32.48
N ASN C 596 -25.01 11.33 31.66
CA ASN C 596 -24.03 10.26 31.50
C ASN C 596 -23.45 10.29 30.10
N ILE C 597 -23.44 11.47 29.49
CA ILE C 597 -22.91 11.64 28.14
C ILE C 597 -21.41 11.35 28.04
N TYR C 598 -20.67 11.67 29.11
CA TYR C 598 -19.22 11.47 29.09
C TYR C 598 -18.85 9.99 29.03
N ALA C 599 -19.61 9.16 29.73
CA ALA C 599 -19.38 7.72 29.71
C ALA C 599 -19.56 7.20 28.29
N ALA C 600 -20.55 7.73 27.58
CA ALA C 600 -20.83 7.33 26.22
C ALA C 600 -19.69 7.73 25.29
N ILE C 601 -19.19 8.95 25.46
CA ILE C 601 -18.08 9.46 24.66
C ILE C 601 -16.83 8.59 24.86
N ASN C 602 -16.49 8.34 26.11
CA ASN C 602 -15.29 7.58 26.45
C ASN C 602 -15.28 6.16 25.92
N GLN C 603 -16.47 5.57 25.76
CA GLN C 603 -16.57 4.21 25.26
C GLN C 603 -16.21 4.17 23.78
N VAL C 604 -16.70 5.14 23.02
CA VAL C 604 -16.38 5.23 21.60
C VAL C 604 -14.88 5.48 21.44
N ARG C 605 -14.33 6.33 22.31
CA ARG C 605 -12.89 6.58 22.32
C ARG C 605 -12.11 5.31 22.57
N ALA C 606 -12.61 4.49 23.50
CA ALA C 606 -11.94 3.24 23.85
C ALA C 606 -12.01 2.25 22.70
N VAL C 607 -13.05 2.36 21.88
CA VAL C 607 -13.22 1.48 20.74
C VAL C 607 -12.34 1.92 19.57
N ILE C 608 -12.37 3.19 19.25
CA ILE C 608 -11.59 3.73 18.15
C ILE C 608 -10.10 3.57 18.42
N GLY C 609 -9.68 3.90 19.65
CA GLY C 609 -8.30 3.69 20.04
C GLY C 609 -7.58 4.96 20.48
N LYS C 610 -6.27 4.84 20.68
CA LYS C 610 -5.47 5.99 21.09
C LYS C 610 -5.32 6.96 19.93
N GLU C 611 -6.03 8.08 20.01
CA GLU C 611 -5.93 9.14 19.02
C GLU C 611 -6.10 10.49 19.70
N ASN C 612 -6.14 11.56 18.91
CA ASN C 612 -6.30 12.90 19.44
C ASN C 612 -7.77 13.26 19.62
N TYR C 613 -8.22 13.36 20.88
CA TYR C 613 -9.60 13.71 21.13
C TYR C 613 -9.70 15.08 21.79
N VAL C 614 -10.85 15.73 21.64
CA VAL C 614 -11.11 17.05 22.21
C VAL C 614 -12.48 17.06 22.86
N ASP C 615 -12.58 17.70 24.02
CA ASP C 615 -13.87 17.80 24.71
C ASP C 615 -14.65 19.01 24.21
N TYR C 616 -15.65 18.75 23.37
CA TYR C 616 -16.47 19.82 22.82
C TYR C 616 -17.71 20.07 23.66
N MET C 617 -17.89 19.27 24.72
CA MET C 617 -19.11 19.34 25.53
C MET C 617 -19.21 20.61 26.38
N THR C 618 -18.21 21.48 26.31
CA THR C 618 -18.24 22.75 27.02
C THR C 618 -19.05 23.80 26.26
N GLN D 5 25.80 29.73 -35.83
CA GLN D 5 25.86 29.44 -37.26
C GLN D 5 24.98 30.37 -38.08
N GLU D 6 23.75 30.56 -37.58
CA GLU D 6 22.61 31.31 -38.14
C GLU D 6 21.39 30.40 -38.07
N LYS D 7 21.59 29.11 -38.32
CA LYS D 7 20.49 28.15 -38.32
C LYS D 7 20.15 27.75 -36.89
N ILE D 8 21.07 28.03 -35.98
CA ILE D 8 20.93 27.61 -34.58
C ILE D 8 20.39 28.71 -33.67
N LYS D 9 20.15 29.89 -34.24
CA LYS D 9 19.67 31.04 -33.48
C LYS D 9 18.35 30.77 -32.74
N LYS D 10 17.37 30.24 -33.47
CA LYS D 10 16.04 29.97 -32.92
C LYS D 10 16.08 29.02 -31.72
N ARG D 11 17.06 28.11 -31.75
CA ARG D 11 17.19 27.04 -30.76
C ARG D 11 17.96 27.42 -29.50
N ILE D 12 18.97 28.26 -29.66
CA ILE D 12 19.82 28.69 -28.53
C ILE D 12 19.06 29.48 -27.47
N GLN D 13 18.21 30.40 -27.93
CA GLN D 13 17.49 31.31 -27.04
C GLN D 13 16.59 30.62 -26.02
N LYS D 14 15.81 29.64 -26.45
CA LYS D 14 14.87 28.94 -25.58
C LYS D 14 15.54 28.23 -24.40
N LEU D 15 16.80 27.84 -24.59
CA LEU D 15 17.55 27.17 -23.53
C LEU D 15 18.00 28.15 -22.44
N LYS D 16 18.50 29.31 -22.88
CA LYS D 16 18.96 30.36 -21.97
C LYS D 16 17.87 30.89 -21.05
N GLU D 17 16.65 30.98 -21.57
CA GLU D 17 15.52 31.55 -20.82
C GLU D 17 15.18 30.77 -19.55
N GLU D 18 15.07 29.45 -19.65
CA GLU D 18 14.65 28.63 -18.51
C GLU D 18 15.62 28.76 -17.33
N PHE D 19 16.89 29.03 -17.63
CA PHE D 19 17.91 29.16 -16.59
C PHE D 19 18.66 30.48 -16.69
N ALA D 20 17.95 31.53 -17.08
CA ALA D 20 18.53 32.86 -17.21
C ALA D 20 19.05 33.39 -15.88
N THR D 21 18.48 32.87 -14.78
CA THR D 21 18.82 33.29 -13.43
C THR D 21 20.31 33.24 -13.12
N THR D 22 20.88 32.04 -13.21
CA THR D 22 22.29 31.83 -12.88
C THR D 22 23.16 31.77 -14.14
N TRP D 23 22.56 32.04 -15.29
CA TRP D 23 23.27 31.98 -16.56
C TRP D 23 24.42 32.98 -16.63
N HIS D 24 25.60 32.50 -17.01
CA HIS D 24 26.76 33.36 -17.21
C HIS D 24 27.53 32.99 -18.47
N LYS D 25 28.44 33.86 -18.90
CA LYS D 25 29.12 33.70 -20.18
C LYS D 25 30.64 33.55 -20.11
N ASP D 26 31.11 32.38 -20.51
CA ASP D 26 32.52 32.18 -20.86
C ASP D 26 33.53 32.30 -19.71
N PRO D 27 33.65 31.24 -18.90
CA PRO D 27 34.84 31.05 -18.08
C PRO D 27 35.92 30.51 -19.01
N GLU D 28 37.19 30.61 -18.65
CA GLU D 28 38.29 30.08 -19.46
C GLU D 28 38.13 28.61 -19.92
N HIS D 29 36.98 28.30 -20.49
CA HIS D 29 36.61 26.93 -20.90
C HIS D 29 37.68 26.28 -21.76
N PRO D 30 37.81 24.95 -21.67
CA PRO D 30 38.83 24.22 -22.43
C PRO D 30 38.31 23.65 -23.75
N TYR D 31 37.05 23.92 -24.09
CA TYR D 31 36.46 23.39 -25.32
C TYR D 31 37.18 23.89 -26.57
N ARG D 32 37.52 22.96 -27.46
CA ARG D 32 38.24 23.31 -28.68
C ARG D 32 37.41 23.03 -29.93
N THR D 33 36.77 21.85 -29.98
CA THR D 33 35.98 21.47 -31.14
C THR D 33 34.49 21.59 -30.87
N TRP D 34 34.14 22.20 -29.73
CA TRP D 34 32.74 22.40 -29.36
C TRP D 34 32.47 23.86 -29.04
N THR D 35 31.48 24.43 -29.71
CA THR D 35 31.14 25.84 -29.50
C THR D 35 30.55 26.07 -28.12
N TYR D 36 31.25 26.86 -27.30
CA TYR D 36 30.80 27.12 -25.94
C TYR D 36 29.79 28.26 -25.91
N HIS D 37 28.68 28.04 -25.22
CA HIS D 37 27.64 29.06 -25.11
C HIS D 37 27.51 29.64 -23.70
N GLY D 38 27.53 28.77 -22.69
CA GLY D 38 27.41 29.20 -21.31
C GLY D 38 27.23 28.06 -20.33
N SER D 39 26.93 28.41 -19.08
CA SER D 39 26.74 27.41 -18.03
C SER D 39 25.77 27.89 -16.95
N TYR D 40 25.29 26.96 -16.14
CA TYR D 40 24.40 27.27 -15.04
C TYR D 40 24.55 26.20 -13.95
N GLU D 41 24.23 26.56 -12.71
CA GLU D 41 24.44 25.68 -11.58
C GLU D 41 23.46 24.52 -11.52
N VAL D 42 23.97 23.34 -11.17
CA VAL D 42 23.16 22.13 -11.05
C VAL D 42 23.63 21.30 -9.87
N LYS D 43 22.77 20.41 -9.39
CA LYS D 43 23.14 19.50 -8.31
C LYS D 43 24.09 18.42 -8.78
N ALA D 44 25.24 18.32 -8.11
CA ALA D 44 26.25 17.32 -8.44
C ALA D 44 25.72 15.93 -8.12
N THR D 45 26.29 14.92 -8.77
CA THR D 45 25.89 13.54 -8.53
C THR D 45 27.10 12.68 -8.15
N GLY D 46 27.81 13.11 -7.12
CA GLY D 46 28.97 12.38 -6.63
C GLY D 46 28.60 11.10 -5.92
N LEU D 51 27.72 0.57 -3.01
CA LEU D 51 27.39 -0.17 -4.22
C LEU D 51 28.09 -1.53 -4.31
N VAL D 52 27.92 -2.36 -3.28
CA VAL D 52 28.51 -3.70 -3.26
C VAL D 52 27.45 -4.76 -3.02
N ASN D 53 27.37 -5.73 -3.92
CA ASN D 53 26.41 -6.82 -3.80
C ASN D 53 26.85 -7.77 -2.69
N GLY D 54 26.22 -7.65 -1.53
CA GLY D 54 26.57 -8.43 -0.37
C GLY D 54 26.45 -9.94 -0.54
N VAL D 55 25.46 -10.36 -1.33
CA VAL D 55 25.21 -11.79 -1.51
C VAL D 55 26.37 -12.46 -2.25
N VAL D 56 26.74 -11.90 -3.40
CA VAL D 56 27.84 -12.44 -4.19
C VAL D 56 29.15 -12.34 -3.41
N LYS D 57 29.32 -11.22 -2.72
CA LYS D 57 30.51 -10.96 -1.91
C LYS D 57 30.69 -12.05 -0.85
N LEU D 58 29.59 -12.49 -0.25
CA LEU D 58 29.64 -13.47 0.82
C LEU D 58 29.93 -14.87 0.30
N MET D 59 29.49 -15.15 -0.93
CA MET D 59 29.65 -16.48 -1.52
C MET D 59 30.95 -16.61 -2.31
N SER D 60 31.70 -15.52 -2.42
CA SER D 60 32.91 -15.51 -3.22
C SER D 60 34.11 -15.05 -2.38
N LYS D 61 34.26 -15.66 -1.21
CA LYS D 61 35.32 -15.30 -0.28
C LYS D 61 36.77 -15.34 -0.82
N PRO D 62 37.12 -16.36 -1.64
CA PRO D 62 38.49 -16.35 -2.14
C PRO D 62 38.80 -15.16 -3.03
N TRP D 63 37.79 -14.66 -3.74
CA TRP D 63 38.02 -13.56 -4.67
C TRP D 63 38.13 -12.20 -3.97
N ASP D 64 38.06 -12.21 -2.65
CA ASP D 64 38.27 -10.99 -1.88
C ASP D 64 39.72 -10.54 -1.98
N ALA D 65 40.62 -11.48 -2.27
CA ALA D 65 42.04 -11.17 -2.34
C ALA D 65 42.48 -10.91 -3.78
N ILE D 66 41.60 -11.16 -4.73
CA ILE D 66 41.94 -11.02 -6.14
C ILE D 66 41.78 -9.57 -6.59
N ALA D 67 42.88 -8.99 -7.06
CA ALA D 67 42.94 -7.57 -7.40
C ALA D 67 41.99 -7.17 -8.52
N ASN D 68 41.92 -7.98 -9.56
CA ASN D 68 41.08 -7.69 -10.72
C ASN D 68 39.61 -7.57 -10.36
N VAL D 69 39.23 -8.21 -9.26
CA VAL D 69 37.84 -8.26 -8.81
C VAL D 69 37.49 -7.13 -7.85
N THR D 70 38.35 -6.92 -6.86
CA THR D 70 38.09 -5.95 -5.81
C THR D 70 38.28 -4.51 -6.26
N THR D 71 39.18 -4.30 -7.21
CA THR D 71 39.46 -2.95 -7.68
C THR D 71 38.58 -2.61 -8.88
N MET D 72 37.54 -3.40 -9.08
CA MET D 72 36.68 -3.20 -10.24
C MET D 72 35.61 -2.15 -9.99
N ALA D 73 35.50 -1.22 -10.94
CA ALA D 73 34.45 -0.22 -10.98
C ALA D 73 34.36 0.28 -12.41
N MET D 74 33.15 0.62 -12.84
CA MET D 74 32.91 1.05 -14.21
C MET D 74 31.97 2.24 -14.15
N THR D 75 31.75 2.71 -12.94
CA THR D 75 30.83 3.81 -12.69
C THR D 75 31.58 5.11 -12.42
N ASP D 76 31.08 6.20 -12.98
CA ASP D 76 31.63 7.53 -12.72
C ASP D 76 30.60 8.57 -13.16
N THR D 77 29.65 8.87 -12.27
CA THR D 77 28.63 9.86 -12.57
C THR D 77 29.05 11.21 -12.01
N THR D 78 30.19 11.24 -11.32
CA THR D 78 30.71 12.47 -10.74
C THR D 78 31.09 13.45 -11.84
N PRO D 79 30.82 14.75 -11.61
CA PRO D 79 31.12 15.82 -12.56
C PRO D 79 32.60 15.85 -12.95
N PHE D 80 33.47 15.51 -12.00
CA PHE D 80 34.92 15.51 -12.23
C PHE D 80 35.32 14.51 -13.31
N GLY D 81 34.73 13.32 -13.28
CA GLY D 81 35.03 12.28 -14.25
C GLY D 81 34.46 12.66 -15.61
N GLN D 82 33.34 13.36 -15.58
CA GLN D 82 32.67 13.81 -16.78
C GLN D 82 33.57 14.74 -17.60
N GLN D 83 34.33 15.58 -16.90
CA GLN D 83 35.26 16.49 -17.55
C GLN D 83 36.45 15.76 -18.16
N ARG D 84 36.93 14.74 -17.46
CA ARG D 84 38.11 14.00 -17.90
C ARG D 84 37.83 13.21 -19.19
N VAL D 85 36.65 12.60 -19.27
CA VAL D 85 36.29 11.79 -20.43
C VAL D 85 35.92 12.69 -21.61
N PHE D 86 35.41 13.89 -21.31
CA PHE D 86 34.98 14.82 -22.34
C PHE D 86 36.16 15.45 -23.05
N LYS D 87 37.19 15.82 -22.29
CA LYS D 87 38.38 16.46 -22.84
C LYS D 87 39.15 15.56 -23.79
N GLU D 88 39.30 14.30 -23.41
CA GLU D 88 40.15 13.36 -24.14
C GLU D 88 39.42 12.55 -25.23
N LYS D 89 38.11 12.39 -25.08
CA LYS D 89 37.37 11.53 -26.01
C LYS D 89 36.12 12.16 -26.64
N VAL D 90 35.79 13.38 -26.25
CA VAL D 90 34.64 14.07 -26.85
C VAL D 90 35.04 15.40 -27.49
N ASP D 91 35.95 16.12 -26.82
CA ASP D 91 36.48 17.36 -27.38
C ASP D 91 37.54 17.03 -28.42
N THR D 92 37.18 16.18 -29.37
CA THR D 92 38.08 15.76 -30.43
C THR D 92 37.29 15.55 -31.71
N LYS D 93 37.93 15.78 -32.86
CA LYS D 93 37.26 15.65 -34.15
C LYS D 93 38.16 14.90 -35.12
N ALA D 94 37.59 13.92 -35.81
CA ALA D 94 38.34 13.15 -36.79
C ALA D 94 38.41 13.88 -38.12
N PRO D 95 39.62 13.97 -38.69
CA PRO D 95 39.79 14.67 -39.98
C PRO D 95 39.08 13.92 -41.10
N GLU D 96 38.56 14.65 -42.07
CA GLU D 96 37.85 14.04 -43.19
C GLU D 96 38.81 13.33 -44.13
N PRO D 97 38.41 12.16 -44.64
CA PRO D 97 39.22 11.43 -45.60
C PRO D 97 39.32 12.20 -46.91
N PRO D 98 40.39 11.98 -47.69
CA PRO D 98 40.56 12.72 -48.96
C PRO D 98 39.48 12.42 -49.98
N ALA D 99 39.45 13.20 -51.06
CA ALA D 99 38.39 13.13 -52.06
C ALA D 99 38.25 11.75 -52.71
N GLY D 100 39.37 11.12 -53.00
CA GLY D 100 39.38 9.80 -53.60
C GLY D 100 38.69 8.78 -52.73
N VAL D 101 39.06 8.76 -51.46
CA VAL D 101 38.51 7.82 -50.48
C VAL D 101 37.00 7.99 -50.33
N ARG D 102 36.55 9.24 -50.25
CA ARG D 102 35.13 9.55 -50.11
C ARG D 102 34.27 8.88 -51.17
N GLU D 103 34.81 8.78 -52.38
CA GLU D 103 34.11 8.17 -53.50
C GLU D 103 34.10 6.65 -53.36
N VAL D 104 35.19 6.10 -52.83
CA VAL D 104 35.31 4.66 -52.65
C VAL D 104 34.27 4.17 -51.64
N LEU D 105 34.06 4.96 -50.59
CA LEU D 105 33.05 4.68 -49.59
C LEU D 105 31.64 4.80 -50.19
N ASN D 106 31.48 5.74 -51.11
CA ASN D 106 30.20 6.03 -51.74
C ASN D 106 29.60 4.83 -52.48
N GLU D 107 30.40 4.20 -53.33
CA GLU D 107 29.96 3.03 -54.08
C GLU D 107 29.67 1.85 -53.15
N THR D 108 30.47 1.72 -52.11
CA THR D 108 30.36 0.59 -51.18
C THR D 108 29.05 0.62 -50.40
N THR D 109 28.69 1.78 -49.87
CA THR D 109 27.47 1.91 -49.07
C THR D 109 26.21 1.78 -49.92
N ASN D 110 26.29 2.18 -51.19
CA ASN D 110 25.16 2.04 -52.10
C ASN D 110 24.74 0.59 -52.31
N TRP D 111 25.72 -0.28 -52.54
CA TRP D 111 25.46 -1.70 -52.77
C TRP D 111 24.86 -2.34 -51.52
N LEU D 112 25.33 -1.91 -50.35
CA LEU D 112 24.89 -2.49 -49.08
C LEU D 112 23.41 -2.18 -48.83
N TRP D 113 23.04 -0.92 -49.01
CA TRP D 113 21.65 -0.50 -48.88
C TRP D 113 20.77 -1.30 -49.84
N ALA D 114 21.31 -1.56 -51.02
CA ALA D 114 20.63 -2.36 -52.03
C ALA D 114 20.42 -3.79 -51.54
N HIS D 115 21.40 -4.32 -50.82
CA HIS D 115 21.32 -5.69 -50.33
C HIS D 115 20.34 -5.82 -49.15
N LEU D 116 20.28 -4.77 -48.33
CA LEU D 116 19.37 -4.76 -47.19
C LEU D 116 17.92 -4.51 -47.61
N SER D 117 17.74 -3.75 -48.68
CA SER D 117 16.40 -3.37 -49.13
C SER D 117 15.94 -4.25 -50.29
N ARG D 118 16.46 -5.47 -50.34
CA ARG D 118 16.10 -6.41 -51.40
C ARG D 118 14.74 -7.03 -51.10
N GLU D 119 14.38 -7.09 -49.82
CA GLU D 119 13.14 -7.70 -49.41
C GLU D 119 12.36 -6.84 -48.41
N LYS D 120 13.05 -6.34 -47.39
CA LYS D 120 12.40 -5.52 -46.39
C LYS D 120 12.17 -4.09 -46.89
N ARG D 121 11.04 -3.51 -46.50
CA ARG D 121 10.77 -2.10 -46.77
C ARG D 121 10.53 -1.35 -45.46
N PRO D 122 11.11 -0.14 -45.36
CA PRO D 122 11.03 0.69 -44.15
C PRO D 122 9.59 1.03 -43.78
N ARG D 123 9.37 1.42 -42.53
CA ARG D 123 8.03 1.72 -42.05
C ARG D 123 8.10 2.53 -40.75
N LEU D 124 7.09 3.35 -40.54
CA LEU D 124 6.97 4.11 -39.29
C LEU D 124 6.64 3.19 -38.13
N CYS D 125 7.02 3.58 -36.93
CA CYS D 125 6.68 2.82 -35.73
C CYS D 125 5.46 3.42 -35.03
N THR D 126 4.84 2.62 -34.16
CA THR D 126 3.60 3.02 -33.51
C THR D 126 3.80 3.30 -32.03
N LYS D 127 2.80 3.95 -31.42
CA LYS D 127 2.84 4.28 -30.00
C LYS D 127 2.86 3.03 -29.13
N GLU D 128 2.03 2.06 -29.48
CA GLU D 128 1.95 0.79 -28.77
C GLU D 128 3.29 0.05 -28.87
N GLU D 129 3.97 0.24 -29.99
CA GLU D 129 5.26 -0.39 -30.24
C GLU D 129 6.31 0.10 -29.26
N PHE D 130 6.26 1.39 -28.94
CA PHE D 130 7.20 2.01 -28.00
C PHE D 130 7.14 1.39 -26.61
N ILE D 131 5.93 1.32 -26.04
CA ILE D 131 5.73 0.75 -24.71
C ILE D 131 6.13 -0.73 -24.71
N LYS D 132 5.79 -1.40 -25.80
CA LYS D 132 6.09 -2.82 -26.01
C LYS D 132 7.59 -3.11 -25.84
N LYS D 133 8.42 -2.14 -26.20
CA LYS D 133 9.87 -2.31 -26.14
C LYS D 133 10.39 -2.25 -24.71
N VAL D 134 9.77 -1.39 -23.90
CA VAL D 134 10.22 -1.18 -22.51
C VAL D 134 10.09 -2.46 -21.68
N ASN D 135 8.98 -3.16 -21.84
CA ASN D 135 8.72 -4.40 -21.11
C ASN D 135 9.57 -5.56 -21.62
N ALA D 153 8.89 8.58 -12.21
CA ALA D 153 9.65 9.12 -13.33
C ALA D 153 9.66 8.15 -14.50
N ARG D 154 9.92 6.87 -14.21
CA ARG D 154 9.95 5.84 -15.24
C ARG D 154 8.60 5.63 -15.91
N GLU D 155 7.52 5.69 -15.14
CA GLU D 155 6.19 5.55 -15.71
C GLU D 155 5.76 6.86 -16.34
N ALA D 156 6.43 7.20 -17.43
CA ALA D 156 6.13 8.38 -18.22
C ALA D 156 5.15 7.98 -19.30
N VAL D 157 5.39 6.79 -19.87
CA VAL D 157 4.57 6.27 -20.95
C VAL D 157 3.16 5.98 -20.43
N ASN D 158 3.02 5.90 -19.11
CA ASN D 158 1.73 5.66 -18.50
C ASN D 158 1.01 6.97 -18.20
N ASP D 159 1.67 8.07 -18.55
CA ASP D 159 1.06 9.40 -18.41
C ASP D 159 0.66 9.93 -19.78
N PRO D 160 -0.65 10.00 -20.05
CA PRO D 160 -1.15 10.53 -21.32
C PRO D 160 -0.79 12.01 -21.54
N ARG D 161 -0.50 12.72 -20.45
CA ARG D 161 -0.08 14.11 -20.51
C ARG D 161 1.27 14.24 -21.19
N PHE D 162 2.14 13.26 -20.94
CA PHE D 162 3.47 13.19 -21.53
C PHE D 162 3.38 13.11 -23.06
N TRP D 163 2.44 12.31 -23.56
CA TRP D 163 2.28 12.08 -24.99
C TRP D 163 1.76 13.28 -25.76
N GLU D 164 1.27 14.28 -25.04
CA GLU D 164 0.80 15.52 -25.64
C GLU D 164 1.98 16.36 -26.13
N MET D 165 3.04 16.37 -25.32
CA MET D 165 4.24 17.14 -25.63
C MET D 165 4.87 16.69 -26.94
N VAL D 166 4.88 15.38 -27.18
CA VAL D 166 5.41 14.80 -28.41
C VAL D 166 4.70 15.30 -29.66
N ASP D 167 3.37 15.23 -29.66
CA ASP D 167 2.56 15.62 -30.81
C ASP D 167 2.83 17.06 -31.32
N GLU D 168 3.11 17.97 -30.39
CA GLU D 168 3.47 19.33 -30.75
C GLU D 168 4.85 19.35 -31.41
N GLU D 169 5.76 18.57 -30.85
CA GLU D 169 7.15 18.51 -31.31
C GLU D 169 7.24 17.90 -32.70
N ARG D 170 6.33 16.97 -32.99
CA ARG D 170 6.27 16.29 -34.28
C ARG D 170 6.09 17.31 -35.42
N GLU D 171 5.26 18.32 -35.16
CA GLU D 171 4.99 19.38 -36.13
C GLU D 171 6.17 20.36 -36.25
N ASN D 172 6.94 20.49 -35.17
CA ASN D 172 8.11 21.35 -35.16
C ASN D 172 9.20 20.85 -36.12
N HIS D 173 9.29 19.52 -36.24
CA HIS D 173 10.27 18.90 -37.12
C HIS D 173 9.94 19.11 -38.60
N LEU D 174 8.66 18.98 -38.96
CA LEU D 174 8.22 19.16 -40.34
C LEU D 174 8.48 20.56 -40.90
N ARG D 175 8.57 21.56 -40.03
CA ARG D 175 8.86 22.92 -40.45
C ARG D 175 10.37 23.14 -40.56
N GLY D 176 11.13 22.28 -39.91
CA GLY D 176 12.59 22.38 -39.93
C GLY D 176 13.11 23.18 -38.74
N TRP D 209 16.10 13.20 -22.95
CA TRP D 209 14.70 13.22 -22.53
C TRP D 209 13.92 12.10 -23.21
N LEU D 210 13.19 11.33 -22.42
CA LEU D 210 12.44 10.16 -22.88
C LEU D 210 11.52 10.46 -24.07
N GLY D 211 11.07 11.70 -24.18
CA GLY D 211 10.24 12.12 -25.30
C GLY D 211 11.01 12.10 -26.59
N ALA D 212 12.28 12.47 -26.52
CA ALA D 212 13.17 12.46 -27.68
C ALA D 212 13.45 11.02 -28.11
N ARG D 213 13.26 10.08 -27.18
CA ARG D 213 13.47 8.67 -27.46
C ARG D 213 12.34 8.11 -28.33
N TYR D 214 11.12 8.60 -28.13
CA TYR D 214 9.98 8.15 -28.94
C TYR D 214 10.13 8.64 -30.38
N LEU D 215 10.48 9.91 -30.55
CA LEU D 215 10.89 10.41 -31.86
C LEU D 215 12.16 9.70 -32.28
N GLU D 216 12.50 9.81 -33.58
CA GLU D 216 13.63 9.08 -34.16
C GLU D 216 13.33 7.58 -34.22
N PHE D 217 12.85 7.03 -33.11
CA PHE D 217 12.38 5.66 -33.03
C PHE D 217 11.18 5.44 -33.95
N GLU D 218 10.29 6.43 -34.00
CA GLU D 218 9.14 6.36 -34.89
C GLU D 218 9.59 6.35 -36.34
N ALA D 219 10.62 7.14 -36.63
CA ALA D 219 11.08 7.34 -38.01
C ALA D 219 12.08 6.28 -38.46
N LEU D 220 13.02 5.93 -37.58
CA LEU D 220 14.17 5.11 -37.98
C LEU D 220 14.35 3.84 -37.16
N GLY D 221 13.39 3.54 -36.28
CA GLY D 221 13.46 2.37 -35.43
C GLY D 221 13.34 1.07 -36.19
N PHE D 222 12.90 1.16 -37.45
CA PHE D 222 12.65 0.00 -38.29
C PHE D 222 13.88 -0.87 -38.53
N LEU D 223 15.07 -0.27 -38.47
CA LEU D 223 16.31 -1.01 -38.68
C LEU D 223 16.51 -2.08 -37.62
N ASN D 224 16.13 -1.76 -36.38
CA ASN D 224 16.25 -2.69 -35.27
C ASN D 224 15.01 -3.57 -35.13
N GLU D 225 13.84 -2.94 -35.17
CA GLU D 225 12.58 -3.65 -34.95
C GLU D 225 12.25 -4.66 -36.04
N ASP D 226 12.66 -4.36 -37.28
CA ASP D 226 12.43 -5.28 -38.39
C ASP D 226 13.67 -6.11 -38.69
N HIS D 227 14.68 -6.01 -37.82
CA HIS D 227 15.92 -6.77 -37.95
C HIS D 227 16.58 -6.56 -39.31
N TRP D 228 16.78 -5.30 -39.68
CA TRP D 228 17.37 -4.96 -40.97
C TRP D 228 18.80 -5.47 -41.14
N LEU D 229 19.51 -5.60 -40.02
CA LEU D 229 20.90 -6.01 -40.06
C LEU D 229 21.07 -7.44 -39.54
N SER D 230 20.00 -8.22 -39.61
CA SER D 230 20.06 -9.63 -39.25
C SER D 230 20.99 -10.35 -40.23
N ARG D 231 21.55 -11.47 -39.79
CA ARG D 231 22.51 -12.21 -40.60
C ARG D 231 21.88 -12.71 -41.90
N GLU D 232 20.59 -13.04 -41.86
CA GLU D 232 19.86 -13.45 -43.04
C GLU D 232 19.80 -12.31 -44.05
N ASN D 233 19.50 -11.11 -43.56
CA ASN D 233 19.31 -9.95 -44.42
C ASN D 233 20.61 -9.22 -44.76
N SER D 234 21.57 -9.22 -43.85
CA SER D 234 22.80 -8.44 -44.04
C SER D 234 24.02 -9.29 -44.40
N GLY D 235 24.02 -10.56 -44.00
CA GLY D 235 25.09 -11.47 -44.34
C GLY D 235 26.29 -11.38 -43.42
N GLY D 236 26.73 -10.16 -43.13
CA GLY D 236 27.90 -9.94 -42.29
C GLY D 236 27.54 -9.61 -40.86
N GLY D 237 26.42 -8.93 -40.68
CA GLY D 237 25.98 -8.53 -39.36
C GLY D 237 25.53 -9.72 -38.55
N VAL D 238 25.14 -9.46 -37.30
CA VAL D 238 24.69 -10.51 -36.40
C VAL D 238 23.56 -9.97 -35.53
N GLU D 239 22.90 -8.91 -36.01
CA GLU D 239 21.86 -8.23 -35.24
C GLU D 239 20.78 -9.19 -34.76
N GLY D 240 20.57 -9.22 -33.45
CA GLY D 240 19.52 -10.04 -32.87
C GLY D 240 20.02 -11.39 -32.39
N SER D 241 21.13 -11.84 -32.95
CA SER D 241 21.70 -13.13 -32.58
C SER D 241 22.24 -13.10 -31.16
N GLY D 242 21.96 -14.15 -30.40
CA GLY D 242 22.41 -14.24 -29.02
C GLY D 242 23.88 -14.57 -28.93
N VAL D 243 24.48 -14.27 -27.79
CA VAL D 243 25.92 -14.47 -27.58
C VAL D 243 26.32 -15.95 -27.67
N GLN D 244 25.34 -16.84 -27.51
CA GLN D 244 25.59 -18.27 -27.62
C GLN D 244 25.74 -18.70 -29.09
N LYS D 245 25.22 -17.88 -29.99
CA LYS D 245 25.27 -18.16 -31.42
C LYS D 245 26.58 -17.66 -32.03
N LEU D 246 27.10 -16.58 -31.47
CA LEU D 246 28.27 -15.90 -32.01
C LEU D 246 29.48 -16.83 -32.16
N GLY D 247 29.60 -17.77 -31.23
CA GLY D 247 30.67 -18.75 -31.27
C GLY D 247 30.59 -19.57 -32.54
N TYR D 248 29.42 -20.16 -32.77
CA TYR D 248 29.18 -20.98 -33.96
C TYR D 248 29.42 -20.19 -35.24
N ILE D 249 28.99 -18.93 -35.26
CA ILE D 249 29.15 -18.07 -36.42
C ILE D 249 30.62 -17.91 -36.77
N LEU D 250 31.43 -17.69 -35.74
CA LEU D 250 32.88 -17.54 -35.91
C LEU D 250 33.50 -18.85 -36.39
N ARG D 251 32.85 -19.97 -36.07
CA ARG D 251 33.32 -21.28 -36.49
C ARG D 251 33.04 -21.50 -37.98
N ASP D 252 31.88 -21.05 -38.43
CA ASP D 252 31.51 -21.16 -39.84
C ASP D 252 32.49 -20.41 -40.72
N ILE D 253 32.90 -19.23 -40.25
CA ILE D 253 33.90 -18.42 -40.94
C ILE D 253 35.25 -19.14 -40.99
N ALA D 254 35.61 -19.79 -39.89
CA ALA D 254 36.87 -20.50 -39.80
C ALA D 254 36.89 -21.71 -40.73
N GLY D 255 35.72 -22.26 -40.99
CA GLY D 255 35.60 -23.39 -41.89
C GLY D 255 35.87 -23.00 -43.33
N LYS D 256 35.62 -21.73 -43.66
CA LYS D 256 35.86 -21.23 -45.01
C LYS D 256 37.34 -21.14 -45.32
N GLN D 257 37.67 -21.14 -46.61
CA GLN D 257 39.04 -21.01 -47.06
C GLN D 257 39.46 -19.55 -47.01
N GLY D 258 40.70 -19.31 -46.58
CA GLY D 258 41.25 -17.98 -46.48
C GLY D 258 42.49 -17.98 -45.63
N GLY D 259 42.95 -16.80 -45.21
CA GLY D 259 44.13 -16.71 -44.38
C GLY D 259 43.77 -16.75 -42.90
N LYS D 260 44.64 -16.16 -42.08
CA LYS D 260 44.41 -16.12 -40.64
C LYS D 260 43.22 -15.20 -40.35
N MET D 261 42.64 -15.32 -39.16
CA MET D 261 41.51 -14.48 -38.80
C MET D 261 41.97 -13.21 -38.08
N TYR D 262 41.45 -12.08 -38.53
CA TYR D 262 41.85 -10.79 -37.97
C TYR D 262 40.67 -10.12 -37.27
N ALA D 263 40.95 -9.43 -36.18
CA ALA D 263 39.92 -8.70 -35.43
C ALA D 263 40.48 -7.48 -34.72
N ASP D 264 40.80 -6.45 -35.49
CA ASP D 264 41.36 -5.21 -34.94
C ASP D 264 40.29 -4.29 -34.34
N ASP D 265 40.48 -3.89 -33.09
CA ASP D 265 39.58 -2.93 -32.46
C ASP D 265 39.95 -1.50 -32.81
N THR D 266 38.93 -0.67 -33.04
CA THR D 266 39.12 0.72 -33.40
C THR D 266 39.18 1.63 -32.17
N ALA D 267 40.22 2.46 -32.11
CA ALA D 267 40.45 3.36 -30.99
C ALA D 267 39.38 4.45 -30.92
N GLY D 268 38.34 4.21 -30.12
CA GLY D 268 37.26 5.16 -29.95
C GLY D 268 36.48 5.35 -31.23
N TRP D 269 35.70 4.32 -31.58
CA TRP D 269 34.97 4.29 -32.84
C TRP D 269 34.08 5.51 -33.04
N ASP D 270 33.30 5.85 -32.01
CA ASP D 270 32.34 6.94 -32.10
C ASP D 270 33.03 8.30 -32.26
N THR D 271 34.25 8.40 -31.76
CA THR D 271 34.99 9.66 -31.81
C THR D 271 35.58 9.83 -33.19
N ARG D 272 35.66 8.74 -33.93
CA ARG D 272 36.28 8.74 -35.25
C ARG D 272 35.28 8.52 -36.39
N ILE D 273 34.01 8.82 -36.13
CA ILE D 273 33.02 8.85 -37.20
C ILE D 273 33.20 10.15 -37.96
N THR D 274 33.50 10.03 -39.26
CA THR D 274 33.75 11.20 -40.08
C THR D 274 32.45 11.69 -40.68
N ARG D 275 32.44 12.94 -41.14
CA ARG D 275 31.27 13.51 -41.80
C ARG D 275 31.04 12.73 -43.10
N THR D 276 32.13 12.30 -43.72
CA THR D 276 32.07 11.50 -44.94
C THR D 276 31.29 10.21 -44.69
N ASP D 277 31.59 9.55 -43.58
CA ASP D 277 30.88 8.35 -43.18
C ASP D 277 29.42 8.71 -42.90
N LEU D 278 29.24 9.86 -42.26
CA LEU D 278 27.90 10.35 -41.91
C LEU D 278 27.08 10.60 -43.16
N GLU D 279 27.72 11.16 -44.20
CA GLU D 279 27.06 11.41 -45.48
C GLU D 279 26.57 10.13 -46.11
N ASN D 280 27.41 9.10 -46.10
CA ASN D 280 27.09 7.80 -46.66
C ASN D 280 25.93 7.12 -45.94
N GLU D 281 25.88 7.29 -44.62
CA GLU D 281 24.78 6.75 -43.81
C GLU D 281 23.47 7.46 -44.12
N ALA D 282 23.56 8.74 -44.45
CA ALA D 282 22.38 9.58 -44.69
C ALA D 282 21.59 9.21 -45.95
N LYS D 283 22.07 8.21 -46.68
CA LYS D 283 21.43 7.78 -47.92
C LYS D 283 20.12 7.04 -47.71
N VAL D 284 19.69 6.93 -46.45
CA VAL D 284 18.43 6.27 -46.11
C VAL D 284 17.24 6.96 -46.75
N LEU D 285 17.25 8.29 -46.76
CA LEU D 285 16.15 9.08 -47.27
C LEU D 285 15.76 8.71 -48.69
N GLU D 286 16.77 8.38 -49.50
CA GLU D 286 16.59 8.02 -50.90
C GLU D 286 15.95 6.64 -51.09
N LEU D 287 15.62 5.99 -49.98
CA LEU D 287 14.99 4.67 -50.01
C LEU D 287 13.54 4.75 -49.53
N LEU D 288 13.08 5.98 -49.25
CA LEU D 288 11.73 6.18 -48.75
C LEU D 288 10.89 6.87 -49.81
N ASP D 289 9.57 6.70 -49.73
CA ASP D 289 8.68 7.26 -50.74
C ASP D 289 7.65 8.22 -50.14
N GLY D 290 7.35 9.28 -50.89
CA GLY D 290 6.33 10.26 -50.53
C GLY D 290 6.48 10.91 -49.16
N GLU D 291 5.40 10.92 -48.40
CA GLU D 291 5.36 11.62 -47.11
C GLU D 291 6.27 10.99 -46.06
N HIS D 292 6.48 9.67 -46.17
CA HIS D 292 7.36 8.95 -45.26
C HIS D 292 8.77 9.55 -45.35
N ARG D 293 9.21 9.79 -46.57
CA ARG D 293 10.53 10.35 -46.85
C ARG D 293 10.67 11.75 -46.26
N MET D 294 9.58 12.49 -46.25
CA MET D 294 9.55 13.84 -45.71
C MET D 294 9.79 13.87 -44.21
N LEU D 295 9.32 12.84 -43.52
CA LEU D 295 9.44 12.74 -42.07
C LEU D 295 10.88 12.49 -41.61
N ALA D 296 11.57 11.55 -42.26
CA ALA D 296 12.92 11.18 -41.87
C ALA D 296 13.96 12.24 -42.23
N ARG D 297 13.76 12.90 -43.37
CA ARG D 297 14.67 13.95 -43.83
C ARG D 297 14.83 15.06 -42.79
N ALA D 298 13.73 15.39 -42.11
CA ALA D 298 13.74 16.39 -41.06
C ALA D 298 14.49 15.89 -39.82
N ILE D 299 14.25 14.62 -39.49
CA ILE D 299 14.86 13.97 -38.33
C ILE D 299 16.38 14.04 -38.34
N ILE D 300 16.97 13.69 -39.48
CA ILE D 300 18.43 13.63 -39.64
C ILE D 300 19.11 14.98 -39.49
N GLU D 301 18.52 16.00 -40.09
CA GLU D 301 19.15 17.31 -40.19
C GLU D 301 19.07 18.16 -38.91
N LEU D 302 17.94 18.08 -38.22
CA LEU D 302 17.70 18.91 -37.04
C LEU D 302 18.24 18.31 -35.74
N THR D 303 18.32 16.99 -35.67
CA THR D 303 18.65 16.31 -34.42
C THR D 303 20.05 15.69 -34.40
N TYR D 304 20.47 15.11 -35.52
CA TYR D 304 21.77 14.45 -35.60
C TYR D 304 22.92 15.43 -35.82
N ARG D 305 22.72 16.37 -36.74
CA ARG D 305 23.81 17.27 -37.16
C ARG D 305 24.10 18.36 -36.13
N HIS D 306 23.09 19.12 -35.76
CA HIS D 306 23.25 20.18 -34.77
C HIS D 306 22.87 19.70 -33.38
N LYS D 307 23.88 19.30 -32.61
CA LYS D 307 23.63 18.74 -31.27
C LYS D 307 23.73 19.79 -30.16
N VAL D 308 23.01 19.52 -29.08
CA VAL D 308 23.12 20.31 -27.86
C VAL D 308 23.39 19.37 -26.69
N VAL D 309 24.46 19.66 -25.95
CA VAL D 309 24.92 18.75 -24.91
C VAL D 309 25.12 19.47 -23.59
N LYS D 310 24.62 18.89 -22.52
CA LYS D 310 24.87 19.40 -21.18
C LYS D 310 25.98 18.59 -20.53
N VAL D 311 26.90 19.26 -19.86
CA VAL D 311 28.01 18.58 -19.20
C VAL D 311 28.35 19.30 -17.91
N MET D 312 28.54 18.54 -16.84
CA MET D 312 28.89 19.12 -15.56
C MET D 312 30.36 19.54 -15.55
N ARG D 313 30.68 20.54 -14.74
CA ARG D 313 32.04 21.05 -14.67
C ARG D 313 32.30 21.69 -13.31
N PRO D 314 33.42 21.31 -12.67
CA PRO D 314 33.76 21.82 -11.34
C PRO D 314 34.08 23.30 -11.35
N ALA D 315 33.57 24.03 -10.35
CA ALA D 315 33.83 25.46 -10.23
C ALA D 315 33.60 25.96 -8.80
N ALA D 316 34.01 27.20 -8.55
CA ALA D 316 33.82 27.86 -7.26
C ALA D 316 34.33 27.04 -6.07
N GLU D 317 33.50 26.95 -5.03
CA GLU D 317 33.86 26.21 -3.82
C GLU D 317 33.14 24.87 -3.78
N GLY D 318 33.66 23.90 -4.51
CA GLY D 318 33.04 22.59 -4.57
C GLY D 318 31.63 22.66 -5.13
N LYS D 319 31.43 23.55 -6.10
CA LYS D 319 30.14 23.70 -6.75
C LYS D 319 30.19 23.25 -8.20
N THR D 320 29.07 22.76 -8.71
CA THR D 320 29.03 22.19 -10.05
C THR D 320 28.05 22.95 -10.95
N VAL D 321 28.53 23.28 -12.15
CA VAL D 321 27.71 24.00 -13.12
C VAL D 321 27.53 23.18 -14.40
N GLN D 335 22.36 7.22 -29.31
CA GLN D 335 21.16 7.29 -30.14
C GLN D 335 20.43 5.95 -30.13
N VAL D 336 19.18 5.95 -30.58
CA VAL D 336 18.37 4.73 -30.59
C VAL D 336 18.82 3.78 -31.69
N VAL D 337 19.44 4.32 -32.73
CA VAL D 337 19.92 3.52 -33.85
C VAL D 337 21.45 3.56 -33.94
N THR D 338 22.10 3.84 -32.82
CA THR D 338 23.56 3.90 -32.76
C THR D 338 24.19 2.58 -33.20
N TYR D 339 23.68 1.47 -32.68
CA TYR D 339 24.18 0.15 -33.05
C TYR D 339 23.93 -0.13 -34.53
N ALA D 340 22.75 0.26 -35.01
CA ALA D 340 22.35 0.00 -36.39
C ALA D 340 23.30 0.68 -37.37
N LEU D 341 23.55 1.96 -37.15
CA LEU D 341 24.42 2.74 -38.03
C LEU D 341 25.87 2.28 -37.93
N ASN D 342 26.35 2.11 -36.70
CA ASN D 342 27.71 1.64 -36.47
C ASN D 342 27.97 0.28 -37.10
N THR D 343 26.98 -0.61 -37.03
CA THR D 343 27.07 -1.92 -37.66
C THR D 343 27.21 -1.75 -39.17
N PHE D 344 26.35 -0.91 -39.74
CA PHE D 344 26.34 -0.63 -41.17
C PHE D 344 27.69 -0.11 -41.64
N THR D 345 28.09 1.04 -41.09
CA THR D 345 29.32 1.70 -41.49
C THR D 345 30.55 0.78 -41.38
N ASN D 346 30.62 0.03 -40.29
CA ASN D 346 31.75 -0.86 -40.05
C ASN D 346 31.86 -1.93 -41.13
N ILE D 347 30.71 -2.44 -41.57
CA ILE D 347 30.67 -3.43 -42.64
C ILE D 347 31.29 -2.82 -43.89
N ALA D 348 30.82 -1.63 -44.26
CA ALA D 348 31.35 -0.90 -45.40
C ALA D 348 32.85 -0.67 -45.26
N VAL D 349 33.28 -0.32 -44.04
CA VAL D 349 34.68 -0.07 -43.74
C VAL D 349 35.56 -1.32 -43.95
N GLN D 350 35.11 -2.45 -43.42
CA GLN D 350 35.90 -3.69 -43.53
C GLN D 350 35.98 -4.17 -44.97
N LEU D 351 34.99 -3.81 -45.78
CA LEU D 351 35.00 -4.13 -47.20
C LEU D 351 36.09 -3.34 -47.92
N VAL D 352 36.19 -2.05 -47.60
CA VAL D 352 37.21 -1.18 -48.18
C VAL D 352 38.60 -1.73 -47.89
N ARG D 353 38.83 -2.15 -46.65
CA ARG D 353 40.13 -2.70 -46.27
C ARG D 353 40.38 -4.04 -46.97
N LEU D 354 39.31 -4.81 -47.15
CA LEU D 354 39.42 -6.08 -47.89
C LEU D 354 39.90 -5.84 -49.31
N MET D 355 39.33 -4.83 -49.95
CA MET D 355 39.68 -4.48 -51.33
C MET D 355 41.13 -4.02 -51.45
N GLU D 356 41.57 -3.22 -50.48
CA GLU D 356 42.95 -2.74 -50.46
C GLU D 356 43.95 -3.87 -50.28
N ALA D 357 43.57 -4.86 -49.49
CA ALA D 357 44.47 -5.97 -49.18
C ALA D 357 44.72 -6.89 -50.37
N GLU D 358 43.75 -6.95 -51.28
CA GLU D 358 43.87 -7.82 -52.44
C GLU D 358 44.43 -7.09 -53.66
N GLY D 359 44.61 -5.78 -53.54
CA GLY D 359 45.23 -5.00 -54.59
C GLY D 359 44.29 -4.26 -55.52
N VAL D 360 42.99 -4.28 -55.23
CA VAL D 360 42.02 -3.55 -56.05
C VAL D 360 42.32 -2.07 -56.02
N ILE D 361 42.65 -1.56 -54.84
CA ILE D 361 43.01 -0.16 -54.67
C ILE D 361 44.29 -0.04 -53.85
N GLY D 362 44.93 1.12 -53.92
CA GLY D 362 46.19 1.34 -53.23
C GLY D 362 46.34 2.78 -52.74
N PRO D 363 47.56 3.14 -52.31
CA PRO D 363 47.86 4.48 -51.79
C PRO D 363 47.74 5.57 -52.85
N GLN D 364 47.84 5.18 -54.12
CA GLN D 364 47.83 6.13 -55.22
C GLN D 364 46.46 6.77 -55.39
N HIS D 365 45.41 6.02 -55.04
CA HIS D 365 44.05 6.43 -55.29
C HIS D 365 43.41 7.07 -54.07
N LEU D 366 44.23 7.40 -53.07
CA LEU D 366 43.75 8.02 -51.85
C LEU D 366 43.21 9.42 -52.09
N GLU D 367 44.03 10.26 -52.70
CA GLU D 367 43.65 11.65 -52.97
C GLU D 367 42.54 11.72 -54.01
N GLN D 368 42.79 11.12 -55.17
CA GLN D 368 41.81 11.09 -56.25
C GLN D 368 41.64 9.67 -56.80
N LEU D 369 40.38 9.29 -57.03
CA LEU D 369 40.05 7.96 -57.49
C LEU D 369 39.89 7.92 -59.01
N PRO D 370 40.83 7.26 -59.70
CA PRO D 370 40.76 7.09 -61.16
C PRO D 370 39.51 6.32 -61.54
N ARG D 371 38.80 6.79 -62.55
CA ARG D 371 37.55 6.18 -63.00
C ARG D 371 37.76 4.72 -63.38
N LYS D 372 38.93 4.42 -63.95
CA LYS D 372 39.31 3.06 -64.32
C LYS D 372 39.25 2.13 -63.12
N ASN D 373 39.62 2.64 -61.95
CA ASN D 373 39.56 1.86 -60.71
C ASN D 373 38.15 1.85 -60.13
N LYS D 374 37.48 2.98 -60.23
CA LYS D 374 36.10 3.13 -59.73
C LYS D 374 35.17 2.04 -60.27
N ILE D 375 35.32 1.72 -61.55
CA ILE D 375 34.51 0.69 -62.18
C ILE D 375 34.83 -0.69 -61.64
N ALA D 376 36.12 -0.97 -61.46
CA ALA D 376 36.56 -2.25 -60.93
C ALA D 376 36.03 -2.45 -59.51
N VAL D 377 35.90 -1.36 -58.77
CA VAL D 377 35.34 -1.38 -57.43
C VAL D 377 33.88 -1.81 -57.47
N ARG D 378 33.08 -1.08 -58.24
CA ARG D 378 31.64 -1.36 -58.36
C ARG D 378 31.42 -2.76 -58.91
N THR D 379 32.30 -3.17 -59.83
CA THR D 379 32.24 -4.50 -60.42
C THR D 379 32.56 -5.55 -59.36
N TRP D 380 33.52 -5.23 -58.50
CA TRP D 380 33.93 -6.14 -57.44
C TRP D 380 32.81 -6.30 -56.41
N LEU D 381 32.16 -5.19 -56.07
CA LEU D 381 31.07 -5.20 -55.11
C LEU D 381 29.89 -6.06 -55.54
N PHE D 382 29.46 -5.89 -56.79
CA PHE D 382 28.33 -6.65 -57.30
C PHE D 382 28.62 -8.14 -57.39
N GLU D 383 29.78 -8.47 -57.94
CA GLU D 383 30.15 -9.86 -58.20
C GLU D 383 30.51 -10.63 -56.93
N ASN D 384 31.33 -10.03 -56.08
CA ASN D 384 31.89 -10.73 -54.92
C ASN D 384 31.30 -10.33 -53.58
N GLY D 385 30.59 -9.21 -53.54
CA GLY D 385 30.04 -8.67 -52.31
C GLY D 385 29.21 -9.63 -51.49
N GLU D 386 28.39 -10.44 -52.15
CA GLU D 386 27.54 -11.40 -51.47
C GLU D 386 28.33 -12.52 -50.79
N GLU D 387 29.50 -12.83 -51.33
CA GLU D 387 30.34 -13.89 -50.76
C GLU D 387 31.22 -13.33 -49.65
N ARG D 388 31.85 -12.19 -49.92
CA ARG D 388 32.77 -11.58 -48.96
C ARG D 388 32.08 -11.18 -47.66
N VAL D 389 30.84 -10.72 -47.75
CA VAL D 389 30.08 -10.32 -46.57
C VAL D 389 29.84 -11.50 -45.62
N THR D 390 29.91 -12.71 -46.15
CA THR D 390 29.71 -13.91 -45.32
C THR D 390 31.01 -14.35 -44.65
N ARG D 391 32.05 -13.52 -44.81
CA ARG D 391 33.33 -13.75 -44.15
C ARG D 391 33.50 -12.81 -42.95
N MET D 392 32.43 -12.10 -42.60
CA MET D 392 32.50 -11.11 -41.52
C MET D 392 31.61 -11.45 -40.32
N ALA D 393 31.92 -10.80 -39.20
CA ALA D 393 31.06 -10.80 -38.03
C ALA D 393 31.11 -9.38 -37.44
N ILE D 394 30.04 -8.63 -37.65
CA ILE D 394 30.02 -7.21 -37.28
C ILE D 394 28.95 -6.84 -36.25
N SER D 395 29.39 -6.44 -35.07
CA SER D 395 28.50 -5.93 -34.04
C SER D 395 29.01 -4.59 -33.55
N GLY D 396 28.52 -3.51 -34.15
CA GLY D 396 29.02 -2.19 -33.82
C GLY D 396 30.49 -2.07 -34.21
N ASP D 397 31.31 -1.62 -33.27
CA ASP D 397 32.74 -1.46 -33.53
C ASP D 397 33.50 -2.78 -33.44
N ASP D 398 32.83 -3.80 -32.90
CA ASP D 398 33.42 -5.13 -32.83
C ASP D 398 33.34 -5.78 -34.20
N CYS D 399 34.48 -6.26 -34.67
CA CYS D 399 34.59 -6.75 -36.04
C CYS D 399 35.44 -8.01 -36.14
N VAL D 400 35.01 -8.94 -36.98
CA VAL D 400 35.78 -10.13 -37.27
C VAL D 400 35.79 -10.33 -38.77
N VAL D 401 36.98 -10.48 -39.34
CA VAL D 401 37.13 -10.58 -40.78
C VAL D 401 38.12 -11.69 -41.13
N LYS D 402 37.74 -12.54 -42.09
CA LYS D 402 38.65 -13.54 -42.60
C LYS D 402 38.91 -13.31 -44.08
N PRO D 403 40.00 -12.59 -44.38
CA PRO D 403 40.36 -12.25 -45.76
C PRO D 403 40.89 -13.46 -46.51
N LEU D 404 41.08 -13.33 -47.81
CA LEU D 404 41.60 -14.42 -48.64
C LEU D 404 43.04 -14.74 -48.23
N ASP D 405 43.81 -13.70 -47.95
CA ASP D 405 45.24 -13.83 -47.69
C ASP D 405 45.71 -12.89 -46.58
N ASP D 406 46.90 -13.15 -46.06
CA ASP D 406 47.45 -12.39 -44.94
C ASP D 406 48.03 -11.03 -45.35
N ARG D 407 47.65 -10.56 -46.54
CA ARG D 407 48.00 -9.20 -46.96
C ARG D 407 47.18 -8.19 -46.17
N PHE D 408 46.09 -8.67 -45.58
CA PHE D 408 45.20 -7.86 -44.76
C PHE D 408 45.95 -7.12 -43.65
N ALA D 409 46.98 -7.78 -43.12
CA ALA D 409 47.73 -7.24 -41.99
C ALA D 409 48.41 -5.91 -42.30
N THR D 410 48.80 -5.71 -43.55
CA THR D 410 49.49 -4.48 -43.95
C THR D 410 48.57 -3.51 -44.68
N ALA D 411 47.33 -3.93 -44.94
CA ALA D 411 46.36 -3.07 -45.61
C ALA D 411 45.82 -2.03 -44.63
N LEU D 412 46.55 -0.92 -44.50
CA LEU D 412 46.24 0.05 -43.46
C LEU D 412 45.98 1.45 -43.99
N HIS D 413 46.34 1.69 -45.25
CA HIS D 413 46.32 3.03 -45.83
C HIS D 413 44.93 3.68 -45.90
N PHE D 414 43.94 2.96 -46.42
CA PHE D 414 42.59 3.50 -46.50
C PHE D 414 41.96 3.56 -45.11
N LEU D 415 42.34 2.62 -44.26
CA LEU D 415 41.82 2.54 -42.90
C LEU D 415 42.23 3.77 -42.10
N ASN D 416 43.53 4.05 -42.05
CA ASN D 416 44.05 5.22 -41.35
C ASN D 416 43.57 6.51 -42.00
N ALA D 417 43.24 6.45 -43.29
CA ALA D 417 42.74 7.61 -44.01
C ALA D 417 41.34 7.97 -43.54
N MET D 418 40.54 6.94 -43.27
CA MET D 418 39.18 7.14 -42.77
C MET D 418 39.18 7.46 -41.27
N SER D 419 40.38 7.62 -40.73
CA SER D 419 40.59 7.93 -39.32
C SER D 419 40.10 6.82 -38.37
N LYS D 420 39.95 5.62 -38.90
CA LYS D 420 39.59 4.46 -38.08
C LYS D 420 40.85 3.77 -37.57
N VAL D 421 41.66 4.51 -36.82
CA VAL D 421 42.94 4.02 -36.33
C VAL D 421 42.77 2.85 -35.37
N ARG D 422 43.55 1.79 -35.59
CA ARG D 422 43.53 0.62 -34.73
C ARG D 422 44.03 1.00 -33.34
N LYS D 423 43.49 0.37 -32.30
CA LYS D 423 43.88 0.69 -30.93
C LYS D 423 45.10 -0.12 -30.49
N ASP D 424 45.92 0.49 -29.64
CA ASP D 424 47.06 -0.19 -29.01
C ASP D 424 48.08 -0.76 -29.99
N ILE D 425 48.34 -0.04 -31.08
CA ILE D 425 49.36 -0.46 -32.03
C ILE D 425 49.95 0.73 -32.80
N GLN D 426 51.20 0.59 -33.23
CA GLN D 426 51.84 1.61 -34.04
C GLN D 426 51.04 1.80 -35.32
N GLU D 427 50.83 3.06 -35.69
CA GLU D 427 49.99 3.43 -36.83
C GLU D 427 50.18 2.54 -38.06
N TRP D 428 51.41 2.10 -38.28
CA TRP D 428 51.72 1.34 -39.48
C TRP D 428 52.28 -0.08 -39.23
N LYS D 429 52.27 -0.53 -37.98
CA LYS D 429 52.70 -1.90 -37.70
C LYS D 429 51.61 -2.87 -38.13
N PRO D 430 52.00 -3.93 -38.86
CA PRO D 430 51.06 -4.97 -39.32
C PRO D 430 50.23 -5.55 -38.18
N SER D 431 48.95 -5.76 -38.43
CA SER D 431 48.04 -6.29 -37.43
C SER D 431 48.31 -7.76 -37.15
N HIS D 432 47.88 -8.23 -35.98
CA HIS D 432 48.06 -9.62 -35.60
C HIS D 432 46.81 -10.44 -35.93
N GLY D 433 47.03 -11.63 -36.49
CA GLY D 433 45.94 -12.52 -36.83
C GLY D 433 46.01 -13.83 -36.09
N TRP D 434 44.87 -14.51 -35.96
CA TRP D 434 44.80 -15.77 -35.24
C TRP D 434 44.58 -16.94 -36.18
N HIS D 435 45.30 -18.03 -35.94
CA HIS D 435 45.10 -19.27 -36.69
C HIS D 435 44.06 -20.11 -35.97
N ASP D 436 43.89 -19.86 -34.68
CA ASP D 436 42.91 -20.57 -33.86
C ASP D 436 41.70 -19.66 -33.62
N TRP D 437 40.57 -20.03 -34.20
CA TRP D 437 39.36 -19.23 -34.09
C TRP D 437 38.85 -19.18 -32.65
N GLN D 438 39.34 -20.11 -31.84
CA GLN D 438 38.94 -20.20 -30.44
C GLN D 438 39.60 -19.11 -29.59
N GLN D 439 40.54 -18.39 -30.19
CA GLN D 439 41.23 -17.31 -29.50
C GLN D 439 40.78 -15.96 -30.03
N VAL D 440 39.90 -15.97 -31.03
CA VAL D 440 39.44 -14.74 -31.65
C VAL D 440 38.49 -14.01 -30.70
N PRO D 441 38.83 -12.76 -30.35
CA PRO D 441 37.98 -11.96 -29.47
C PRO D 441 36.89 -11.24 -30.25
N PHE D 442 35.66 -11.34 -29.79
CA PHE D 442 34.52 -10.69 -30.43
C PHE D 442 33.39 -10.54 -29.43
N CYS D 443 32.93 -9.30 -29.28
CA CYS D 443 31.91 -8.97 -28.28
C CYS D 443 32.33 -9.44 -26.90
N SER D 444 33.51 -8.98 -26.49
CA SER D 444 34.02 -9.19 -25.14
C SER D 444 34.35 -10.64 -24.78
N ASN D 445 34.11 -11.57 -25.70
CA ASN D 445 34.37 -12.98 -25.42
C ASN D 445 35.29 -13.63 -26.45
N HIS D 446 35.88 -14.76 -26.06
CA HIS D 446 36.47 -15.68 -27.02
C HIS D 446 35.61 -16.94 -26.91
N PHE D 447 35.80 -17.88 -27.82
CA PHE D 447 34.86 -18.99 -27.89
C PHE D 447 35.52 -20.36 -27.96
N GLN D 448 35.12 -21.24 -27.06
CA GLN D 448 35.73 -22.57 -26.96
C GLN D 448 34.75 -23.63 -27.42
N GLU D 449 35.25 -24.57 -28.21
CA GLU D 449 34.45 -25.73 -28.59
C GLU D 449 34.83 -26.90 -27.70
N ILE D 450 33.90 -27.36 -26.88
CA ILE D 450 34.16 -28.48 -25.98
C ILE D 450 33.25 -29.66 -26.28
N VAL D 451 33.79 -30.86 -26.09
CA VAL D 451 33.06 -32.08 -26.39
C VAL D 451 32.30 -32.53 -25.16
N MET D 452 30.99 -32.71 -25.31
CA MET D 452 30.14 -33.11 -24.19
C MET D 452 30.41 -34.54 -23.76
N LYS D 453 29.81 -34.91 -22.62
CA LYS D 453 29.96 -36.24 -22.06
C LYS D 453 29.47 -37.31 -23.02
N ASP D 454 28.35 -37.05 -23.69
CA ASP D 454 27.71 -38.03 -24.56
C ASP D 454 28.28 -38.07 -25.97
N GLY D 455 29.45 -37.48 -26.16
CA GLY D 455 30.14 -37.55 -27.44
C GLY D 455 29.93 -36.32 -28.31
N ARG D 456 28.80 -35.65 -28.14
CA ARG D 456 28.52 -34.43 -28.91
C ARG D 456 29.43 -33.29 -28.47
N SER D 457 29.44 -32.22 -29.26
CA SER D 457 30.27 -31.06 -28.95
C SER D 457 29.46 -29.77 -29.09
N ILE D 458 29.78 -28.80 -28.24
CA ILE D 458 29.12 -27.50 -28.27
C ILE D 458 30.15 -26.38 -28.35
N VAL D 459 29.72 -25.21 -28.83
CA VAL D 459 30.61 -24.05 -28.90
C VAL D 459 30.17 -22.98 -27.90
N VAL D 460 30.93 -22.85 -26.81
CA VAL D 460 30.54 -21.98 -25.71
C VAL D 460 31.36 -20.69 -25.68
N PRO D 461 30.76 -19.59 -25.16
CA PRO D 461 31.49 -18.34 -24.99
C PRO D 461 32.36 -18.38 -23.75
N CYS D 462 33.49 -17.68 -23.76
CA CYS D 462 34.38 -17.67 -22.61
C CYS D 462 34.98 -16.28 -22.42
N ARG D 463 35.21 -15.89 -21.18
CA ARG D 463 35.85 -14.61 -20.89
C ARG D 463 36.45 -14.61 -19.50
N GLY D 464 37.33 -13.65 -19.24
CA GLY D 464 38.05 -13.56 -17.98
C GLY D 464 37.12 -13.66 -16.79
N GLN D 465 37.32 -14.71 -15.98
CA GLN D 465 36.45 -15.00 -14.86
C GLN D 465 36.49 -13.91 -13.79
N ASP D 466 37.68 -13.37 -13.55
CA ASP D 466 37.87 -12.32 -12.56
C ASP D 466 36.97 -11.13 -12.86
N GLU D 467 36.91 -10.75 -14.14
CA GLU D 467 36.05 -9.66 -14.56
C GLU D 467 34.58 -9.98 -14.35
N LEU D 468 34.20 -11.24 -14.60
CA LEU D 468 32.81 -11.66 -14.46
C LEU D 468 32.33 -11.58 -13.01
N ILE D 469 33.17 -12.04 -12.09
CA ILE D 469 32.81 -12.05 -10.67
C ILE D 469 32.79 -10.63 -10.11
N GLY D 470 33.71 -9.81 -10.58
CA GLY D 470 33.76 -8.42 -10.16
C GLY D 470 32.47 -7.68 -10.46
N ARG D 471 31.95 -7.87 -11.67
CA ARG D 471 30.73 -7.20 -12.08
C ARG D 471 29.51 -7.74 -11.35
N ALA D 472 29.60 -8.98 -10.88
CA ALA D 472 28.51 -9.58 -10.12
C ALA D 472 28.48 -8.99 -8.71
N ARG D 473 29.65 -8.62 -8.21
CA ARG D 473 29.79 -8.04 -6.89
C ARG D 473 29.26 -6.60 -6.82
N ILE D 474 29.08 -5.99 -7.98
CA ILE D 474 28.68 -4.59 -8.04
C ILE D 474 27.17 -4.43 -8.21
N SER D 475 26.53 -3.76 -7.25
CA SER D 475 25.11 -3.49 -7.30
C SER D 475 24.90 -1.98 -7.43
N PRO D 476 24.09 -1.57 -8.43
CA PRO D 476 23.87 -0.14 -8.67
C PRO D 476 22.97 0.47 -7.59
N GLY D 477 22.13 -0.38 -7.00
CA GLY D 477 21.18 0.07 -5.98
C GLY D 477 21.84 0.54 -4.71
N ALA D 478 21.02 0.92 -3.73
CA ALA D 478 21.51 1.41 -2.45
C ALA D 478 20.90 0.63 -1.29
N ASN D 481 18.86 -2.55 -0.36
CA ASN D 481 17.77 -3.52 -0.37
C ASN D 481 18.28 -4.93 -0.61
N VAL D 482 18.15 -5.79 0.40
CA VAL D 482 18.62 -7.16 0.30
C VAL D 482 17.88 -7.92 -0.78
N LYS D 483 16.55 -7.83 -0.81
CA LYS D 483 15.76 -8.53 -1.80
C LYS D 483 16.10 -8.10 -3.22
N ASP D 484 16.25 -6.80 -3.42
CA ASP D 484 16.63 -6.28 -4.72
C ASP D 484 18.03 -6.77 -5.11
N THR D 485 18.88 -6.89 -4.09
CA THR D 485 20.25 -7.38 -4.27
C THR D 485 20.30 -8.89 -4.50
N ALA D 486 19.60 -9.63 -3.64
CA ALA D 486 19.60 -11.08 -3.70
C ALA D 486 19.01 -11.57 -5.02
N CYS D 487 18.07 -10.80 -5.57
CA CYS D 487 17.51 -11.12 -6.86
C CYS D 487 18.54 -10.82 -7.96
N LEU D 488 19.27 -9.73 -7.79
CA LEU D 488 20.32 -9.35 -8.73
C LEU D 488 21.44 -10.38 -8.66
N ALA D 489 21.67 -10.93 -7.47
CA ALA D 489 22.66 -11.98 -7.32
C ALA D 489 22.19 -13.22 -8.05
N LYS D 490 20.89 -13.51 -7.93
CA LYS D 490 20.28 -14.65 -8.61
C LYS D 490 20.30 -14.41 -10.11
N ALA D 491 20.33 -13.14 -10.50
CA ALA D 491 20.40 -12.77 -11.91
C ALA D 491 21.72 -13.23 -12.52
N TYR D 492 22.82 -12.75 -11.96
CA TYR D 492 24.15 -13.10 -12.44
C TYR D 492 24.38 -14.60 -12.37
N ALA D 493 24.02 -15.20 -11.25
CA ALA D 493 24.23 -16.62 -11.03
C ALA D 493 23.59 -17.46 -12.13
N GLN D 494 22.32 -17.18 -12.41
CA GLN D 494 21.59 -17.94 -13.41
C GLN D 494 22.08 -17.66 -14.83
N MET D 495 22.68 -16.49 -15.02
CA MET D 495 23.28 -16.19 -16.32
C MET D 495 24.46 -17.10 -16.54
N TRP D 496 25.28 -17.24 -15.50
CA TRP D 496 26.47 -18.09 -15.56
C TRP D 496 26.09 -19.53 -15.86
N LEU D 497 24.95 -19.98 -15.35
CA LEU D 497 24.51 -21.36 -15.56
C LEU D 497 24.15 -21.58 -17.02
N LEU D 498 23.69 -20.52 -17.68
CA LEU D 498 23.26 -20.63 -19.06
C LEU D 498 24.44 -20.44 -20.02
N LEU D 499 25.33 -19.52 -19.72
CA LEU D 499 26.43 -19.20 -20.63
C LEU D 499 27.79 -19.75 -20.18
N TYR D 500 28.12 -19.60 -18.90
CA TYR D 500 29.45 -19.96 -18.43
C TYR D 500 29.42 -21.15 -17.47
N PHE D 501 28.48 -22.05 -17.74
CA PHE D 501 28.34 -23.32 -17.01
C PHE D 501 29.61 -24.15 -17.12
N HIS D 502 30.34 -23.96 -18.21
CA HIS D 502 31.52 -24.76 -18.51
C HIS D 502 32.73 -24.31 -17.70
N ARG D 503 32.54 -23.30 -16.87
CA ARG D 503 33.61 -22.79 -16.01
C ARG D 503 33.40 -23.30 -14.59
N ARG D 504 34.36 -24.08 -14.10
CA ARG D 504 34.22 -24.79 -12.82
C ARG D 504 33.77 -23.93 -11.64
N ASP D 505 34.40 -22.78 -11.47
CA ASP D 505 34.10 -21.92 -10.34
C ASP D 505 32.71 -21.27 -10.42
N LEU D 506 32.39 -20.76 -11.60
CA LEU D 506 31.17 -19.96 -11.77
C LEU D 506 29.93 -20.82 -11.59
N ARG D 507 30.03 -22.07 -12.01
CA ARG D 507 28.93 -23.02 -11.87
C ARG D 507 28.74 -23.39 -10.42
N LEU D 508 29.86 -23.58 -9.70
CA LEU D 508 29.80 -23.89 -8.28
C LEU D 508 29.25 -22.70 -7.52
N MET D 509 29.62 -21.50 -7.94
CA MET D 509 29.18 -20.28 -7.27
C MET D 509 27.73 -19.97 -7.60
N ALA D 510 27.32 -20.23 -8.83
CA ALA D 510 25.95 -19.96 -9.24
C ALA D 510 24.98 -20.86 -8.49
N ASN D 511 25.30 -22.15 -8.46
CA ASN D 511 24.51 -23.11 -7.69
C ASN D 511 24.53 -22.76 -6.22
N ALA D 512 25.64 -22.22 -5.74
CA ALA D 512 25.74 -21.78 -4.35
C ALA D 512 24.87 -20.56 -4.11
N ILE D 513 24.86 -19.63 -5.05
CA ILE D 513 24.06 -18.41 -4.94
C ILE D 513 22.59 -18.74 -5.01
N CYS D 514 22.20 -19.53 -6.00
CA CYS D 514 20.80 -19.93 -6.15
C CYS D 514 20.31 -20.73 -4.96
N SER D 515 21.19 -21.53 -4.38
CA SER D 515 20.83 -22.33 -3.22
C SER D 515 20.63 -21.45 -1.98
N ALA D 516 21.19 -20.25 -2.02
CA ALA D 516 21.08 -19.34 -0.87
C ALA D 516 20.08 -18.22 -1.11
N VAL D 517 19.42 -18.24 -2.27
CA VAL D 517 18.42 -17.25 -2.60
C VAL D 517 17.07 -17.91 -2.81
N PRO D 518 16.02 -17.40 -2.14
CA PRO D 518 14.63 -17.89 -2.20
C PRO D 518 14.22 -18.31 -3.61
N VAL D 519 13.81 -19.58 -3.74
CA VAL D 519 13.54 -20.19 -5.03
C VAL D 519 12.40 -19.50 -5.80
N ASP D 520 11.48 -18.86 -5.07
CA ASP D 520 10.33 -18.23 -5.71
C ASP D 520 10.57 -16.77 -6.09
N TRP D 521 11.77 -16.28 -5.81
CA TRP D 521 12.11 -14.89 -6.13
C TRP D 521 12.50 -14.71 -7.59
N VAL D 522 11.94 -13.69 -8.23
CA VAL D 522 12.19 -13.46 -9.63
C VAL D 522 13.37 -12.52 -9.81
N PRO D 523 14.39 -12.97 -10.56
CA PRO D 523 15.59 -12.19 -10.87
C PRO D 523 15.27 -10.82 -11.46
N THR D 524 16.06 -9.82 -11.09
CA THR D 524 15.83 -8.46 -11.55
C THR D 524 17.13 -7.79 -11.98
N GLY D 525 17.03 -6.59 -12.53
CA GLY D 525 18.21 -5.83 -12.90
C GLY D 525 18.82 -6.29 -14.21
N ARG D 526 19.97 -5.71 -14.55
CA ARG D 526 20.69 -6.06 -15.78
C ARG D 526 22.05 -6.64 -15.44
N THR D 527 22.47 -7.64 -16.19
CA THR D 527 23.71 -8.35 -15.91
C THR D 527 24.83 -7.99 -16.88
N SER D 528 24.45 -7.44 -18.02
CA SER D 528 25.42 -7.08 -19.05
C SER D 528 24.90 -5.95 -19.94
N TRP D 529 25.82 -5.24 -20.59
CA TRP D 529 25.44 -4.15 -21.48
C TRP D 529 25.50 -4.58 -22.94
N SER D 530 26.08 -5.77 -23.16
CA SER D 530 26.19 -6.32 -24.51
C SER D 530 24.82 -6.57 -25.11
N ILE D 531 24.63 -6.13 -26.35
CA ILE D 531 23.34 -6.28 -27.03
C ILE D 531 23.04 -7.74 -27.35
N HIS D 532 24.05 -8.60 -27.23
CA HIS D 532 23.87 -10.01 -27.52
C HIS D 532 23.46 -10.80 -26.27
N SER D 533 23.27 -10.07 -25.18
CA SER D 533 22.80 -10.67 -23.94
C SER D 533 21.27 -10.56 -23.90
N LYS D 534 20.59 -11.64 -24.25
CA LYS D 534 19.14 -11.62 -24.40
C LYS D 534 18.41 -11.62 -23.06
N GLY D 535 18.93 -12.38 -22.10
CA GLY D 535 18.33 -12.44 -20.78
C GLY D 535 17.40 -13.61 -20.61
N GLU D 536 17.78 -14.75 -21.18
CA GLU D 536 16.99 -15.97 -21.07
C GLU D 536 16.96 -16.51 -19.63
N TRP D 537 17.83 -15.96 -18.80
CA TRP D 537 17.98 -16.42 -17.41
C TRP D 537 17.10 -15.67 -16.43
N MET D 538 16.47 -14.59 -16.90
CA MET D 538 15.61 -13.78 -16.05
C MET D 538 14.26 -14.48 -15.81
N THR D 539 14.33 -15.66 -15.19
CA THR D 539 13.13 -16.47 -14.97
C THR D 539 13.22 -17.28 -13.69
N THR D 540 12.15 -17.99 -13.37
CA THR D 540 12.12 -18.86 -12.20
C THR D 540 12.20 -20.28 -12.69
N GLU D 541 12.17 -20.43 -14.01
CA GLU D 541 12.25 -21.73 -14.67
C GLU D 541 13.58 -22.40 -14.35
N ASP D 542 13.59 -23.73 -14.35
CA ASP D 542 14.82 -24.47 -14.11
C ASP D 542 15.80 -24.22 -15.26
N MET D 543 16.96 -23.69 -14.92
CA MET D 543 17.91 -23.27 -15.95
C MET D 543 18.41 -24.42 -16.81
N LEU D 544 18.30 -25.65 -16.29
CA LEU D 544 18.66 -26.81 -17.09
C LEU D 544 17.72 -26.95 -18.28
N GLN D 545 16.46 -26.58 -18.06
CA GLN D 545 15.46 -26.59 -19.13
C GLN D 545 15.79 -25.49 -20.14
N VAL D 546 16.15 -24.31 -19.61
CA VAL D 546 16.47 -23.16 -20.46
C VAL D 546 17.79 -23.41 -21.18
N TRP D 547 18.74 -24.01 -20.49
CA TRP D 547 20.00 -24.42 -21.09
C TRP D 547 19.68 -25.38 -22.24
N ASN D 548 18.88 -26.38 -21.93
CA ASN D 548 18.47 -27.38 -22.91
C ASN D 548 17.73 -26.75 -24.08
N ARG D 549 16.96 -25.71 -23.80
CA ARG D 549 16.22 -25.00 -24.85
C ARG D 549 17.17 -24.22 -25.75
N VAL D 550 18.15 -23.56 -25.15
CA VAL D 550 19.06 -22.70 -25.88
C VAL D 550 20.17 -23.49 -26.58
N TRP D 551 20.73 -24.47 -25.88
CA TRP D 551 21.88 -25.21 -26.40
C TRP D 551 21.55 -26.50 -27.16
N ILE D 552 20.31 -26.95 -27.07
CA ILE D 552 19.91 -28.16 -27.78
C ILE D 552 18.75 -27.89 -28.74
N GLU D 553 17.59 -27.56 -28.18
CA GLU D 553 16.37 -27.39 -28.97
C GLU D 553 16.49 -26.28 -30.03
N GLU D 554 16.77 -25.07 -29.58
CA GLU D 554 16.79 -23.92 -30.49
C GLU D 554 18.16 -23.67 -31.12
N ASN D 555 19.14 -24.48 -30.77
CA ASN D 555 20.49 -24.31 -31.30
C ASN D 555 20.61 -24.97 -32.68
N GLU D 556 20.57 -24.15 -33.72
CA GLU D 556 20.51 -24.66 -35.10
C GLU D 556 21.79 -25.35 -35.56
N TRP D 557 22.81 -25.35 -34.72
CA TRP D 557 24.05 -26.06 -35.03
C TRP D 557 24.10 -27.39 -34.30
N MET D 558 23.01 -27.71 -33.61
CA MET D 558 22.92 -28.99 -32.92
C MET D 558 22.01 -29.91 -33.71
N MET D 559 22.61 -30.83 -34.48
CA MET D 559 21.84 -31.73 -35.33
C MET D 559 21.10 -32.74 -34.45
N ASP D 560 21.84 -33.41 -33.58
CA ASP D 560 21.26 -34.37 -32.64
C ASP D 560 20.58 -33.62 -31.50
N LYS D 561 19.26 -33.50 -31.58
CA LYS D 561 18.50 -32.71 -30.61
C LYS D 561 18.24 -33.49 -29.32
N THR D 562 19.05 -34.51 -29.06
CA THR D 562 18.88 -35.33 -27.87
C THR D 562 19.07 -34.52 -26.59
N PRO D 563 17.99 -34.37 -25.80
CA PRO D 563 18.01 -33.56 -24.58
C PRO D 563 19.07 -34.03 -23.58
N ILE D 564 19.54 -33.11 -22.74
CA ILE D 564 20.47 -33.46 -21.67
C ILE D 564 19.69 -33.77 -20.39
N ALA D 565 20.02 -34.89 -19.75
CA ALA D 565 19.26 -35.37 -18.61
C ALA D 565 19.51 -34.56 -17.34
N SER D 566 20.78 -34.30 -17.06
CA SER D 566 21.15 -33.57 -15.85
C SER D 566 22.43 -32.77 -16.04
N TRP D 567 22.69 -31.86 -15.11
CA TRP D 567 23.88 -31.01 -15.15
C TRP D 567 25.16 -31.84 -15.21
N THR D 568 25.12 -33.05 -14.65
CA THR D 568 26.29 -33.93 -14.62
C THR D 568 26.69 -34.42 -16.01
N ASP D 569 25.87 -34.07 -17.01
CA ASP D 569 26.17 -34.40 -18.40
C ASP D 569 26.64 -33.15 -19.14
N VAL D 570 26.51 -32.00 -18.49
CA VAL D 570 26.92 -30.74 -19.08
C VAL D 570 28.42 -30.52 -18.85
N PRO D 571 29.18 -30.39 -19.94
CA PRO D 571 30.64 -30.43 -19.92
C PRO D 571 31.28 -29.16 -19.38
N TYR D 572 32.51 -29.29 -18.90
CA TYR D 572 33.32 -28.13 -18.53
C TYR D 572 34.42 -28.03 -19.58
N VAL D 573 35.13 -26.91 -19.60
CA VAL D 573 36.33 -26.82 -20.42
C VAL D 573 37.42 -27.63 -19.73
N GLY D 574 38.57 -27.77 -20.37
CA GLY D 574 39.67 -28.48 -19.76
C GLY D 574 40.18 -27.66 -18.58
N LYS D 575 40.71 -28.34 -17.56
CA LYS D 575 41.24 -27.66 -16.38
C LYS D 575 42.29 -26.64 -16.77
N ARG D 576 43.22 -27.09 -17.61
CA ARG D 576 44.30 -26.25 -18.10
C ARG D 576 43.74 -24.99 -18.77
N GLU D 577 42.72 -25.16 -19.60
CA GLU D 577 42.08 -24.04 -20.26
C GLU D 577 41.32 -23.17 -19.27
N ASP D 578 40.73 -23.80 -18.26
CA ASP D 578 39.95 -23.11 -17.24
C ASP D 578 40.84 -22.17 -16.43
N ILE D 579 41.99 -22.69 -15.99
CA ILE D 579 42.93 -21.92 -15.18
C ILE D 579 43.50 -20.74 -15.96
N TRP D 580 43.77 -20.97 -17.23
CA TRP D 580 44.28 -19.94 -18.13
C TRP D 580 43.30 -18.78 -18.17
N CYS D 581 42.02 -19.13 -18.24
CA CYS D 581 40.96 -18.14 -18.32
C CYS D 581 40.47 -17.70 -16.93
N GLY D 582 41.30 -17.91 -15.92
CA GLY D 582 41.09 -17.27 -14.63
C GLY D 582 40.55 -18.08 -13.46
N SER D 583 40.45 -19.40 -13.62
CA SER D 583 39.89 -20.22 -12.55
C SER D 583 40.84 -20.33 -11.35
N LEU D 584 40.28 -20.62 -10.18
CA LEU D 584 41.09 -20.71 -8.96
C LEU D 584 41.23 -22.14 -8.46
N ILE D 585 40.83 -23.11 -9.28
CA ILE D 585 40.90 -24.51 -8.89
C ILE D 585 42.34 -24.91 -8.57
N GLY D 586 42.51 -25.89 -7.70
CA GLY D 586 43.84 -26.35 -7.34
C GLY D 586 44.58 -25.39 -6.42
N THR D 587 43.86 -24.43 -5.85
CA THR D 587 44.45 -23.50 -4.90
C THR D 587 43.97 -23.77 -3.48
N ARG D 588 44.75 -23.33 -2.50
CA ARG D 588 44.42 -23.53 -1.09
C ARG D 588 43.14 -22.79 -0.74
N SER D 589 43.05 -21.54 -1.16
CA SER D 589 41.93 -20.68 -0.82
C SER D 589 40.59 -21.13 -1.41
N ARG D 590 40.60 -21.66 -2.62
CA ARG D 590 39.36 -22.09 -3.27
C ARG D 590 38.87 -23.42 -2.72
N ALA D 591 39.80 -24.30 -2.42
CA ALA D 591 39.46 -25.63 -1.92
C ALA D 591 38.68 -25.51 -0.62
N THR D 592 39.16 -24.62 0.25
CA THR D 592 38.50 -24.36 1.52
C THR D 592 37.08 -23.86 1.28
N TRP D 593 36.95 -22.96 0.31
CA TRP D 593 35.66 -22.37 -0.04
C TRP D 593 34.69 -23.41 -0.56
N ALA D 594 35.22 -24.37 -1.32
CA ALA D 594 34.38 -25.38 -1.95
C ALA D 594 33.86 -26.42 -0.97
N GLU D 595 34.68 -26.78 0.01
CA GLU D 595 34.27 -27.80 0.97
C GLU D 595 33.51 -27.21 2.15
N ASN D 596 33.58 -25.89 2.30
CA ASN D 596 32.80 -25.20 3.30
C ASN D 596 31.75 -24.30 2.65
N ILE D 597 31.34 -24.66 1.44
CA ILE D 597 30.38 -23.86 0.70
C ILE D 597 29.00 -23.82 1.37
N TYR D 598 28.61 -24.92 2.01
CA TYR D 598 27.29 -24.99 2.63
C TYR D 598 27.16 -24.02 3.78
N ALA D 599 28.23 -23.83 4.55
CA ALA D 599 28.22 -22.89 5.66
C ALA D 599 27.97 -21.49 5.12
N ALA D 600 28.58 -21.19 3.98
CA ALA D 600 28.42 -19.89 3.35
C ALA D 600 26.99 -19.71 2.87
N ILE D 601 26.44 -20.77 2.29
CA ILE D 601 25.06 -20.76 1.83
C ILE D 601 24.13 -20.51 3.02
N ASN D 602 24.34 -21.26 4.09
CA ASN D 602 23.52 -21.15 5.29
C ASN D 602 23.59 -19.78 5.93
N GLN D 603 24.71 -19.09 5.76
CA GLN D 603 24.89 -17.75 6.32
C GLN D 603 24.02 -16.74 5.58
N VAL D 604 24.02 -16.81 4.25
CA VAL D 604 23.21 -15.92 3.44
C VAL D 604 21.72 -16.16 3.68
N ARG D 605 21.35 -17.43 3.83
CA ARG D 605 19.97 -17.78 4.15
C ARG D 605 19.54 -17.13 5.46
N ALA D 606 20.44 -17.16 6.45
CA ALA D 606 20.14 -16.59 7.76
C ALA D 606 19.99 -15.07 7.68
N VAL D 607 20.66 -14.48 6.69
CA VAL D 607 20.58 -13.04 6.49
C VAL D 607 19.28 -12.65 5.81
N ILE D 608 18.94 -13.35 4.73
CA ILE D 608 17.72 -13.08 3.99
C ILE D 608 16.49 -13.37 4.84
N GLY D 609 16.50 -14.51 5.52
CA GLY D 609 15.42 -14.85 6.43
C GLY D 609 14.73 -16.15 6.07
N LYS D 610 13.62 -16.44 6.75
CA LYS D 610 12.88 -17.66 6.51
C LYS D 610 12.12 -17.62 5.19
N GLU D 611 12.62 -18.39 4.22
CA GLU D 611 11.97 -18.53 2.92
C GLU D 611 12.18 -19.95 2.41
N ASN D 612 11.68 -20.22 1.20
CA ASN D 612 11.85 -21.53 0.61
C ASN D 612 13.15 -21.65 -0.18
N TYR D 613 14.09 -22.44 0.33
CA TYR D 613 15.37 -22.62 -0.32
C TYR D 613 15.48 -24.03 -0.88
N VAL D 614 16.36 -24.22 -1.85
CA VAL D 614 16.56 -25.53 -2.47
C VAL D 614 18.05 -25.81 -2.56
N ASP D 615 18.45 -27.05 -2.27
CA ASP D 615 19.86 -27.43 -2.32
C ASP D 615 20.24 -27.87 -3.73
N TYR D 616 20.92 -26.98 -4.46
CA TYR D 616 21.33 -27.26 -5.82
C TYR D 616 22.75 -27.84 -5.87
N MET D 617 23.39 -27.93 -4.71
CA MET D 617 24.81 -28.27 -4.63
C MET D 617 25.14 -29.72 -4.96
N THR D 618 24.14 -30.51 -5.30
CA THR D 618 24.37 -31.89 -5.71
C THR D 618 24.79 -31.97 -7.18
#